data_8HMB
#
_entry.id   8HMB
#
_cell.length_a   1.00
_cell.length_b   1.00
_cell.length_c   1.00
_cell.angle_alpha   90.00
_cell.angle_beta   90.00
_cell.angle_gamma   90.00
#
_symmetry.space_group_name_H-M   'P 1'
#
loop_
_entity.id
_entity.type
_entity.pdbx_description
1 polymer 'Isoform 2c of Voltage-dependent L-type calcium channel subunit beta-2'
2 polymer 'Voltage-dependent L-type calcium channel subunit alpha'
3 polymer 'Voltage-dependent calcium channel subunit alpha-2/delta-1'
4 non-polymer HEXADECANE
5 non-polymer 1,2-Distearoyl-sn-glycerophosphoethanolamine
6 non-polymer '(3R)-1-benzylpiperidin-3-yl methyl (2R,3R,4R,5R,6S)-2,6-dimethyl-4-(3-nitrophenyl)piperidine-3,5-dicarboxylate'
7 non-polymer 'CALCIUM ION'
8 non-polymer 2-acetamido-2-deoxy-beta-D-glucopyranose
#
loop_
_entity_poly.entity_id
_entity_poly.type
_entity_poly.pdbx_seq_one_letter_code
_entity_poly.pdbx_strand_id
1 'polypeptide(L)'
;MNQGSGLDLLKISYGKGARRKNRFKGSDGSTSSDTTSNSFVRQGSADSYTSRPSDSDVSLEEDREAVRREAERQAQAQLE
KAKTKPVAFAVRTNVSYSAAHEDDVPVPGMAISFEAKDFLHVKEKFNNDWWIGRLVKEGCEIGFIPSPVKLENMRLQHEQ
RAKQGKFYSSKSGGNSSSSLGDIVPSSRKSTPPSSAIDIDATGLDAEENDIPANHRSPKPSANSVTSPHSKEKRMPFFKK
TEHTPPYDVVPSMRPVVLVGPSLKGYEVTDMMQKALFDFLKHRFEGRISITRVTADISLAKRSVLNNPSKHAIIERSNTR
SSLAEVQSEIERIFELARTLQLVVLDADTINHPAQLSKTSLAPIIVYVKISSPKVLQRLIKSRGKSQAKHLNVQMVAADK
LAQCPPELFDVILDENQLEDACEHLADYLEAYWKATHPPSSSLPNPLLSRTLATSSLPLSPTLASNSQGSQGDQRTDRSA
PIRSASQAEEEPSVEPVKKSQHRSSSSAPHHNHRSGTSRGLSRQETFDSETQESRDSAYVEPKEDYSHDHVDHYASHRDH
NHRDETHGSSDHRHRESRHRSRDVDREQDHNECNKQRSRHKSKDRYCEKDGEVISKKRNEAGEWNRDVYIRQ
;
C
2 'polypeptide(L)'
;MVNENTRMYIPEENHQGSNYGSPRPAHANMNANAAAGLAPEHIPTPGAALSWQAAIDAARQAKLMGSAGNATISTVSSTQ
RKRQQYGKPKKQGSTTATRPPRALLCLTLKNPIRRACISIVEWKPFEIIILLTIFANCVALAIYIPFPEDDSNATNSNLE
RVEYLFLIIFTVEAFLKVIAYGLLFHPNAYLRNGWNLLDFIIVVVGLFSAILEQATKADGANALGGKGAGFDVKALRAFR
VLRPLRLVSGVPSLQVVLNSIIKAMVPLLHIALLVLFVIIIYAIIGLELFMGKMHKTCYNQEGIADVPAEDDPSPCALET
GHGRQCQNGTVCKPGWDGPKHGITNFDNFAFAMLTVFQCITMEGWTDVLYWVNDAVGRDWPWIYFVTLIIIGSFFVLNLV
LGVLSGEFSKEREKAKARGDFQKLREKQQLEEDLKGYLDWITQAEDIDPENEDEGMDEEKPRNMSMPTSETESVNTENVA
GGDIEGENCGARLAHRISKSKFSRYWRRWNRFCRRKCRAAVKSNVFYWLVIFLVFLNTLTIASEHYNQPNWLTEVQDTAN
KALLALFTAEMLLKMYSLGLQAYFVSLFNRFDCFVVCGGILETILVETKIMSPLGISVLRCVRLLRIFKITRYWNSLSNL
VASLLNSVRSIASLLLLLFLFIIIFSLLGMQLFGGKFNFDEMQTRRSTFDNFPQSLLTVFQILTGEDWNSVMYDGIMAYG
GPSFPGMLVCIYFIILFICGNYILLNVFLAIAVDNLADAESLTSAQKEEEEEKERKKLARTASPEKKQELVEKPAVGESK
EEKIELKSITADGESPPATKINMDDLQPNENEDKSPYPNPETTGEEDEEEPEMPVGPRPRPLSELHLKEKAVPMPEASAF
FIFSSNNRFRLQCHRIVNDTIFTNLILFFILLSSISLAAEDPVQHTSFRNHILFYFDIVFTTIFTLEIILKMTAYGAFLH
KGSFCRNYFNILDLLVVSVSLISFGIQSSAINVVKILRVLRVLRPLRAINRAKGLKHVVQCVFVAIRTIGNIVIVTTLLQ
FMFACIGVQLFKGKLYTCSDSSKQTEAECKGNYITYKDGEVDHPIIQPRSWENSKFDFDNVLAAMMALFTVSTFEGWPEL
LYRSIDSHTEDKGPIYNYRVEISIFFIIYIIIIAFFMMNIFVGFVIVTFQEQGEQEYKNCELDKNQRQCVEYALKARPLR
RYIPKNQHQYKVWYVVNSTYFEYLMFVLILLNTICLAMQHYGQSCLFKIAMNILNMLFTGLFTVEMILKLIAFKPKGYFS
DPWNVFDFLIVIGSIIDVILSEVNPAEHTQCSPSMNAEENSRISITFFRLFRVMRLVKLLSRGEGIRTLLWTFIKSFQAL
PYVALLIVMLFFIYAVIGMQVFGKIALNDTTEINRNNNFQTFPQAVLLLFRCATGEAWQDIMLACMPGKKCAPESEPSNS
TEGETPCGSSFAVFYFISFYMLCAFLIINLFVAVIMDNFDYLTRDWSILGPHHLDEFKRIWAEYDPEAKGRIKHLDVVTL
LRRIQPPLGFGKLCPHRVACKRLVSMNMPLNSDGTVMFNATLFALVRTALRIKTEGNLEQANEELRAIIKKIWKRTSMKL
LDQVVPPAGDDEVTVGKFYATFLIQEYFRKFKKRKEQGLVGKPSQRNALSLQAGLRTLHDIGPEIRRAISGDLTAEEELD
KAMKEAVSAASEDDIFRRAGGLFGNHVSYYQSDGRSAFPQTFTTQRPLHINKAGSSQGDTESPSHEKLVDSTFTPSSYSS
TGSNANINNANNTALGRLPRPAGYPSTVSTVEGHGPPLSPAIRVQEVAWKLSSNRERHVPMCEDLELRRDSGSAGTQAHC
LLLRRANPSRCHSRESQAAMAGQEETSQDETYEVKMNHDTEACSEPSLLSTEMLSYQDDENRQLTLPEEDKRDIRQSPKR
GFLRSASLGRRASFHLECLKRQKDRGGDISQKTVLPLHLVHHQALAVAGLSPLLQRSHSPASFPRPFATPPATPGSRGWP
PQPVPTLRLEGVESSEKLNSSFPSIHCGSWAETTPGGGGSSAARRVRPVSLMVPSQAGAPGRQFHGSASSLVEAVLISEG
LGQFAQDPKFIEVTTQELADACDMTIEEMESAADNILSGGAPQSPNGALLPFVNCRDAGQDRAGGEEDAGCVRARGRPSE
EELQDSRVYVSSL
;
D
3 'polypeptide(L)'
;MAAGCLLALTLTLFQSLLIGPSSEEPFPSAVTIKSWVDKMQEDLVTLAKTASGVNQLVDIYEKYQDLYTVEPNNARQLVE
IAARDIEKLLSNRSKALVRLALEAEKVQAAHQWREDFASNEVVYYNAKDDLDPEKNDSEPGSQRIKPVFIEDANFGRQIS
YQHAAVHIPTDIYEGSTIVLNELNWTSALDEVFKKNREEDPSLLWQVFGSATGLARYYPASPWVDNSRTPNKIDLYDVRR
RPWYIQGAASPKDMLILVDVSGSVSGLTLKLIRTSVSEMLETLSDDDFVNVASFNSNAQDVSCFQHLVQANVRNKKVLKD
AVNNITAKGITDYKKGFSFAFEQLLNYNVSRANCNKIIMLFTDGGEERAQEIFNKYNKDKKVRVFTFSVGQHNYDRGPIQ
WMACENKGYYYEIPSIGAIRINTQEYLDVLGRPMVLAGDKAKQVQWTNVYLDALELGLVITGTLPVFNITGQFENKTNLK
NQLILGVMGVDVSLEDIKRLTPRFTLCPNGYYFAIDPNGYVLLHPNLQPKPIGVGIPTINLRKRRPNIQNPKSQEPVTLD
FLDAELENDIKVEIRNKMIDGESGEKTFRTLVKSQDERYIDKGNRTYTWTPVNGTDYSLALVLPTYSFYYIKAKLEETIT
QARYSETLKPDNFEESGYTFIAPRDYCNDLKISDNNTEFLLNFNEFIDRKTPNNPSCNADLINRVLLDAGFTNELVQNYW
SKQKNIKGVKARFVVTDGGITRVYPKEAGENWQENPETYEDSFYKRSLDNDNYVFTAPYFNKSGPGAYESGIMVSKAVEI
YIQGKLLKPAVVGIKIDVNSWIENFTKTSIRDPCAGPVCDCKRNSDVMDCVILDDGGFLLMANHDDYTNQIGRFFGEIDP
SLMRHLVNISVYAFNKSYDYQSVCEPGAAPKQGAGHRSAYVPSVADILQIGWWATAAAWSILQQFLLSLTFPRLLEAVEM
EDDDFTASLSKQSCITEQTQYFFDNDSKSFSGVLDCGNCSRIFHGEKLMNTNLIFIMVESKGTCPCDTRLLIQAEQTSDG
PNPCDMVKQPRYRKGPDVCFDNNVLEDYTDC
;
E
#
# COMPACT_ATOMS: atom_id res chain seq x y z
N ASP A 248 11.13 85.89 47.16
CA ASP A 248 10.40 87.12 46.92
C ASP A 248 8.94 86.97 47.31
N VAL A 249 8.05 87.58 46.53
CA VAL A 249 6.62 87.52 46.77
C VAL A 249 5.94 87.03 45.49
N VAL A 250 4.98 86.13 45.64
CA VAL A 250 4.25 85.63 44.47
C VAL A 250 3.44 86.77 43.86
N PRO A 251 3.46 86.94 42.54
CA PRO A 251 2.60 87.96 41.93
C PRO A 251 1.14 87.52 41.87
N SER A 252 0.60 87.11 43.02
CA SER A 252 -0.77 86.64 43.22
C SER A 252 -1.06 85.34 42.49
N MET A 253 -0.11 84.82 41.71
CA MET A 253 -0.27 83.59 40.93
C MET A 253 1.08 83.29 40.29
N ARG A 254 1.26 82.02 39.92
CA ARG A 254 2.49 81.60 39.27
C ARG A 254 2.27 81.58 37.77
N PRO A 255 2.98 82.40 36.99
CA PRO A 255 2.82 82.34 35.54
C PRO A 255 3.21 80.98 35.00
N VAL A 256 2.41 80.47 34.05
CA VAL A 256 2.58 79.14 33.51
C VAL A 256 3.04 79.26 32.06
N VAL A 257 4.24 78.78 31.79
CA VAL A 257 4.75 78.64 30.43
C VAL A 257 5.25 77.21 30.29
N LEU A 258 5.22 76.68 29.08
CA LEU A 258 5.56 75.30 28.81
C LEU A 258 6.78 75.27 27.89
N VAL A 259 7.86 74.67 28.36
CA VAL A 259 9.11 74.71 27.61
C VAL A 259 9.02 73.85 26.36
N GLY A 260 8.40 72.67 26.46
CA GLY A 260 8.27 71.78 25.34
C GLY A 260 9.55 71.04 25.05
N PRO A 261 9.48 70.07 24.14
CA PRO A 261 10.69 69.31 23.79
C PRO A 261 11.72 70.10 23.01
N SER A 262 11.34 71.18 22.34
CA SER A 262 12.26 71.92 21.48
C SER A 262 11.64 73.27 21.15
N LEU A 263 12.26 73.97 20.20
CA LEU A 263 11.85 75.33 19.86
C LEU A 263 10.40 75.37 19.39
N LYS A 264 9.68 76.40 19.84
CA LYS A 264 8.28 76.57 19.47
C LYS A 264 8.10 77.05 18.04
N GLY A 265 9.18 77.40 17.35
CA GLY A 265 9.07 77.87 15.98
C GLY A 265 8.86 76.79 14.94
N TYR A 266 8.79 75.53 15.36
CA TYR A 266 8.59 74.41 14.45
C TYR A 266 7.41 73.59 14.95
N GLU A 267 6.62 73.06 14.00
CA GLU A 267 5.31 72.53 14.36
C GLU A 267 5.37 71.33 15.28
N VAL A 268 6.46 70.56 15.23
CA VAL A 268 6.55 69.33 16.02
C VAL A 268 6.33 69.63 17.51
N THR A 269 6.78 70.79 17.97
CA THR A 269 6.65 71.15 19.38
C THR A 269 5.36 71.92 19.64
N ASP A 270 5.13 73.00 18.88
CA ASP A 270 4.00 73.86 19.18
C ASP A 270 2.69 73.09 19.10
N MET A 271 2.64 72.02 18.29
CA MET A 271 1.46 71.16 18.31
C MET A 271 1.26 70.51 19.67
N MET A 272 2.34 70.04 20.30
CA MET A 272 2.20 69.49 21.65
C MET A 272 1.73 70.56 22.63
N GLN A 273 2.26 71.77 22.52
CA GLN A 273 1.74 72.84 23.39
C GLN A 273 0.24 73.07 23.20
N LYS A 274 -0.22 73.18 21.96
CA LYS A 274 -1.66 73.40 21.76
C LYS A 274 -2.47 72.23 22.31
N ALA A 275 -1.99 71.01 22.08
CA ALA A 275 -2.71 69.83 22.55
C ALA A 275 -2.85 69.84 24.06
N LEU A 276 -1.79 70.23 24.77
CA LEU A 276 -1.92 70.30 26.22
C LEU A 276 -2.78 71.49 26.65
N PHE A 277 -2.72 72.59 25.90
CA PHE A 277 -3.43 73.81 26.29
C PHE A 277 -4.94 73.62 26.22
N ASP A 278 -5.42 72.95 25.17
CA ASP A 278 -6.86 72.75 25.04
C ASP A 278 -7.43 72.02 26.26
N PHE A 279 -6.82 70.89 26.60
CA PHE A 279 -7.31 70.12 27.73
C PHE A 279 -7.07 70.85 29.04
N LEU A 280 -6.00 71.63 29.14
CA LEU A 280 -5.76 72.42 30.33
C LEU A 280 -6.88 73.44 30.55
N LYS A 281 -7.29 74.12 29.48
CA LYS A 281 -8.31 75.15 29.63
C LYS A 281 -9.70 74.56 29.84
N HIS A 282 -9.97 73.37 29.31
CA HIS A 282 -11.32 72.82 29.44
C HIS A 282 -11.60 72.16 30.78
N ARG A 283 -10.81 72.39 31.84
CA ARG A 283 -11.20 71.90 33.16
C ARG A 283 -10.90 72.88 34.28
N PHE A 284 -10.63 74.15 33.99
CA PHE A 284 -10.29 75.11 35.03
C PHE A 284 -11.03 76.43 34.79
N GLU A 285 -12.33 76.33 34.54
CA GLU A 285 -13.14 77.52 34.31
C GLU A 285 -13.13 78.40 35.55
N GLY A 286 -12.86 79.69 35.35
CA GLY A 286 -12.73 80.62 36.45
C GLY A 286 -11.44 80.46 37.25
N ARG A 287 -10.60 79.49 36.91
CA ARG A 287 -9.37 79.22 37.63
C ARG A 287 -8.12 79.51 36.82
N ILE A 288 -8.20 79.49 35.49
CA ILE A 288 -7.07 79.74 34.62
C ILE A 288 -7.50 80.63 33.47
N SER A 289 -6.73 81.69 33.21
CA SER A 289 -6.89 82.52 32.04
C SER A 289 -5.67 82.34 31.15
N ILE A 290 -5.90 81.97 29.89
CA ILE A 290 -4.83 81.67 28.95
C ILE A 290 -4.59 82.91 28.10
N THR A 291 -3.31 83.29 27.95
CA THR A 291 -2.93 84.42 27.12
C THR A 291 -1.71 84.03 26.31
N ARG A 292 -1.59 84.60 25.12
CA ARG A 292 -0.49 84.32 24.21
C ARG A 292 0.41 85.55 24.13
N VAL A 293 1.67 85.38 24.52
CA VAL A 293 2.65 86.45 24.48
C VAL A 293 3.65 86.16 23.37
N THR A 294 4.18 87.21 22.77
CA THR A 294 5.08 87.07 21.62
C THR A 294 6.44 87.69 21.84
N ALA A 295 6.52 88.80 22.56
CA ALA A 295 7.78 89.52 22.72
C ALA A 295 8.74 88.71 23.60
N ASP A 296 10.00 89.15 23.60
CA ASP A 296 11.07 88.43 24.28
C ASP A 296 11.05 88.79 25.75
N ILE A 297 10.18 88.13 26.53
CA ILE A 297 10.09 88.40 27.96
C ILE A 297 11.28 87.84 28.71
N SER A 298 12.22 87.19 28.02
CA SER A 298 13.46 86.78 28.67
C SER A 298 14.19 87.98 29.24
N LEU A 299 14.20 89.09 28.53
CA LEU A 299 14.79 90.35 29.00
C LEU A 299 13.78 91.00 29.94
N ALA A 300 13.81 90.58 31.21
CA ALA A 300 12.80 90.96 32.18
C ALA A 300 13.43 91.70 33.34
N LYS A 301 12.69 92.64 33.91
CA LYS A 301 13.12 93.39 35.08
C LYS A 301 12.05 93.32 36.16
N ARG A 302 12.46 92.96 37.38
CA ARG A 302 11.55 92.86 38.51
C ARG A 302 12.29 93.13 39.82
N LEU A 323 13.75 96.56 21.98
CA LEU A 323 13.21 96.43 23.34
C LEU A 323 12.09 97.43 23.52
N ALA A 324 11.92 98.32 22.54
CA ALA A 324 10.84 99.30 22.60
C ALA A 324 9.49 98.61 22.73
N GLU A 325 9.27 97.57 21.93
CA GLU A 325 8.08 96.74 22.12
C GLU A 325 8.14 96.03 23.47
N VAL A 326 9.31 95.49 23.82
CA VAL A 326 9.49 94.76 25.07
C VAL A 326 9.33 95.63 26.30
N GLN A 327 9.38 96.96 26.13
CA GLN A 327 9.36 97.87 27.27
C GLN A 327 8.15 97.62 28.17
N SER A 328 6.97 97.55 27.60
CA SER A 328 5.73 97.43 28.37
C SER A 328 5.18 96.02 28.42
N GLU A 329 5.91 95.03 27.90
CA GLU A 329 5.35 93.68 27.80
C GLU A 329 5.22 93.01 29.17
N ILE A 330 6.21 93.19 30.03
CA ILE A 330 6.31 92.37 31.24
C ILE A 330 5.18 92.67 32.21
N GLU A 331 4.81 93.96 32.35
CA GLU A 331 3.91 94.35 33.42
C GLU A 331 2.50 93.79 33.24
N ARG A 332 2.04 93.62 31.99
CA ARG A 332 0.69 93.14 31.78
C ARG A 332 0.50 91.71 32.28
N ILE A 333 1.56 90.90 32.26
CA ILE A 333 1.47 89.55 32.81
C ILE A 333 1.19 89.62 34.31
N PHE A 334 1.88 90.51 35.02
CA PHE A 334 1.61 90.70 36.44
C PHE A 334 0.22 91.25 36.67
N GLU A 335 -0.22 92.17 35.80
CA GLU A 335 -1.56 92.74 35.92
C GLU A 335 -2.63 91.65 35.82
N LEU A 336 -2.48 90.75 34.85
CA LEU A 336 -3.43 89.66 34.71
C LEU A 336 -3.26 88.58 35.78
N ALA A 337 -2.05 88.46 36.34
CA ALA A 337 -1.84 87.50 37.43
C ALA A 337 -2.54 87.95 38.71
N ARG A 338 -2.52 89.27 38.98
CA ARG A 338 -3.23 89.81 40.13
C ARG A 338 -4.73 89.55 40.05
N THR A 339 -5.28 89.37 38.84
CA THR A 339 -6.71 89.18 38.63
C THR A 339 -7.25 87.88 39.22
N LEU A 340 -6.40 87.06 39.85
CA LEU A 340 -6.83 85.82 40.49
C LEU A 340 -7.47 84.86 39.48
N LEU A 342 -3.28 78.75 37.39
CA LEU A 342 -3.82 80.04 37.78
C LEU A 342 -3.92 80.95 36.56
N VAL A 343 -2.78 81.22 35.93
CA VAL A 343 -2.72 82.00 34.70
C VAL A 343 -1.76 81.31 33.74
N VAL A 344 -2.14 81.22 32.48
CA VAL A 344 -1.35 80.53 31.46
C VAL A 344 -0.74 81.56 30.54
N LEU A 345 0.58 81.46 30.35
CA LEU A 345 1.33 82.38 29.49
C LEU A 345 1.92 81.58 28.34
N ASP A 346 1.70 82.06 27.12
CA ASP A 346 2.02 81.29 25.92
C ASP A 346 3.03 82.10 25.13
N ALA A 347 4.27 81.61 25.06
CA ALA A 347 5.38 82.42 24.58
C ALA A 347 5.97 81.84 23.30
N ASP A 348 7.05 82.46 22.84
CA ASP A 348 7.81 81.98 21.69
C ASP A 348 9.32 82.10 21.92
N THR A 349 9.76 82.40 23.14
CA THR A 349 11.17 82.55 23.45
C THR A 349 11.65 81.68 24.59
N ILE A 350 10.79 81.38 25.56
CA ILE A 350 11.23 80.56 26.68
C ILE A 350 11.35 79.12 26.19
N ASN A 351 12.58 78.72 25.89
CA ASN A 351 12.88 77.36 25.47
C ASN A 351 13.75 76.64 26.49
N HIS A 352 13.97 77.25 27.65
CA HIS A 352 14.78 76.70 28.73
C HIS A 352 14.58 77.58 29.95
N PRO A 353 14.59 77.01 31.16
CA PRO A 353 14.46 77.85 32.36
C PRO A 353 15.54 78.91 32.49
N ALA A 354 16.74 78.64 31.96
CA ALA A 354 17.85 79.59 32.08
C ALA A 354 17.50 80.93 31.43
N GLN A 355 16.88 80.89 30.25
CA GLN A 355 16.41 82.12 29.61
C GLN A 355 15.12 82.65 30.23
N LEU A 356 14.71 82.11 31.37
CA LEU A 356 13.60 82.66 32.13
C LEU A 356 13.88 82.78 33.62
N SER A 357 14.79 82.00 34.18
CA SER A 357 15.04 82.00 35.61
C SER A 357 16.01 83.07 36.05
N LYS A 358 16.57 83.86 35.13
CA LYS A 358 17.51 84.90 35.52
C LYS A 358 16.85 85.93 36.43
N THR A 359 15.55 86.12 36.31
CA THR A 359 14.77 86.97 37.19
C THR A 359 13.80 86.13 37.99
N SER A 360 13.57 86.54 39.24
CA SER A 360 12.74 85.75 40.16
C SER A 360 11.29 86.24 40.11
N LEU A 361 10.60 85.85 39.04
CA LEU A 361 9.16 86.05 38.96
C LEU A 361 8.39 85.06 39.81
N ALA A 362 9.05 84.01 40.30
CA ALA A 362 8.42 82.91 41.02
C ALA A 362 7.27 82.28 40.22
N PRO A 363 7.53 81.80 38.98
CA PRO A 363 6.48 81.15 38.21
C PRO A 363 6.50 79.63 38.36
N ILE A 364 5.49 78.96 37.80
CA ILE A 364 5.52 77.51 37.61
C ILE A 364 5.57 77.24 36.12
N ILE A 365 6.54 76.43 35.70
CA ILE A 365 6.80 76.19 34.28
C ILE A 365 6.60 74.71 34.01
N VAL A 366 5.81 74.40 32.99
CA VAL A 366 5.57 73.03 32.58
C VAL A 366 6.75 72.58 31.72
N TYR A 367 7.38 71.49 32.11
CA TYR A 367 8.62 71.05 31.48
C TYR A 367 8.37 69.76 30.70
N VAL A 368 7.96 69.92 29.45
CA VAL A 368 7.75 68.79 28.56
C VAL A 368 9.11 68.30 28.05
N LYS A 369 9.38 67.02 28.23
CA LYS A 369 10.57 66.41 27.64
C LYS A 369 10.22 65.01 27.20
N ILE A 370 10.93 64.55 26.18
CA ILE A 370 10.78 63.20 25.64
C ILE A 370 11.95 62.36 26.15
N SER A 371 11.63 61.24 26.78
CA SER A 371 12.66 60.43 27.43
C SER A 371 13.66 59.83 26.46
N SER A 372 13.37 59.82 25.17
CA SER A 372 14.29 59.23 24.21
C SER A 372 14.68 60.27 23.17
N PRO A 373 15.93 60.24 22.70
CA PRO A 373 16.36 61.11 21.61
C PRO A 373 16.15 60.54 20.21
N LYS A 374 15.58 59.35 20.11
CA LYS A 374 15.47 58.63 18.85
C LYS A 374 14.09 58.74 18.21
N VAL A 375 13.04 58.95 19.01
CA VAL A 375 11.71 59.15 18.44
C VAL A 375 11.53 60.55 17.85
N LEU A 376 12.42 61.48 18.20
CA LEU A 376 12.26 62.85 17.70
C LEU A 376 12.34 62.91 16.19
N GLN A 377 13.38 62.30 15.60
CA GLN A 377 13.51 62.39 14.16
C GLN A 377 12.42 61.60 13.44
N ARG A 378 11.95 60.51 14.06
CA ARG A 378 10.81 59.79 13.51
C ARG A 378 9.57 60.68 13.49
N LEU A 379 9.37 61.47 14.55
CA LEU A 379 8.31 62.48 14.52
C LEU A 379 8.58 63.52 13.43
N ILE A 380 9.85 63.87 13.21
CA ILE A 380 10.17 64.88 12.21
C ILE A 380 9.72 64.42 10.83
N LYS A 381 10.09 63.20 10.45
CA LYS A 381 9.72 62.72 9.12
C LYS A 381 8.24 62.43 8.96
N SER A 382 7.41 62.70 9.98
CA SER A 382 6.04 62.21 9.95
C SER A 382 5.22 62.89 8.85
N ARG A 383 5.03 64.21 8.96
CA ARG A 383 4.11 64.89 8.04
C ARG A 383 4.74 65.14 6.69
N GLY A 384 5.91 65.80 6.67
CA GLY A 384 6.52 66.18 5.41
C GLY A 384 8.02 66.31 5.54
N LYS A 385 8.69 66.18 4.40
CA LYS A 385 10.15 66.24 4.33
C LYS A 385 10.67 67.66 4.19
N SER A 386 9.78 68.64 4.05
CA SER A 386 10.23 70.03 3.91
C SER A 386 10.95 70.50 5.16
N GLN A 387 10.48 70.08 6.34
CA GLN A 387 11.04 70.49 7.61
C GLN A 387 12.27 69.67 8.00
N ALA A 388 12.57 68.61 7.26
CA ALA A 388 13.48 67.56 7.74
C ALA A 388 14.83 68.13 8.18
N LYS A 389 15.39 69.04 7.39
CA LYS A 389 16.74 69.52 7.66
C LYS A 389 16.88 70.23 8.99
N HIS A 390 15.77 70.64 9.61
CA HIS A 390 15.84 71.32 10.90
C HIS A 390 15.92 70.35 12.07
N LEU A 391 15.91 69.03 11.81
CA LEU A 391 15.84 68.06 12.90
C LEU A 391 16.98 68.25 13.89
N ASN A 392 18.19 68.47 13.38
CA ASN A 392 19.32 68.72 14.28
C ASN A 392 19.06 69.95 15.14
N VAL A 393 18.64 71.05 14.50
CA VAL A 393 18.25 72.23 15.26
C VAL A 393 17.09 71.91 16.17
N GLN A 394 16.21 71.00 15.73
CA GLN A 394 15.18 70.48 16.62
C GLN A 394 15.80 69.74 17.81
N MET A 395 16.74 68.84 17.53
CA MET A 395 17.21 67.91 18.54
C MET A 395 18.14 68.56 19.55
N VAL A 396 19.00 69.48 19.10
CA VAL A 396 20.03 70.04 19.97
C VAL A 396 19.40 70.63 21.23
N ALA A 397 18.33 71.42 21.06
CA ALA A 397 17.67 72.02 22.20
C ALA A 397 17.17 70.94 23.16
N ALA A 398 16.57 69.88 22.63
CA ALA A 398 16.18 68.76 23.48
C ALA A 398 17.38 68.19 24.21
N ASP A 399 18.48 68.00 23.50
CA ASP A 399 19.72 67.64 24.16
C ASP A 399 20.10 68.70 25.18
N LYS A 400 20.01 69.96 24.77
CA LYS A 400 20.26 71.07 25.69
C LYS A 400 19.19 71.15 26.77
N LEU A 401 18.04 70.53 26.57
CA LEU A 401 17.05 70.37 27.62
C LEU A 401 17.20 69.06 28.39
N ALA A 402 18.02 68.14 27.90
CA ALA A 402 18.05 66.79 28.48
C ALA A 402 18.71 66.78 29.85
N GLN A 403 19.83 67.47 30.01
CA GLN A 403 20.65 67.34 31.21
C GLN A 403 20.17 68.20 32.37
N CYS A 404 19.11 68.98 32.19
CA CYS A 404 18.66 69.88 33.23
C CYS A 404 18.17 69.09 34.44
N PRO A 405 18.65 69.39 35.64
CA PRO A 405 18.25 68.63 36.82
C PRO A 405 16.80 68.92 37.19
N PRO A 406 16.16 68.01 37.93
CA PRO A 406 14.70 68.16 38.18
C PRO A 406 14.32 69.39 38.99
N GLU A 407 15.20 69.89 39.87
CA GLU A 407 14.78 70.97 40.76
C GLU A 407 14.42 72.23 39.99
N LEU A 408 15.08 72.47 38.85
CA LEU A 408 14.68 73.52 37.93
C LEU A 408 13.76 73.01 36.83
N PHE A 409 13.40 71.73 36.90
CA PHE A 409 12.54 71.07 35.93
C PHE A 409 11.27 70.65 36.66
N ASP A 410 10.72 71.58 37.45
CA ASP A 410 9.76 71.22 38.50
C ASP A 410 8.62 70.36 37.99
N VAL A 411 8.02 70.73 36.87
CA VAL A 411 6.96 69.93 36.28
C VAL A 411 7.60 68.78 35.50
N ILE A 412 7.34 67.55 35.94
CA ILE A 412 7.93 66.36 35.33
C ILE A 412 6.91 65.76 34.39
N LEU A 413 7.24 65.71 33.11
CA LEU A 413 6.40 65.09 32.09
C LEU A 413 7.21 64.03 31.38
N ASP A 414 6.84 62.77 31.60
CA ASP A 414 7.58 61.63 31.09
C ASP A 414 6.77 60.77 30.14
N GLU A 415 5.47 60.64 30.36
CA GLU A 415 4.69 59.59 29.73
C GLU A 415 4.25 59.99 28.33
N ASN A 416 3.45 59.12 27.71
CA ASN A 416 3.16 59.20 26.29
C ASN A 416 1.79 59.82 26.01
N GLN A 417 0.74 59.23 26.55
CA GLN A 417 -0.62 59.62 26.17
C GLN A 417 -1.02 60.91 26.88
N LEU A 418 -1.82 61.72 26.16
CA LEU A 418 -2.39 62.92 26.77
C LEU A 418 -3.26 62.56 27.96
N GLU A 419 -4.20 61.63 27.76
CA GLU A 419 -5.29 61.41 28.69
C GLU A 419 -4.81 61.26 30.13
N ASP A 420 -3.57 60.84 30.35
CA ASP A 420 -3.02 60.82 31.71
C ASP A 420 -2.14 61.99 32.10
N ALA A 421 -1.32 62.50 31.17
CA ALA A 421 -0.53 63.69 31.48
C ALA A 421 -1.41 64.88 31.77
N CYS A 422 -2.59 64.93 31.15
CA CYS A 422 -3.55 66.00 31.43
C CYS A 422 -4.03 65.92 32.88
N GLU A 423 -4.24 64.71 33.40
CA GLU A 423 -4.51 64.57 34.82
C GLU A 423 -3.29 64.92 35.66
N HIS A 424 -2.10 64.64 35.15
CA HIS A 424 -0.88 64.98 35.87
C HIS A 424 -0.77 66.49 36.06
N LEU A 425 -1.09 67.27 35.03
CA LEU A 425 -1.07 68.72 35.13
C LEU A 425 -2.08 69.26 36.14
N ALA A 426 -3.08 68.47 36.53
CA ALA A 426 -4.08 68.96 37.46
C ALA A 426 -3.48 69.20 38.85
N ASP A 427 -2.67 68.27 39.33
CA ASP A 427 -2.26 68.26 40.74
C ASP A 427 -1.41 69.48 41.10
N TYR A 428 -0.50 69.89 40.22
CA TYR A 428 0.44 70.96 40.55
C TYR A 428 -0.24 72.28 40.87
N LEU A 429 -1.50 72.44 40.48
CA LEU A 429 -2.15 73.75 40.52
C LEU A 429 -2.88 74.02 41.84
N GLU A 430 -2.83 73.09 42.80
CA GLU A 430 -3.59 73.22 44.04
C GLU A 430 -2.70 73.28 45.27
N ALA A 431 -1.45 73.74 45.12
CA ALA A 431 -0.60 73.93 46.28
C ALA A 431 -1.19 74.99 47.20
N TYR A 432 -1.77 76.04 46.62
CA TYR A 432 -2.51 77.05 47.37
C TYR A 432 -4.01 76.99 47.17
N TRP A 433 -4.46 76.47 46.02
CA TRP A 433 -5.88 76.44 45.70
C TRP A 433 -6.33 75.07 45.24
N ARG B 114 52.73 34.50 -10.49
CA ARG B 114 52.43 33.08 -10.69
C ARG B 114 51.51 32.60 -9.57
N ARG B 115 51.89 32.87 -8.32
CA ARG B 115 51.01 32.69 -7.18
C ARG B 115 50.34 34.00 -6.78
N ALA B 116 50.89 35.13 -7.20
CA ALA B 116 50.32 36.42 -6.84
C ALA B 116 48.96 36.63 -7.48
N CYS B 117 48.82 36.33 -8.77
CA CYS B 117 47.54 36.49 -9.43
C CYS B 117 46.49 35.58 -8.84
N ILE B 118 46.86 34.32 -8.60
CA ILE B 118 45.93 33.39 -7.97
C ILE B 118 45.53 33.89 -6.59
N SER B 119 46.49 34.42 -5.84
CA SER B 119 46.19 34.94 -4.51
C SER B 119 45.21 36.10 -4.58
N ILE B 120 45.41 37.03 -5.51
CA ILE B 120 44.50 38.17 -5.61
C ILE B 120 43.18 37.80 -6.26
N VAL B 121 43.07 36.59 -6.84
CA VAL B 121 41.78 36.14 -7.34
C VAL B 121 40.76 36.05 -6.22
N GLU B 122 41.15 35.49 -5.07
CA GLU B 122 40.23 35.39 -3.94
C GLU B 122 39.90 36.75 -3.34
N TRP B 123 40.71 37.77 -3.64
CA TRP B 123 40.31 39.14 -3.28
C TRP B 123 39.03 39.52 -4.01
N LYS B 124 38.95 39.21 -5.30
CA LYS B 124 37.76 39.48 -6.06
C LYS B 124 36.59 38.65 -5.51
N PRO B 125 35.40 39.23 -5.39
CA PRO B 125 34.27 38.48 -4.84
C PRO B 125 33.69 37.48 -5.83
N PHE B 126 34.48 36.46 -6.21
CA PHE B 126 33.89 35.41 -7.04
C PHE B 126 33.15 34.40 -6.18
N GLU B 127 33.47 34.32 -4.89
CA GLU B 127 32.88 33.34 -3.99
C GLU B 127 31.37 33.27 -4.19
N ILE B 128 30.79 34.39 -4.61
CA ILE B 128 29.39 34.38 -5.02
C ILE B 128 29.19 33.47 -6.23
N ILE B 129 30.10 33.51 -7.21
CA ILE B 129 29.86 32.67 -8.38
C ILE B 129 30.07 31.20 -8.04
N ILE B 130 31.02 30.90 -7.15
CA ILE B 130 31.18 29.49 -6.79
C ILE B 130 29.98 29.01 -5.97
N LEU B 131 29.41 29.88 -5.14
CA LEU B 131 28.18 29.51 -4.46
C LEU B 131 27.03 29.31 -5.44
N LEU B 132 26.96 30.14 -6.48
CA LEU B 132 25.96 29.92 -7.52
C LEU B 132 26.22 28.61 -8.26
N THR B 133 27.48 28.21 -8.39
CA THR B 133 27.77 26.90 -8.94
C THR B 133 27.25 25.79 -8.03
N ILE B 134 27.41 25.96 -6.72
CA ILE B 134 26.85 24.98 -5.78
C ILE B 134 25.34 24.90 -5.95
N PHE B 135 24.67 26.05 -6.06
CA PHE B 135 23.22 26.05 -6.22
C PHE B 135 22.81 25.42 -7.53
N ALA B 136 23.55 25.70 -8.61
CA ALA B 136 23.25 25.07 -9.88
C ALA B 136 23.48 23.58 -9.82
N ASN B 137 24.42 23.12 -9.00
CA ASN B 137 24.62 21.69 -8.83
C ASN B 137 23.47 21.05 -8.05
N CYS B 138 22.98 21.73 -7.01
CA CYS B 138 21.79 21.24 -6.31
C CYS B 138 20.62 21.12 -7.26
N VAL B 139 20.42 22.14 -8.11
CA VAL B 139 19.30 22.09 -9.05
C VAL B 139 19.53 21.07 -10.16
N ALA B 140 20.78 20.84 -10.57
CA ALA B 140 21.04 19.78 -11.52
C ALA B 140 20.77 18.41 -10.94
N LEU B 141 20.99 18.24 -9.64
CA LEU B 141 20.69 16.97 -8.99
C LEU B 141 19.21 16.79 -8.75
N ALA B 142 18.45 17.86 -8.50
CA ALA B 142 17.02 17.71 -8.28
C ALA B 142 16.31 17.19 -9.52
N ILE B 143 16.66 17.71 -10.69
CA ILE B 143 15.94 17.35 -11.92
C ILE B 143 16.25 15.94 -12.40
N TYR B 144 17.29 15.29 -11.87
CA TYR B 144 17.73 14.01 -12.38
C TYR B 144 16.82 12.92 -11.84
N ILE B 145 16.05 12.28 -12.72
CA ILE B 145 15.13 11.22 -12.33
C ILE B 145 15.87 9.88 -12.40
N PRO B 146 15.98 9.14 -11.31
CA PRO B 146 16.67 7.85 -11.33
C PRO B 146 15.81 6.70 -11.81
N PHE B 147 15.77 6.46 -13.12
CA PHE B 147 14.92 5.43 -13.67
C PHE B 147 15.37 4.04 -13.22
N PRO B 148 14.45 3.07 -13.19
CA PRO B 148 14.72 1.80 -12.50
C PRO B 148 15.93 1.02 -12.97
N GLU B 149 15.96 0.57 -14.22
CA GLU B 149 17.05 -0.29 -14.70
C GLU B 149 17.67 0.36 -15.93
N ASP B 150 18.62 1.25 -15.69
CA ASP B 150 19.44 1.82 -16.74
C ASP B 150 18.63 2.63 -17.76
N ASP B 151 17.32 2.71 -17.60
CA ASP B 151 16.54 3.56 -18.47
C ASP B 151 16.92 5.02 -18.25
N SER B 152 16.66 5.84 -19.27
CA SER B 152 16.95 7.26 -19.16
C SER B 152 16.17 8.01 -20.23
N ASN B 153 15.95 9.29 -19.97
CA ASN B 153 15.34 10.19 -20.92
C ASN B 153 16.39 11.19 -21.42
N ALA B 154 15.96 12.16 -22.21
CA ALA B 154 16.89 13.15 -22.73
C ALA B 154 17.51 13.98 -21.62
N THR B 155 16.70 14.35 -20.62
CA THR B 155 17.19 15.24 -19.57
C THR B 155 18.36 14.62 -18.81
N ASN B 156 18.25 13.34 -18.47
CA ASN B 156 19.35 12.67 -17.79
C ASN B 156 20.59 12.61 -18.67
N SER B 157 20.39 12.59 -19.99
CA SER B 157 21.53 12.59 -20.89
C SER B 157 22.23 13.94 -20.89
N ASN B 158 21.47 15.03 -20.89
CA ASN B 158 22.08 16.35 -20.84
C ASN B 158 22.75 16.62 -19.50
N LEU B 159 22.17 16.11 -18.42
CA LEU B 159 22.71 16.41 -17.11
C LEU B 159 24.11 15.84 -16.93
N GLU B 160 24.47 14.79 -17.67
CA GLU B 160 25.83 14.27 -17.54
C GLU B 160 26.86 15.20 -18.17
N ARG B 161 26.52 15.81 -19.31
CA ARG B 161 27.41 16.81 -19.88
C ARG B 161 27.51 18.03 -18.97
N VAL B 162 26.37 18.48 -18.44
CA VAL B 162 26.42 19.57 -17.47
C VAL B 162 27.25 19.17 -16.26
N GLU B 163 27.24 17.89 -15.92
CA GLU B 163 28.01 17.43 -14.77
C GLU B 163 29.50 17.49 -15.05
N TYR B 164 29.92 17.11 -16.27
CA TYR B 164 31.31 17.31 -16.64
C TYR B 164 31.69 18.77 -16.51
N LEU B 165 30.78 19.67 -16.89
CA LEU B 165 31.03 21.09 -16.71
C LEU B 165 31.27 21.43 -15.24
N PHE B 166 30.44 20.88 -14.34
CA PHE B 166 30.59 21.20 -12.93
C PHE B 166 31.87 20.64 -12.35
N LEU B 167 32.25 19.42 -12.73
CA LEU B 167 33.57 18.91 -12.32
C LEU B 167 34.68 19.83 -12.80
N ILE B 168 34.58 20.35 -14.02
CA ILE B 168 35.60 21.27 -14.50
C ILE B 168 35.66 22.52 -13.62
N ILE B 169 34.51 23.14 -13.37
CA ILE B 169 34.51 24.39 -12.62
C ILE B 169 34.88 24.16 -11.16
N PHE B 170 34.80 22.92 -10.67
CA PHE B 170 35.24 22.66 -9.31
C PHE B 170 36.72 22.34 -9.24
N THR B 171 37.23 21.55 -10.19
CA THR B 171 38.65 21.25 -10.18
C THR B 171 39.49 22.48 -10.41
N VAL B 172 39.02 23.41 -11.25
CA VAL B 172 39.77 24.64 -11.48
C VAL B 172 39.94 25.42 -10.18
N GLU B 173 38.83 25.67 -9.48
CA GLU B 173 38.92 26.39 -8.22
C GLU B 173 39.69 25.59 -7.18
N ALA B 174 39.70 24.27 -7.30
CA ALA B 174 40.56 23.48 -6.42
C ALA B 174 42.02 23.83 -6.63
N PHE B 175 42.48 23.84 -7.88
CA PHE B 175 43.86 24.27 -8.14
C PHE B 175 44.13 25.66 -7.57
N LEU B 176 43.27 26.62 -7.91
CA LEU B 176 43.50 27.99 -7.44
C LEU B 176 43.59 28.07 -5.92
N LYS B 177 42.60 27.53 -5.21
CA LYS B 177 42.63 27.68 -3.76
C LYS B 177 43.67 26.81 -3.08
N VAL B 178 44.14 25.75 -3.73
CA VAL B 178 45.14 24.91 -3.07
C VAL B 178 46.55 25.42 -3.30
N ILE B 179 46.83 26.03 -4.45
CA ILE B 179 48.18 26.54 -4.67
C ILE B 179 48.43 27.77 -3.81
N ALA B 180 47.39 28.58 -3.58
CA ALA B 180 47.54 29.81 -2.82
C ALA B 180 47.51 29.58 -1.31
N TYR B 181 47.24 28.36 -0.87
CA TYR B 181 47.19 28.08 0.56
C TYR B 181 47.99 26.85 0.99
N GLY B 182 48.49 26.04 0.06
CA GLY B 182 49.41 24.99 0.39
C GLY B 182 48.73 23.68 0.76
N LEU B 183 49.51 22.60 0.66
CA LEU B 183 48.99 21.27 0.94
C LEU B 183 48.79 21.04 2.43
N LEU B 184 49.55 21.75 3.28
CA LEU B 184 49.47 21.57 4.72
C LEU B 184 48.59 22.61 5.40
N PHE B 185 47.95 23.51 4.65
CA PHE B 185 47.09 24.50 5.28
C PHE B 185 45.71 24.55 4.63
N HIS B 186 45.62 24.28 3.33
CA HIS B 186 44.32 24.26 2.67
C HIS B 186 43.39 23.19 3.24
N PRO B 187 43.80 21.93 3.40
CA PRO B 187 42.91 20.95 4.04
C PRO B 187 42.63 21.25 5.50
N ASN B 188 43.45 22.07 6.16
CA ASN B 188 43.31 22.31 7.59
C ASN B 188 42.17 23.30 7.87
N ALA B 189 40.99 22.95 7.37
CA ALA B 189 39.77 23.72 7.58
C ALA B 189 38.59 22.88 7.14
N TYR B 190 37.41 23.51 7.07
CA TYR B 190 36.20 22.90 6.54
C TYR B 190 36.34 22.45 5.09
N LEU B 191 37.45 22.78 4.43
CA LEU B 191 37.62 22.58 3.01
C LEU B 191 37.97 21.15 2.64
N ARG B 192 38.17 20.28 3.63
CA ARG B 192 38.61 18.91 3.35
C ARG B 192 37.65 18.22 2.39
N ASN B 193 36.37 18.13 2.77
CA ASN B 193 35.40 17.54 1.85
C ASN B 193 35.28 18.34 0.58
N GLY B 194 35.48 19.66 0.66
CA GLY B 194 35.45 20.49 -0.54
C GLY B 194 36.45 20.02 -1.58
N TRP B 195 37.50 19.33 -1.14
CA TRP B 195 38.36 18.61 -2.05
C TRP B 195 37.93 17.16 -2.19
N ASN B 196 37.64 16.50 -1.07
CA ASN B 196 37.24 15.10 -1.11
C ASN B 196 36.12 14.89 -2.12
N LEU B 197 35.11 15.76 -2.08
CA LEU B 197 33.96 15.62 -2.95
C LEU B 197 34.37 15.59 -4.41
N LEU B 198 35.33 16.41 -4.81
CA LEU B 198 35.76 16.38 -6.20
C LEU B 198 36.61 15.14 -6.46
N ASP B 199 37.46 14.77 -5.50
CA ASP B 199 38.42 13.69 -5.74
C ASP B 199 37.71 12.45 -6.25
N PHE B 200 36.84 11.88 -5.42
CA PHE B 200 36.11 10.68 -5.84
C PHE B 200 35.27 10.95 -7.08
N ILE B 201 34.70 12.15 -7.21
CA ILE B 201 33.88 12.37 -8.39
C ILE B 201 34.75 12.45 -9.62
N ILE B 202 35.99 12.93 -9.48
CA ILE B 202 36.94 12.82 -10.57
C ILE B 202 37.11 11.36 -10.95
N VAL B 203 37.26 10.51 -9.94
CA VAL B 203 37.33 9.06 -10.17
C VAL B 203 36.11 8.59 -10.94
N VAL B 204 34.95 9.19 -10.66
CA VAL B 204 33.73 8.81 -11.38
C VAL B 204 33.95 8.96 -12.88
N VAL B 205 34.49 10.10 -13.30
CA VAL B 205 34.84 10.25 -14.71
C VAL B 205 35.83 9.18 -15.11
N GLY B 206 36.89 9.03 -14.31
CA GLY B 206 37.89 7.99 -14.56
C GLY B 206 37.29 6.61 -14.70
N LEU B 207 36.05 6.41 -14.24
CA LEU B 207 35.33 5.18 -14.50
C LEU B 207 34.16 5.27 -15.46
N PHE B 208 33.49 6.42 -15.52
CA PHE B 208 32.30 6.51 -16.36
C PHE B 208 32.63 6.33 -17.83
N SER B 209 33.71 6.95 -18.29
CA SER B 209 34.15 6.73 -19.66
C SER B 209 34.59 5.29 -19.88
N ALA B 210 35.06 4.61 -18.84
CA ALA B 210 35.55 3.24 -18.99
C ALA B 210 34.41 2.30 -19.34
N ILE B 211 33.32 2.34 -18.58
CA ILE B 211 32.22 1.40 -18.76
C ILE B 211 31.00 2.08 -19.34
N PHE B 231 29.26 -3.16 -12.76
CA PHE B 231 30.21 -3.05 -11.65
C PHE B 231 29.66 -2.16 -10.53
N ASP B 232 30.50 -1.90 -9.53
CA ASP B 232 30.15 -1.06 -8.40
C ASP B 232 30.26 0.43 -8.72
N VAL B 233 30.33 0.79 -10.00
CA VAL B 233 30.74 2.14 -10.37
C VAL B 233 29.60 3.14 -10.19
N LYS B 234 28.36 2.78 -10.56
CA LYS B 234 27.29 3.77 -10.53
C LYS B 234 27.01 4.26 -9.12
N ALA B 235 27.09 3.37 -8.12
CA ALA B 235 26.82 3.78 -6.76
C ALA B 235 27.80 4.84 -6.28
N LEU B 236 29.01 4.84 -6.80
CA LEU B 236 30.00 5.86 -6.46
C LEU B 236 29.48 7.26 -6.72
N ARG B 237 28.42 7.38 -7.52
CA ARG B 237 27.81 8.67 -7.82
C ARG B 237 27.30 9.36 -6.55
N ALA B 238 27.00 8.59 -5.50
CA ALA B 238 26.30 9.13 -4.34
C ALA B 238 27.05 10.30 -3.71
N PHE B 239 28.37 10.32 -3.85
CA PHE B 239 29.16 11.39 -3.24
C PHE B 239 28.68 12.76 -3.68
N ARG B 240 28.19 12.88 -4.91
CA ARG B 240 27.79 14.20 -5.40
C ARG B 240 26.62 14.77 -4.63
N VAL B 241 26.00 14.02 -3.73
CA VAL B 241 24.91 14.60 -2.93
C VAL B 241 25.43 15.40 -1.74
N LEU B 242 26.72 15.33 -1.46
CA LEU B 242 27.29 16.11 -0.37
C LEU B 242 27.65 17.53 -0.78
N ARG B 243 27.52 17.87 -2.04
CA ARG B 243 27.86 19.20 -2.52
C ARG B 243 27.00 20.28 -1.89
N PRO B 244 25.68 20.09 -1.73
CA PRO B 244 24.90 21.09 -0.98
C PRO B 244 25.49 21.43 0.37
N LEU B 245 26.15 20.46 1.03
CA LEU B 245 26.80 20.75 2.30
C LEU B 245 27.83 21.86 2.14
N ARG B 246 28.55 21.86 1.02
CA ARG B 246 29.55 22.92 0.79
C ARG B 246 28.92 24.29 0.84
N LEU B 247 27.61 24.39 0.57
CA LEU B 247 26.93 25.67 0.64
C LEU B 247 27.03 26.27 2.03
N VAL B 248 26.82 25.45 3.08
CA VAL B 248 26.88 26.01 4.42
C VAL B 248 28.31 26.42 4.76
N SER B 249 29.29 25.93 4.00
CA SER B 249 30.65 26.42 4.18
C SER B 249 30.77 27.87 3.72
N GLY B 250 30.11 28.21 2.62
CA GLY B 250 30.33 29.53 2.03
C GLY B 250 29.85 30.66 2.92
N VAL B 251 28.65 30.53 3.46
CA VAL B 251 28.06 31.59 4.27
C VAL B 251 28.36 31.32 5.75
N PRO B 252 28.85 32.32 6.50
CA PRO B 252 29.22 32.06 7.89
C PRO B 252 28.05 32.12 8.85
N SER B 253 27.01 32.89 8.50
CA SER B 253 25.85 33.01 9.38
C SER B 253 25.10 31.69 9.51
N LEU B 254 25.34 30.74 8.60
CA LEU B 254 24.84 29.40 8.76
C LEU B 254 25.85 28.48 9.43
N GLN B 255 27.14 28.70 9.19
CA GLN B 255 28.16 27.89 9.84
C GLN B 255 28.09 28.05 11.35
N VAL B 256 27.81 29.27 11.82
CA VAL B 256 27.75 29.49 13.26
C VAL B 256 26.59 28.72 13.88
N VAL B 257 25.42 28.74 13.26
CA VAL B 257 24.29 28.02 13.82
C VAL B 257 24.49 26.51 13.74
N LEU B 258 25.13 26.03 12.66
CA LEU B 258 25.44 24.62 12.59
C LEU B 258 26.39 24.21 13.71
N ASN B 259 27.40 25.03 13.98
CA ASN B 259 28.31 24.74 15.08
C ASN B 259 27.57 24.78 16.41
N SER B 260 26.59 25.67 16.54
CA SER B 260 25.77 25.68 17.76
C SER B 260 25.03 24.36 17.92
N ILE B 261 24.44 23.86 16.84
CA ILE B 261 23.69 22.60 16.90
C ILE B 261 24.62 21.45 17.30
N ILE B 262 25.80 21.39 16.70
CA ILE B 262 26.72 20.31 17.02
C ILE B 262 27.21 20.42 18.46
N LYS B 263 27.51 21.64 18.91
CA LYS B 263 27.93 21.84 20.28
C LYS B 263 26.86 21.39 21.25
N ALA B 264 25.59 21.65 20.93
CA ALA B 264 24.50 21.14 21.75
C ALA B 264 24.39 19.63 21.67
N MET B 265 24.76 19.04 20.54
CA MET B 265 24.74 17.59 20.39
C MET B 265 25.75 16.92 21.32
N VAL B 266 26.92 17.52 21.49
CA VAL B 266 27.99 16.86 22.24
C VAL B 266 27.57 16.39 23.63
N PRO B 267 26.82 17.15 24.43
CA PRO B 267 26.41 16.65 25.75
C PRO B 267 25.48 15.45 25.72
N LEU B 268 24.82 15.18 24.60
CA LEU B 268 23.86 14.08 24.58
C LEU B 268 24.50 12.73 24.32
N LEU B 269 25.82 12.67 24.17
CA LEU B 269 26.44 11.38 23.93
C LEU B 269 26.30 10.43 25.10
N HIS B 270 26.07 10.95 26.31
CA HIS B 270 25.77 10.07 27.44
C HIS B 270 24.41 9.43 27.28
N ILE B 271 23.42 10.18 26.80
CA ILE B 271 22.12 9.59 26.51
C ILE B 271 22.25 8.57 25.39
N ALA B 272 23.07 8.88 24.39
CA ALA B 272 23.29 7.93 23.30
C ALA B 272 23.91 6.64 23.83
N LEU B 273 24.87 6.75 24.75
CA LEU B 273 25.47 5.56 25.34
C LEU B 273 24.45 4.76 26.14
N LEU B 274 23.60 5.45 26.91
CA LEU B 274 22.59 4.74 27.67
C LEU B 274 21.64 3.99 26.74
N VAL B 275 21.22 4.62 25.65
CA VAL B 275 20.34 3.95 24.71
C VAL B 275 21.03 2.79 24.02
N LEU B 276 22.32 2.92 23.72
CA LEU B 276 23.04 1.80 23.15
C LEU B 276 23.08 0.62 24.12
N PHE B 277 23.33 0.89 25.40
CA PHE B 277 23.33 -0.18 26.39
C PHE B 277 21.95 -0.82 26.51
N VAL B 278 20.91 -0.01 26.50
CA VAL B 278 19.55 -0.56 26.59
C VAL B 278 19.26 -1.45 25.39
N ILE B 279 19.65 -1.02 24.18
CA ILE B 279 19.45 -1.86 23.01
C ILE B 279 20.21 -3.17 23.12
N ILE B 280 21.47 -3.10 23.56
CA ILE B 280 22.26 -4.33 23.68
C ILE B 280 21.60 -5.29 24.66
N ILE B 281 21.23 -4.80 25.84
CA ILE B 281 20.66 -5.67 26.86
C ILE B 281 19.33 -6.24 26.40
N TYR B 282 18.48 -5.43 25.80
CA TYR B 282 17.17 -5.92 25.42
C TYR B 282 17.24 -6.84 24.21
N ALA B 283 18.20 -6.63 23.31
CA ALA B 283 18.39 -7.57 22.22
C ALA B 283 18.88 -8.92 22.73
N ILE B 284 19.80 -8.91 23.69
CA ILE B 284 20.27 -10.17 24.24
C ILE B 284 19.14 -10.90 24.96
N ILE B 285 18.31 -10.17 25.70
CA ILE B 285 17.18 -10.81 26.37
C ILE B 285 16.20 -11.37 25.35
N GLY B 286 15.98 -10.65 24.25
CA GLY B 286 15.13 -11.17 23.20
C GLY B 286 15.68 -12.44 22.58
N LEU B 287 16.99 -12.48 22.34
CA LEU B 287 17.64 -13.70 21.89
C LEU B 287 17.41 -14.83 22.86
N GLU B 288 17.58 -14.58 24.16
CA GLU B 288 17.36 -15.62 25.14
C GLU B 288 15.93 -16.13 25.09
N LEU B 289 14.96 -15.26 24.87
CA LEU B 289 13.56 -15.62 24.95
C LEU B 289 12.94 -15.95 23.60
N PHE B 290 13.14 -15.09 22.60
CA PHE B 290 12.31 -15.15 21.40
C PHE B 290 13.08 -15.78 20.26
N MET B 291 13.88 -16.78 20.61
CA MET B 291 14.94 -17.32 19.76
C MET B 291 14.33 -18.11 18.61
N GLY B 292 14.08 -17.43 17.50
CA GLY B 292 13.59 -18.10 16.30
C GLY B 292 12.28 -18.82 16.49
N LYS B 293 11.43 -18.34 17.39
CA LYS B 293 10.16 -18.98 17.66
C LYS B 293 9.04 -18.48 16.77
N MET B 294 9.36 -17.66 15.75
CA MET B 294 8.36 -17.00 14.95
C MET B 294 8.37 -17.51 13.51
N HIS B 295 8.39 -18.82 13.31
CA HIS B 295 8.41 -19.36 11.96
C HIS B 295 7.25 -20.30 11.65
N LYS B 296 6.75 -21.03 12.63
CA LYS B 296 5.65 -21.95 12.36
C LYS B 296 4.41 -21.17 11.99
N THR B 297 3.94 -21.35 10.76
CA THR B 297 2.84 -20.57 10.22
C THR B 297 1.69 -21.51 9.90
N CYS B 298 0.51 -20.92 9.73
CA CYS B 298 -0.75 -21.64 9.52
C CYS B 298 -0.92 -21.94 8.04
N TYR B 299 -0.40 -23.09 7.60
CA TYR B 299 -0.58 -23.54 6.24
C TYR B 299 -1.89 -24.31 6.12
N ASN B 300 -2.33 -24.52 4.87
CA ASN B 300 -3.58 -25.25 4.66
C ASN B 300 -3.34 -26.76 4.74
N GLN B 301 -4.28 -27.46 5.38
CA GLN B 301 -4.09 -28.87 5.68
C GLN B 301 -4.29 -29.76 4.46
N GLU B 302 -5.11 -29.34 3.50
CA GLU B 302 -5.41 -30.20 2.35
C GLU B 302 -4.15 -30.52 1.56
N GLY B 303 -3.12 -29.68 1.64
CA GLY B 303 -1.78 -30.05 1.21
C GLY B 303 -1.42 -29.77 -0.22
N ILE B 304 -2.35 -29.27 -1.05
CA ILE B 304 -2.04 -29.04 -2.45
C ILE B 304 -1.07 -27.87 -2.60
N ALA B 305 -1.37 -26.74 -1.96
CA ALA B 305 -0.56 -25.54 -2.08
C ALA B 305 0.05 -25.22 -0.72
N ASP B 306 1.38 -25.19 -0.66
CA ASP B 306 2.08 -24.77 0.55
C ASP B 306 2.46 -23.29 0.48
N VAL B 307 1.43 -22.49 0.28
CA VAL B 307 1.47 -21.05 0.54
C VAL B 307 0.66 -20.84 1.80
N PRO B 308 1.08 -19.97 2.72
CA PRO B 308 0.34 -19.82 3.98
C PRO B 308 -1.11 -19.43 3.74
N ALA B 309 -2.00 -20.04 4.51
CA ALA B 309 -3.43 -19.93 4.23
C ALA B 309 -3.94 -18.51 4.43
N GLU B 310 -3.55 -17.86 5.51
CA GLU B 310 -4.08 -16.54 5.83
C GLU B 310 -3.54 -15.50 4.85
N ASP B 311 -4.36 -14.48 4.59
CA ASP B 311 -3.91 -13.37 3.75
C ASP B 311 -2.77 -12.62 4.39
N ASP B 312 -2.86 -12.36 5.69
CA ASP B 312 -1.78 -11.74 6.44
C ASP B 312 -1.26 -12.73 7.49
N PRO B 313 -0.23 -13.50 7.15
CA PRO B 313 0.22 -14.57 8.05
C PRO B 313 0.73 -14.02 9.37
N SER B 314 0.44 -14.73 10.44
CA SER B 314 0.85 -14.36 11.78
C SER B 314 1.45 -15.59 12.46
N PRO B 315 2.62 -15.47 13.08
CA PRO B 315 3.31 -16.66 13.58
C PRO B 315 2.50 -17.45 14.59
N CYS B 316 2.11 -18.66 14.23
CA CYS B 316 1.34 -19.52 15.12
C CYS B 316 2.27 -20.51 15.83
N ALA B 317 1.69 -21.23 16.79
CA ALA B 317 2.43 -22.23 17.53
C ALA B 317 1.56 -23.47 17.65
N LEU B 318 2.09 -24.61 17.21
CA LEU B 318 1.32 -25.85 17.19
C LEU B 318 0.96 -26.27 18.59
N GLU B 319 0.11 -27.30 18.68
CA GLU B 319 -0.34 -27.79 19.97
C GLU B 319 0.85 -28.33 20.76
N THR B 320 0.64 -28.43 22.08
CA THR B 320 1.61 -28.68 23.14
C THR B 320 2.38 -27.39 23.45
N GLY B 321 2.25 -26.35 22.62
CA GLY B 321 2.76 -25.04 22.95
C GLY B 321 1.61 -24.08 23.13
N HIS B 322 1.89 -22.93 23.74
CA HIS B 322 0.88 -21.91 23.92
C HIS B 322 0.85 -20.99 22.71
N GLY B 323 0.04 -19.94 22.80
CA GLY B 323 -0.07 -19.01 21.70
C GLY B 323 -1.40 -19.13 20.99
N ARG B 324 -1.39 -19.08 19.67
CA ARG B 324 -2.60 -19.28 18.88
C ARG B 324 -2.52 -20.61 18.15
N GLN B 325 -3.64 -21.32 18.11
CA GLN B 325 -3.79 -22.49 17.26
C GLN B 325 -4.57 -22.12 16.01
N CYS B 326 -4.33 -22.88 14.94
CA CYS B 326 -5.05 -22.64 13.70
C CYS B 326 -6.53 -23.00 13.81
N GLN B 327 -7.23 -22.68 12.73
CA GLN B 327 -8.69 -22.82 12.65
C GLN B 327 -9.05 -24.26 12.33
N ASN B 328 -10.29 -24.48 11.93
CA ASN B 328 -10.81 -25.83 11.73
C ASN B 328 -10.20 -26.55 10.53
N GLY B 329 -9.52 -25.85 9.64
CA GLY B 329 -9.08 -26.51 8.42
C GLY B 329 -7.65 -26.22 7.99
N THR B 330 -6.76 -26.00 8.95
CA THR B 330 -5.37 -25.69 8.65
C THR B 330 -4.45 -26.36 9.67
N VAL B 331 -3.15 -26.30 9.41
CA VAL B 331 -2.14 -26.89 10.26
C VAL B 331 -1.07 -25.85 10.57
N CYS B 332 -0.66 -25.79 11.83
CA CYS B 332 0.35 -24.84 12.28
C CYS B 332 1.71 -25.51 12.18
N LYS B 333 2.35 -25.37 11.03
CA LYS B 333 3.53 -26.17 10.71
C LYS B 333 4.71 -25.27 10.38
N PRO B 334 5.94 -25.78 10.54
CA PRO B 334 7.12 -24.94 10.32
C PRO B 334 7.27 -24.49 8.88
N GLY B 335 8.29 -23.70 8.63
CA GLY B 335 8.51 -23.06 7.36
C GLY B 335 9.40 -21.83 7.57
N TRP B 336 9.05 -20.74 6.90
CA TRP B 336 9.78 -19.49 7.12
C TRP B 336 8.89 -18.26 7.09
N ASP B 337 7.57 -18.39 7.20
CA ASP B 337 6.78 -17.19 6.95
C ASP B 337 6.85 -16.25 8.15
N GLY B 338 6.25 -16.64 9.27
CA GLY B 338 6.25 -15.82 10.45
C GLY B 338 6.02 -14.35 10.17
N PRO B 339 7.04 -13.52 10.43
CA PRO B 339 6.90 -12.07 10.22
C PRO B 339 7.19 -11.67 8.79
N LYS B 340 7.23 -10.37 8.52
CA LYS B 340 7.37 -9.87 7.16
C LYS B 340 8.78 -10.10 6.64
N HIS B 341 8.91 -10.96 5.63
CA HIS B 341 10.15 -11.26 4.93
C HIS B 341 11.27 -11.70 5.86
N GLY B 342 10.96 -12.04 7.11
CA GLY B 342 11.99 -12.40 8.05
C GLY B 342 12.95 -11.27 8.36
N ILE B 343 12.47 -10.03 8.33
CA ILE B 343 13.34 -8.89 8.58
C ILE B 343 13.29 -8.45 10.04
N THR B 344 12.16 -8.67 10.72
CA THR B 344 11.94 -8.12 12.04
C THR B 344 11.84 -9.18 13.12
N ASN B 345 12.34 -10.38 12.89
CA ASN B 345 12.28 -11.43 13.88
C ASN B 345 13.53 -11.40 14.76
N PHE B 346 13.58 -12.29 15.74
CA PHE B 346 14.61 -12.27 16.78
C PHE B 346 15.67 -13.34 16.59
N ASP B 347 15.78 -13.92 15.39
CA ASP B 347 16.67 -15.05 15.20
C ASP B 347 18.11 -14.70 15.50
N ASN B 348 18.67 -13.80 14.71
CA ASN B 348 20.09 -13.46 14.79
C ASN B 348 20.30 -12.47 15.93
N PHE B 349 21.48 -11.87 16.00
CA PHE B 349 21.68 -10.74 16.90
C PHE B 349 21.59 -9.39 16.21
N ALA B 350 21.82 -9.33 14.91
CA ALA B 350 21.60 -8.09 14.20
C ALA B 350 20.14 -7.90 13.83
N PHE B 351 19.35 -8.97 13.88
CA PHE B 351 17.89 -8.82 13.79
C PHE B 351 17.31 -8.35 15.11
N ALA B 352 17.88 -8.77 16.23
CA ALA B 352 17.34 -8.38 17.52
C ALA B 352 17.59 -6.91 17.81
N MET B 353 18.79 -6.42 17.51
CA MET B 353 19.02 -4.98 17.66
C MET B 353 18.09 -4.18 16.78
N LEU B 354 17.92 -4.61 15.53
CA LEU B 354 17.05 -3.86 14.63
C LEU B 354 15.61 -3.85 15.12
N THR B 355 15.11 -5.00 15.58
CA THR B 355 13.74 -5.05 16.07
C THR B 355 13.57 -4.22 17.33
N VAL B 356 14.53 -4.27 18.25
CA VAL B 356 14.41 -3.48 19.47
C VAL B 356 14.47 -1.99 19.13
N PHE B 357 15.34 -1.60 18.20
CA PHE B 357 15.41 -0.19 17.84
C PHE B 357 14.15 0.25 17.12
N GLN B 358 13.50 -0.64 16.38
CA GLN B 358 12.19 -0.30 15.84
C GLN B 358 11.17 -0.13 16.95
N CYS B 359 11.26 -0.92 18.01
CA CYS B 359 10.32 -0.78 19.12
C CYS B 359 10.54 0.52 19.88
N ILE B 360 11.80 0.89 20.13
CA ILE B 360 12.10 2.08 20.93
C ILE B 360 11.48 3.32 20.32
N THR B 361 11.59 3.47 19.01
CA THR B 361 10.99 4.62 18.34
C THR B 361 9.47 4.61 18.38
N MET B 362 8.88 3.62 19.04
CA MET B 362 7.45 3.53 19.29
C MET B 362 6.61 3.48 18.02
N GLU B 363 7.20 3.11 16.90
CA GLU B 363 6.42 2.85 15.69
C GLU B 363 6.75 1.46 15.20
N GLY B 364 5.72 0.64 15.03
CA GLY B 364 5.90 -0.78 14.86
C GLY B 364 6.06 -1.52 16.15
N TRP B 365 6.04 -0.80 17.28
CA TRP B 365 6.12 -1.43 18.59
C TRP B 365 5.11 -2.54 18.77
N THR B 366 3.87 -2.31 18.40
CA THR B 366 2.82 -3.24 18.81
C THR B 366 2.71 -4.44 17.90
N ASP B 367 3.18 -4.34 16.65
CA ASP B 367 3.20 -5.53 15.80
C ASP B 367 4.09 -6.61 16.42
N VAL B 368 5.38 -6.33 16.55
CA VAL B 368 6.31 -7.31 17.08
C VAL B 368 5.92 -7.77 18.48
N LEU B 369 4.97 -7.09 19.13
CA LEU B 369 4.42 -7.64 20.36
C LEU B 369 3.27 -8.59 20.07
N TYR B 370 2.44 -8.29 19.08
CA TYR B 370 1.33 -9.19 18.79
C TYR B 370 1.81 -10.47 18.12
N TRP B 371 2.83 -10.38 17.28
CA TRP B 371 3.41 -11.59 16.69
C TRP B 371 3.97 -12.49 17.77
N VAL B 372 4.68 -11.91 18.74
CA VAL B 372 5.20 -12.71 19.84
C VAL B 372 4.06 -13.25 20.71
N ASN B 373 3.02 -12.46 20.92
CA ASN B 373 1.87 -12.97 21.65
C ASN B 373 1.30 -14.20 20.97
N ASP B 374 1.21 -14.17 19.65
CA ASP B 374 0.73 -15.32 18.90
C ASP B 374 1.70 -16.50 19.03
N ALA B 375 3.00 -16.21 19.03
CA ALA B 375 3.97 -17.29 19.07
C ALA B 375 4.02 -17.99 20.43
N VAL B 376 4.06 -17.22 21.52
CA VAL B 376 4.40 -17.79 22.82
C VAL B 376 3.39 -17.44 23.90
N GLY B 377 2.21 -16.99 23.53
CA GLY B 377 1.15 -16.79 24.51
C GLY B 377 1.14 -15.39 25.09
N ARG B 378 -0.03 -14.97 25.58
CA ARG B 378 -0.21 -13.61 26.04
C ARG B 378 0.47 -13.30 27.36
N ASP B 379 1.00 -14.31 28.06
CA ASP B 379 1.27 -14.13 29.47
C ASP B 379 2.44 -13.21 29.79
N TRP B 380 3.65 -13.61 29.46
CA TRP B 380 4.84 -12.84 29.81
C TRP B 380 5.27 -11.72 28.86
N PRO B 381 5.16 -11.85 27.53
CA PRO B 381 5.83 -10.88 26.64
C PRO B 381 5.51 -9.42 26.93
N TRP B 382 4.32 -9.13 27.45
CA TRP B 382 3.97 -7.75 27.72
C TRP B 382 4.96 -7.11 28.69
N ILE B 383 5.49 -7.88 29.63
CA ILE B 383 6.51 -7.33 30.52
C ILE B 383 7.69 -6.84 29.71
N TYR B 384 8.19 -7.67 28.80
CA TYR B 384 9.34 -7.31 28.00
C TYR B 384 9.07 -6.03 27.22
N PHE B 385 7.96 -5.99 26.48
CA PHE B 385 7.80 -4.85 25.58
C PHE B 385 7.37 -3.59 26.30
N VAL B 386 6.48 -3.68 27.28
CA VAL B 386 6.10 -2.49 28.04
C VAL B 386 7.31 -1.90 28.76
N THR B 387 8.12 -2.76 29.38
CA THR B 387 9.31 -2.24 30.05
C THR B 387 10.28 -1.65 29.06
N LEU B 388 10.40 -2.25 27.87
CA LEU B 388 11.29 -1.69 26.86
C LEU B 388 10.83 -0.30 26.45
N ILE B 389 9.52 -0.12 26.27
CA ILE B 389 9.03 1.19 25.87
C ILE B 389 9.22 2.21 26.99
N ILE B 390 8.91 1.82 28.22
CA ILE B 390 8.97 2.77 29.32
C ILE B 390 10.41 3.17 29.62
N ILE B 391 11.31 2.20 29.76
CA ILE B 391 12.70 2.50 30.07
C ILE B 391 13.39 3.16 28.89
N GLY B 392 13.16 2.65 27.69
CA GLY B 392 13.97 3.05 26.56
C GLY B 392 13.35 4.06 25.63
N SER B 393 12.09 4.42 25.83
CA SER B 393 11.47 5.42 24.97
C SER B 393 11.03 6.65 25.73
N PHE B 394 10.23 6.50 26.78
CA PHE B 394 9.81 7.66 27.56
C PHE B 394 10.96 8.19 28.40
N PHE B 395 11.68 7.30 29.08
CA PHE B 395 12.73 7.76 30.00
C PHE B 395 13.88 8.44 29.26
N VAL B 396 14.34 7.87 28.14
CA VAL B 396 15.46 8.48 27.42
C VAL B 396 14.99 9.59 26.50
N LEU B 397 13.70 9.90 26.48
CA LEU B 397 13.21 11.13 25.89
C LEU B 397 13.11 12.23 26.93
N ASN B 398 12.76 11.84 28.16
CA ASN B 398 12.84 12.76 29.27
C ASN B 398 14.27 13.23 29.50
N LEU B 399 15.24 12.30 29.42
CA LEU B 399 16.63 12.69 29.57
C LEU B 399 17.06 13.66 28.48
N VAL B 400 16.61 13.45 27.25
CA VAL B 400 17.02 14.32 26.15
C VAL B 400 16.41 15.70 26.31
N LEU B 401 15.12 15.78 26.62
CA LEU B 401 14.51 17.07 26.93
C LEU B 401 15.30 17.77 28.02
N GLY B 402 15.74 17.02 29.02
CA GLY B 402 16.48 17.62 30.11
C GLY B 402 17.81 18.20 29.69
N VAL B 403 18.62 17.41 28.97
CA VAL B 403 19.93 17.89 28.59
C VAL B 403 19.81 19.09 27.65
N LEU B 404 18.86 19.04 26.71
CA LEU B 404 18.65 20.19 25.84
C LEU B 404 18.22 21.42 26.62
N SER B 405 17.28 21.28 27.56
CA SER B 405 16.89 22.45 28.31
C SER B 405 18.03 22.98 29.17
N GLY B 406 18.92 22.12 29.65
CA GLY B 406 20.09 22.58 30.35
C GLY B 406 20.99 23.39 29.47
N GLU B 407 21.24 22.91 28.26
CA GLU B 407 22.08 23.66 27.34
C GLU B 407 21.45 24.99 26.98
N PHE B 408 20.13 25.02 26.82
CA PHE B 408 19.47 26.26 26.45
C PHE B 408 19.44 27.24 27.61
N SER B 409 19.37 26.75 28.85
CA SER B 409 19.47 27.66 30.00
C SER B 409 20.89 28.11 30.27
N LYS B 410 21.89 27.37 29.80
CA LYS B 410 23.24 27.93 29.77
C LYS B 410 23.35 29.02 28.72
N GLU B 411 22.76 28.79 27.54
CA GLU B 411 22.89 29.74 26.46
C GLU B 411 22.11 31.02 26.73
N ARG B 412 20.98 30.92 27.44
CA ARG B 412 20.27 32.12 27.85
C ARG B 412 21.15 33.00 28.71
N GLU B 413 21.79 32.41 29.73
CA GLU B 413 22.63 33.19 30.62
C GLU B 413 23.85 33.73 29.90
N LYS B 414 24.45 32.95 29.00
CA LYS B 414 25.52 33.49 28.18
C LYS B 414 25.04 34.54 27.21
N ALA B 415 23.73 34.64 26.99
CA ALA B 415 23.15 35.70 26.18
C ALA B 415 22.88 36.95 26.99
N LYS B 416 23.32 37.01 28.25
CA LYS B 416 23.33 38.25 29.01
C LYS B 416 24.68 38.96 28.88
N ALA B 417 25.56 38.46 28.01
CA ALA B 417 26.78 39.18 27.70
C ALA B 417 26.54 40.23 26.63
N ARG B 418 25.90 39.83 25.52
CA ARG B 418 25.58 40.74 24.44
C ARG B 418 24.38 41.63 24.74
N GLY B 419 23.53 41.23 25.69
CA GLY B 419 22.35 42.00 26.08
C GLY B 419 21.41 42.21 24.90
N ASP B 420 21.04 41.12 24.22
CA ASP B 420 20.05 41.22 23.16
C ASP B 420 18.66 41.49 23.72
N PHE B 421 18.39 41.00 24.94
CA PHE B 421 17.11 41.27 25.58
C PHE B 421 16.92 42.77 25.81
N GLN B 422 18.00 43.46 26.20
CA GLN B 422 17.93 44.90 26.34
C GLN B 422 17.65 45.58 25.00
N LYS B 423 18.22 45.07 23.91
CA LYS B 423 17.91 45.62 22.60
C LYS B 423 16.43 45.47 22.28
N LEU B 424 15.87 44.28 22.56
CA LEU B 424 14.45 44.07 22.31
C LEU B 424 13.59 44.99 23.15
N ARG B 425 13.93 45.14 24.43
CA ARG B 425 13.19 46.05 25.30
C ARG B 425 13.27 47.49 24.82
N GLU B 426 14.45 47.93 24.39
CA GLU B 426 14.57 49.28 23.88
C GLU B 426 13.69 49.48 22.65
N LYS B 427 13.70 48.51 21.74
CA LYS B 427 12.84 48.63 20.56
C LYS B 427 11.38 48.66 20.95
N GLN B 428 10.98 47.81 21.90
CA GLN B 428 9.57 47.79 22.31
C GLN B 428 9.15 49.13 22.89
N GLN B 429 9.96 49.69 23.79
CA GLN B 429 9.62 50.98 24.37
C GLN B 429 9.59 52.08 23.31
N LEU B 430 10.51 52.02 22.35
CA LEU B 430 10.53 53.02 21.29
C LEU B 430 9.27 52.95 20.43
N GLU B 431 8.87 51.75 20.05
CA GLU B 431 7.67 51.62 19.22
C GLU B 431 6.40 51.93 20.01
N GLU B 432 6.42 51.77 21.33
CA GLU B 432 5.30 52.24 22.14
C GLU B 432 5.26 53.77 22.18
N ASP B 433 6.41 54.39 22.43
CA ASP B 433 6.47 55.84 22.60
C ASP B 433 6.14 56.56 21.30
N LEU B 434 6.54 55.99 20.16
CA LEU B 434 6.26 56.63 18.89
C LEU B 434 4.76 56.82 18.69
N LYS B 435 3.99 55.76 18.88
CA LYS B 435 2.54 55.90 18.75
C LYS B 435 1.97 56.75 19.87
N GLY B 436 2.53 56.66 21.07
CA GLY B 436 2.04 57.48 22.17
C GLY B 436 2.12 58.96 21.87
N TYR B 437 3.22 59.40 21.26
CA TYR B 437 3.39 60.80 20.92
C TYR B 437 2.64 61.17 19.64
N LEU B 438 2.49 60.23 18.72
CA LEU B 438 1.61 60.50 17.58
C LEU B 438 0.18 60.72 18.03
N ASP B 439 -0.23 60.12 19.16
CA ASP B 439 -1.54 60.47 19.73
C ASP B 439 -1.58 61.95 20.12
N TRP B 440 -0.53 62.43 20.78
CA TRP B 440 -0.46 63.86 21.11
C TRP B 440 -0.62 64.70 19.87
N ILE B 441 0.14 64.39 18.83
CA ILE B 441 0.12 65.22 17.62
C ILE B 441 -1.27 65.20 16.97
N THR B 442 -1.84 64.00 16.82
CA THR B 442 -3.13 63.91 16.13
C THR B 442 -4.23 64.58 16.93
N GLN B 443 -4.21 64.46 18.27
CA GLN B 443 -5.16 65.19 19.09
C GLN B 443 -4.90 66.68 19.08
N ALA B 444 -3.69 67.11 18.72
CA ALA B 444 -3.43 68.53 18.56
C ALA B 444 -4.02 69.07 17.26
N GLU B 445 -3.92 68.28 16.18
CA GLU B 445 -4.24 68.82 14.86
C GLU B 445 -5.69 69.26 14.75
N ASP B 446 -6.58 68.69 15.56
CA ASP B 446 -8.00 68.98 15.45
C ASP B 446 -8.41 70.31 16.08
N ILE B 447 -7.43 71.15 16.45
CA ILE B 447 -7.63 72.41 17.18
C ILE B 447 -8.74 72.31 18.23
N TRP B 509 -13.67 74.28 5.56
CA TRP B 509 -12.91 73.08 5.90
C TRP B 509 -13.05 72.72 7.36
N ASN B 510 -14.28 72.71 7.86
CA ASN B 510 -14.56 72.31 9.23
C ASN B 510 -14.45 70.80 9.35
N ARG B 511 -13.72 70.34 10.36
CA ARG B 511 -13.46 68.93 10.59
C ARG B 511 -13.78 68.56 12.03
N PHE B 512 -14.97 68.98 12.50
CA PHE B 512 -15.45 68.58 13.81
C PHE B 512 -15.76 67.10 13.91
N CYS B 513 -15.79 66.39 12.77
CA CYS B 513 -16.15 64.98 12.79
C CYS B 513 -15.05 64.12 13.41
N ARG B 514 -13.78 64.48 13.20
CA ARG B 514 -12.69 63.60 13.62
C ARG B 514 -12.57 63.55 15.13
N ARG B 515 -12.72 64.68 15.81
CA ARG B 515 -12.59 64.70 17.26
C ARG B 515 -13.66 63.86 17.96
N LYS B 516 -14.72 63.50 17.25
CA LYS B 516 -15.73 62.57 17.75
C LYS B 516 -15.48 61.14 17.26
N CYS B 517 -15.11 60.97 16.00
CA CYS B 517 -14.92 59.63 15.47
C CYS B 517 -13.71 58.95 16.10
N ARG B 518 -12.70 59.71 16.50
CA ARG B 518 -11.58 59.13 17.22
C ARG B 518 -12.03 58.53 18.55
N ALA B 519 -12.84 59.28 19.30
CA ALA B 519 -13.35 58.77 20.56
C ALA B 519 -14.27 57.57 20.33
N ALA B 520 -15.02 57.59 19.22
CA ALA B 520 -15.82 56.42 18.87
C ALA B 520 -14.93 55.21 18.61
N VAL B 521 -13.80 55.42 17.92
CA VAL B 521 -12.85 54.34 17.68
C VAL B 521 -12.35 53.77 19.00
N LYS B 522 -11.91 54.65 19.91
CA LYS B 522 -11.41 54.16 21.19
C LYS B 522 -12.50 53.57 22.06
N SER B 523 -13.76 53.95 21.84
CA SER B 523 -14.84 53.44 22.68
C SER B 523 -14.98 51.93 22.52
N ASN B 524 -15.30 51.26 23.62
CA ASN B 524 -15.38 49.82 23.60
C ASN B 524 -16.57 49.30 22.79
N VAL B 525 -17.60 50.12 22.60
CA VAL B 525 -18.76 49.66 21.83
C VAL B 525 -18.36 49.38 20.39
N PHE B 526 -17.57 50.28 19.80
CA PHE B 526 -17.10 50.06 18.44
C PHE B 526 -16.21 48.83 18.36
N TYR B 527 -15.33 48.66 19.35
CA TYR B 527 -14.45 47.50 19.34
C TYR B 527 -15.24 46.21 19.40
N TRP B 528 -16.25 46.15 20.26
CA TRP B 528 -17.04 44.94 20.34
C TRP B 528 -17.87 44.74 19.08
N LEU B 529 -18.30 45.82 18.44
CA LEU B 529 -19.00 45.68 17.16
C LEU B 529 -18.08 45.06 16.12
N VAL B 530 -16.83 45.53 16.04
CA VAL B 530 -15.90 45.00 15.04
C VAL B 530 -15.33 43.65 15.44
N ILE B 531 -15.58 43.21 16.67
CA ILE B 531 -15.32 41.82 17.03
C ILE B 531 -16.50 40.92 16.66
N PHE B 532 -17.73 41.39 16.87
CA PHE B 532 -18.89 40.63 16.46
C PHE B 532 -18.92 40.46 14.95
N LEU B 533 -18.47 41.47 14.21
CA LEU B 533 -18.37 41.32 12.76
C LEU B 533 -17.38 40.23 12.39
N VAL B 534 -16.24 40.16 13.10
CA VAL B 534 -15.28 39.09 12.85
C VAL B 534 -15.94 37.74 13.11
N PHE B 535 -16.74 37.65 14.18
CA PHE B 535 -17.39 36.39 14.48
C PHE B 535 -18.36 36.00 13.37
N LEU B 536 -19.11 36.96 12.83
CA LEU B 536 -19.97 36.67 11.70
C LEU B 536 -19.16 36.22 10.49
N ASN B 537 -18.00 36.82 10.26
CA ASN B 537 -17.14 36.39 9.17
C ASN B 537 -16.75 34.93 9.34
N THR B 538 -16.34 34.55 10.56
CA THR B 538 -15.99 33.17 10.83
C THR B 538 -17.18 32.24 10.61
N LEU B 539 -18.36 32.64 11.09
CA LEU B 539 -19.52 31.77 10.94
C LEU B 539 -19.94 31.61 9.49
N THR B 540 -19.69 32.63 8.65
CA THR B 540 -19.96 32.46 7.22
C THR B 540 -18.89 31.64 6.54
N ILE B 541 -17.67 31.62 7.08
CA ILE B 541 -16.64 30.76 6.51
C ILE B 541 -16.80 29.33 7.00
N ALA B 542 -16.99 29.15 8.31
CA ALA B 542 -17.12 27.81 8.86
C ALA B 542 -18.40 27.12 8.41
N SER B 543 -19.34 27.84 7.83
CA SER B 543 -20.57 27.18 7.42
C SER B 543 -20.40 26.36 6.20
N GLU B 544 -19.16 26.18 5.73
CA GLU B 544 -18.92 25.31 4.59
C GLU B 544 -19.40 23.90 4.92
N HIS B 545 -19.51 23.09 3.89
CA HIS B 545 -20.35 21.92 4.01
C HIS B 545 -20.18 21.13 2.72
N TYR B 546 -20.37 19.82 2.77
CA TYR B 546 -20.07 19.07 1.56
C TYR B 546 -21.04 19.44 0.45
N ASN B 547 -22.32 19.13 0.63
CA ASN B 547 -23.37 19.52 -0.30
C ASN B 547 -24.36 20.39 0.46
N GLN B 548 -24.00 21.62 0.62
CA GLN B 548 -24.84 22.56 1.33
C GLN B 548 -26.04 22.95 0.46
N PRO B 549 -27.17 23.28 1.08
CA PRO B 549 -28.33 23.69 0.29
C PRO B 549 -28.00 24.93 -0.51
N ASN B 550 -28.63 25.03 -1.69
CA ASN B 550 -28.28 26.12 -2.61
C ASN B 550 -28.54 27.48 -2.00
N TRP B 551 -29.45 27.58 -1.04
CA TRP B 551 -29.64 28.87 -0.38
C TRP B 551 -28.43 29.25 0.47
N LEU B 552 -27.76 28.26 1.07
CA LEU B 552 -26.59 28.58 1.88
C LEU B 552 -25.47 29.16 1.05
N THR B 553 -25.32 28.73 -0.20
CA THR B 553 -24.26 29.28 -1.03
C THR B 553 -24.46 30.77 -1.26
N GLU B 554 -25.70 31.17 -1.60
CA GLU B 554 -25.94 32.59 -1.82
C GLU B 554 -25.88 33.36 -0.50
N VAL B 555 -26.29 32.75 0.61
CA VAL B 555 -26.14 33.40 1.90
C VAL B 555 -24.67 33.69 2.18
N GLN B 556 -23.81 32.70 1.94
CA GLN B 556 -22.39 32.89 2.18
C GLN B 556 -21.80 33.94 1.25
N ASP B 557 -22.23 33.97 -0.01
CA ASP B 557 -21.70 34.96 -0.94
C ASP B 557 -22.09 36.37 -0.53
N THR B 558 -23.37 36.60 -0.24
CA THR B 558 -23.79 37.95 0.11
C THR B 558 -23.24 38.37 1.47
N ALA B 559 -23.20 37.44 2.44
CA ALA B 559 -22.64 37.75 3.75
C ALA B 559 -21.12 37.82 3.72
N ASN B 560 -20.48 37.40 2.62
CA ASN B 560 -19.06 37.68 2.46
C ASN B 560 -18.85 39.07 1.87
N LYS B 561 -19.64 39.42 0.86
CA LYS B 561 -19.53 40.75 0.27
C LYS B 561 -19.82 41.83 1.30
N ALA B 562 -20.88 41.64 2.10
CA ALA B 562 -21.26 42.65 3.07
C ALA B 562 -20.18 42.84 4.14
N LEU B 563 -19.66 41.74 4.68
CA LEU B 563 -18.61 41.85 5.68
C LEU B 563 -17.34 42.44 5.11
N LEU B 564 -16.99 42.11 3.86
CA LEU B 564 -15.83 42.75 3.25
C LEU B 564 -16.02 44.25 3.11
N ALA B 565 -17.21 44.67 2.67
CA ALA B 565 -17.46 46.10 2.53
C ALA B 565 -17.40 46.81 3.87
N LEU B 566 -18.01 46.23 4.91
CA LEU B 566 -17.95 46.85 6.23
C LEU B 566 -16.53 46.90 6.76
N PHE B 567 -15.76 45.84 6.54
CA PHE B 567 -14.40 45.82 7.08
C PHE B 567 -13.52 46.83 6.36
N THR B 568 -13.77 47.05 5.06
CA THR B 568 -13.10 48.14 4.37
C THR B 568 -13.55 49.50 4.91
N ALA B 569 -14.83 49.61 5.28
CA ALA B 569 -15.33 50.85 5.85
C ALA B 569 -14.59 51.20 7.14
N GLU B 570 -14.45 50.23 8.04
CA GLU B 570 -13.67 50.47 9.25
C GLU B 570 -12.16 50.31 9.05
N MET B 571 -11.72 49.99 7.83
CA MET B 571 -10.33 50.22 7.45
C MET B 571 -10.07 51.69 7.22
N LEU B 572 -10.85 52.30 6.33
CA LEU B 572 -10.66 53.71 6.01
C LEU B 572 -11.02 54.62 7.18
N LEU B 573 -12.07 54.27 7.93
CA LEU B 573 -12.42 55.07 9.10
C LEU B 573 -11.28 55.08 10.11
N LYS B 574 -10.66 53.92 10.35
CA LYS B 574 -9.52 53.87 11.25
C LYS B 574 -8.32 54.62 10.68
N MET B 575 -8.08 54.52 9.37
CA MET B 575 -6.97 55.27 8.80
C MET B 575 -7.14 56.77 8.94
N TYR B 576 -8.34 57.28 8.71
CA TYR B 576 -8.54 58.72 8.67
C TYR B 576 -8.83 59.33 10.04
N SER B 577 -9.33 58.54 10.98
CA SER B 577 -9.50 59.05 12.34
C SER B 577 -8.16 59.19 13.04
N LEU B 578 -7.17 58.42 12.61
CA LEU B 578 -5.79 58.53 13.05
C LEU B 578 -4.95 59.06 11.89
N GLY B 579 -3.64 59.05 12.08
CA GLY B 579 -2.73 59.38 10.99
C GLY B 579 -2.29 58.14 10.26
N LEU B 580 -2.32 58.21 8.93
CA LEU B 580 -1.85 57.10 8.11
C LEU B 580 -0.43 56.70 8.51
N GLN B 581 0.47 57.69 8.57
CA GLN B 581 1.85 57.44 8.98
C GLN B 581 1.94 56.98 10.43
N ALA B 582 0.87 57.16 11.20
CA ALA B 582 0.77 56.62 12.54
C ALA B 582 -0.03 55.32 12.61
N TYR B 583 -1.05 55.19 11.78
CA TYR B 583 -1.85 53.96 11.77
C TYR B 583 -1.06 52.78 11.22
N PHE B 584 -0.10 53.03 10.34
CA PHE B 584 0.74 51.94 9.86
C PHE B 584 1.87 51.59 10.82
N VAL B 585 2.03 52.33 11.90
CA VAL B 585 3.08 52.03 12.87
C VAL B 585 2.84 50.66 13.50
N SER B 586 1.62 50.41 13.94
CA SER B 586 1.31 49.17 14.64
C SER B 586 1.39 47.99 13.67
N LEU B 587 2.01 46.91 14.14
CA LEU B 587 2.12 45.70 13.32
C LEU B 587 0.73 45.13 13.03
N PHE B 588 -0.15 45.16 14.03
CA PHE B 588 -1.47 44.58 13.86
C PHE B 588 -2.27 45.30 12.77
N ASN B 589 -2.18 46.63 12.73
CA ASN B 589 -2.92 47.37 11.72
C ASN B 589 -2.30 47.18 10.34
N ARG B 590 -0.98 47.03 10.28
CA ARG B 590 -0.36 46.70 9.01
C ARG B 590 -0.82 45.35 8.50
N PHE B 591 -1.06 44.39 9.41
CA PHE B 591 -1.62 43.10 9.01
C PHE B 591 -3.07 43.23 8.58
N ASP B 592 -3.84 44.05 9.29
CA ASP B 592 -5.26 44.21 8.96
C ASP B 592 -5.44 44.86 7.59
N CYS B 593 -4.62 45.86 7.29
CA CYS B 593 -4.66 46.45 5.96
C CYS B 593 -4.36 45.41 4.90
N PHE B 594 -3.41 44.52 5.18
CA PHE B 594 -3.11 43.44 4.23
C PHE B 594 -4.31 42.54 4.02
N VAL B 595 -4.99 42.16 5.10
CA VAL B 595 -6.08 41.20 4.94
C VAL B 595 -7.25 41.83 4.20
N VAL B 596 -7.55 43.11 4.46
CA VAL B 596 -8.64 43.72 3.73
C VAL B 596 -8.26 44.00 2.27
N CYS B 597 -6.99 44.29 2.00
CA CYS B 597 -6.55 44.39 0.62
C CYS B 597 -6.66 43.06 -0.09
N GLY B 598 -6.35 41.97 0.61
CA GLY B 598 -6.57 40.65 0.05
C GLY B 598 -8.03 40.39 -0.23
N GLY B 599 -8.91 40.90 0.63
CA GLY B 599 -10.34 40.80 0.36
C GLY B 599 -10.76 41.53 -0.89
N ILE B 600 -10.22 42.75 -1.08
CA ILE B 600 -10.52 43.51 -2.29
C ILE B 600 -10.01 42.79 -3.53
N LEU B 601 -8.80 42.24 -3.45
CA LEU B 601 -8.27 41.44 -4.56
C LEU B 601 -9.14 40.22 -4.82
N GLU B 602 -9.68 39.63 -3.75
CA GLU B 602 -10.61 38.51 -3.90
C GLU B 602 -11.83 38.94 -4.69
N THR B 603 -12.39 40.11 -4.34
CA THR B 603 -13.55 40.61 -5.07
C THR B 603 -13.21 40.81 -6.55
N ILE B 604 -12.04 41.40 -6.82
CA ILE B 604 -11.65 41.64 -8.21
C ILE B 604 -11.58 40.33 -8.97
N LEU B 605 -10.87 39.34 -8.42
CA LEU B 605 -10.69 38.08 -9.14
C LEU B 605 -12.00 37.32 -9.31
N VAL B 606 -12.83 37.27 -8.28
CA VAL B 606 -14.06 36.49 -8.40
C VAL B 606 -15.06 37.18 -9.31
N GLU B 607 -15.10 38.52 -9.32
CA GLU B 607 -16.04 39.22 -10.17
C GLU B 607 -15.56 39.32 -11.61
N THR B 608 -14.26 39.21 -11.86
CA THR B 608 -13.75 39.10 -13.21
C THR B 608 -13.72 37.64 -13.70
N LYS B 609 -13.92 36.68 -12.79
CA LYS B 609 -14.04 35.25 -13.10
C LYS B 609 -12.76 34.66 -13.66
N ILE B 610 -11.60 35.24 -13.34
CA ILE B 610 -10.32 34.66 -13.71
C ILE B 610 -9.64 33.97 -12.53
N MET B 611 -10.44 33.54 -11.55
CA MET B 611 -9.95 33.04 -10.27
C MET B 611 -9.70 31.54 -10.34
N SER B 612 -8.64 31.10 -9.67
CA SER B 612 -8.06 29.77 -9.81
C SER B 612 -8.04 29.04 -8.47
N PRO B 613 -7.91 27.71 -8.47
CA PRO B 613 -7.86 26.98 -7.19
C PRO B 613 -6.81 27.49 -6.22
N LEU B 614 -5.65 27.90 -6.71
CA LEU B 614 -4.70 28.58 -5.84
C LEU B 614 -5.31 29.86 -5.28
N GLY B 615 -6.11 30.56 -6.08
CA GLY B 615 -6.82 31.72 -5.56
C GLY B 615 -7.83 31.36 -4.50
N ILE B 616 -8.70 30.39 -4.78
CA ILE B 616 -9.69 29.97 -3.79
C ILE B 616 -9.03 29.44 -2.54
N SER B 617 -7.75 29.10 -2.62
CA SER B 617 -6.99 28.74 -1.44
C SER B 617 -6.51 29.97 -0.69
N VAL B 618 -5.67 30.78 -1.33
CA VAL B 618 -4.96 31.84 -0.61
C VAL B 618 -5.92 32.96 -0.19
N LEU B 619 -6.89 33.29 -1.04
CA LEU B 619 -7.81 34.38 -0.74
C LEU B 619 -8.70 34.04 0.45
N ARG B 620 -9.32 32.86 0.42
CA ARG B 620 -10.06 32.42 1.58
C ARG B 620 -9.16 32.25 2.78
N CYS B 621 -7.89 31.89 2.56
CA CYS B 621 -6.96 31.77 3.68
C CYS B 621 -6.80 33.10 4.39
N VAL B 622 -6.52 34.17 3.64
CA VAL B 622 -6.40 35.46 4.27
C VAL B 622 -7.73 35.88 4.89
N ARG B 623 -8.86 35.47 4.30
CA ARG B 623 -10.14 35.75 4.93
C ARG B 623 -10.22 35.11 6.31
N LEU B 624 -9.74 33.88 6.44
CA LEU B 624 -9.66 33.26 7.77
C LEU B 624 -8.73 34.04 8.69
N LEU B 625 -7.55 34.41 8.20
CA LEU B 625 -6.59 35.11 9.04
C LEU B 625 -7.17 36.31 9.76
N ARG B 626 -8.30 36.83 9.29
CA ARG B 626 -8.94 37.96 9.93
C ARG B 626 -9.52 37.60 11.30
N ILE B 627 -9.57 36.32 11.65
CA ILE B 627 -9.93 35.92 13.01
C ILE B 627 -8.89 36.39 14.03
N PHE B 628 -7.65 36.63 13.61
CA PHE B 628 -6.65 37.23 14.47
C PHE B 628 -7.03 38.61 15.00
N LYS B 629 -8.07 39.24 14.44
CA LYS B 629 -8.57 40.44 15.08
C LYS B 629 -8.96 40.25 16.55
N ILE B 630 -9.40 39.05 16.91
CA ILE B 630 -9.36 38.64 18.29
C ILE B 630 -7.89 38.36 18.68
N THR B 631 -7.65 38.23 19.98
CA THR B 631 -6.31 37.96 20.52
C THR B 631 -5.36 39.13 20.21
N ARG B 632 -5.72 40.29 20.73
CA ARG B 632 -4.84 41.45 20.64
C ARG B 632 -4.71 42.11 22.01
N TYR B 633 -5.77 42.03 22.83
CA TYR B 633 -5.62 42.32 24.26
C TYR B 633 -4.55 41.46 24.90
N TRP B 634 -4.66 40.14 24.74
CA TRP B 634 -3.74 39.22 25.38
C TRP B 634 -2.29 39.63 25.14
N ASN B 635 -1.56 39.82 26.22
CA ASN B 635 -0.30 40.53 26.22
C ASN B 635 0.91 39.61 26.25
N SER B 636 0.81 38.47 26.92
CA SER B 636 1.91 37.51 26.90
C SER B 636 2.18 37.04 25.48
N LEU B 637 1.12 36.69 24.74
CA LEU B 637 1.31 36.30 23.35
C LEU B 637 1.72 37.49 22.49
N SER B 638 1.33 38.70 22.86
CA SER B 638 1.81 39.87 22.14
C SER B 638 3.32 40.00 22.26
N ASN B 639 3.85 39.84 23.47
CA ASN B 639 5.29 39.87 23.65
C ASN B 639 5.95 38.70 22.93
N LEU B 640 5.30 37.54 22.95
CA LEU B 640 5.84 36.38 22.23
C LEU B 640 5.98 36.67 20.75
N VAL B 641 4.95 37.26 20.14
CA VAL B 641 5.01 37.57 18.72
C VAL B 641 6.03 38.66 18.44
N ALA B 642 6.15 39.63 19.36
CA ALA B 642 7.19 40.65 19.20
C ALA B 642 8.57 40.02 19.18
N SER B 643 8.83 39.07 20.08
CA SER B 643 10.12 38.40 20.10
C SER B 643 10.34 37.56 18.86
N LEU B 644 9.31 36.81 18.43
CA LEU B 644 9.42 36.03 17.20
C LEU B 644 9.81 36.92 16.03
N LEU B 645 9.13 38.06 15.87
CA LEU B 645 9.46 38.95 14.77
C LEU B 645 10.81 39.64 14.95
N ASN B 646 11.29 39.76 16.19
CA ASN B 646 12.64 40.28 16.39
C ASN B 646 13.68 39.30 15.89
N SER B 647 13.56 38.04 16.28
CA SER B 647 14.58 37.03 16.03
C SER B 647 14.27 36.20 14.79
N VAL B 648 13.66 36.82 13.77
CA VAL B 648 13.33 36.07 12.56
C VAL B 648 14.58 35.75 11.76
N ARG B 649 15.63 36.55 11.91
CA ARG B 649 16.87 36.26 11.19
C ARG B 649 17.49 34.94 11.64
N SER B 650 17.20 34.50 12.86
CA SER B 650 17.71 33.22 13.34
C SER B 650 16.73 32.07 13.16
N ILE B 651 15.43 32.33 13.25
CA ILE B 651 14.46 31.30 12.89
C ILE B 651 14.62 30.91 11.43
N ALA B 652 14.81 31.90 10.56
CA ALA B 652 15.00 31.60 9.15
C ALA B 652 16.27 30.79 8.93
N SER B 653 17.36 31.14 9.62
CA SER B 653 18.60 30.40 9.46
C SER B 653 18.45 28.96 9.94
N LEU B 654 17.83 28.76 11.10
CA LEU B 654 17.64 27.41 11.62
C LEU B 654 16.79 26.58 10.67
N LEU B 655 15.67 27.13 10.21
CA LEU B 655 14.80 26.39 9.31
C LEU B 655 15.50 26.10 7.99
N LEU B 656 16.34 27.02 7.53
CA LEU B 656 17.02 26.80 6.26
C LEU B 656 18.08 25.71 6.39
N LEU B 657 18.77 25.67 7.53
CA LEU B 657 19.71 24.57 7.77
C LEU B 657 19.00 23.24 7.86
N LEU B 658 17.85 23.19 8.53
CA LEU B 658 17.03 21.98 8.50
C LEU B 658 16.66 21.59 7.08
N PHE B 659 16.29 22.57 6.26
CA PHE B 659 15.90 22.27 4.90
C PHE B 659 17.07 21.70 4.11
N LEU B 660 18.27 22.22 4.32
CA LEU B 660 19.43 21.63 3.66
C LEU B 660 19.69 20.21 4.12
N PHE B 661 19.51 19.94 5.42
CA PHE B 661 19.67 18.56 5.87
C PHE B 661 18.67 17.65 5.17
N ILE B 662 17.43 18.09 5.04
CA ILE B 662 16.42 17.26 4.38
C ILE B 662 16.75 17.10 2.90
N ILE B 663 17.26 18.15 2.25
CA ILE B 663 17.62 18.03 0.84
C ILE B 663 18.74 17.04 0.64
N ILE B 664 19.75 17.05 1.51
CA ILE B 664 20.82 16.07 1.37
C ILE B 664 20.27 14.65 1.58
N PHE B 665 19.48 14.47 2.62
CA PHE B 665 19.00 13.11 2.84
C PHE B 665 17.93 12.71 1.88
N SER B 666 17.46 13.59 1.02
CA SER B 666 16.59 13.22 -0.08
C SER B 666 17.31 12.98 -1.38
N LEU B 667 18.35 13.74 -1.69
CA LEU B 667 19.18 13.41 -2.84
C LEU B 667 19.86 12.07 -2.66
N LEU B 668 20.40 11.80 -1.47
CA LEU B 668 20.95 10.49 -1.21
C LEU B 668 19.88 9.42 -1.28
N GLY B 669 18.66 9.76 -0.87
CA GLY B 669 17.56 8.83 -0.99
C GLY B 669 17.28 8.43 -2.42
N MET B 670 17.23 9.42 -3.32
CA MET B 670 17.03 9.07 -4.72
C MET B 670 18.21 8.29 -5.26
N GLN B 671 19.43 8.64 -4.84
CA GLN B 671 20.60 7.92 -5.34
C GLN B 671 20.58 6.45 -4.96
N LEU B 672 20.20 6.14 -3.71
CA LEU B 672 20.21 4.75 -3.28
C LEU B 672 18.95 3.98 -3.67
N PHE B 673 17.78 4.58 -3.56
CA PHE B 673 16.52 3.86 -3.75
C PHE B 673 15.71 4.40 -4.92
N GLY B 674 16.36 5.06 -5.87
CA GLY B 674 15.65 5.56 -7.02
C GLY B 674 15.25 4.44 -7.97
N GLY B 675 13.95 4.23 -8.11
CA GLY B 675 13.46 3.20 -9.01
C GLY B 675 13.78 1.79 -8.60
N LYS B 676 14.23 1.57 -7.36
CA LYS B 676 14.49 0.23 -6.87
C LYS B 676 13.31 -0.34 -6.11
N PHE B 677 12.20 0.38 -6.06
CA PHE B 677 11.03 -0.04 -5.28
C PHE B 677 10.03 -0.81 -6.11
N ASN B 678 10.36 -1.16 -7.35
CA ASN B 678 9.43 -1.86 -8.22
C ASN B 678 9.43 -3.34 -7.85
N PHE B 679 8.48 -3.74 -7.03
CA PHE B 679 8.24 -5.14 -6.70
C PHE B 679 6.96 -5.59 -7.38
N ASP B 680 6.94 -6.85 -7.82
CA ASP B 680 5.86 -7.32 -8.68
C ASP B 680 4.51 -7.26 -7.98
N GLU B 681 4.50 -7.18 -6.65
CA GLU B 681 3.26 -6.99 -5.91
C GLU B 681 2.58 -5.69 -6.36
N MET B 682 1.28 -5.60 -6.08
CA MET B 682 0.52 -4.41 -6.45
C MET B 682 1.20 -3.14 -5.93
N GLN B 683 1.06 -2.07 -6.69
CA GLN B 683 1.78 -0.84 -6.37
C GLN B 683 1.17 -0.18 -5.13
N THR B 684 1.37 -0.79 -3.98
CA THR B 684 1.01 -0.19 -2.70
C THR B 684 2.09 0.74 -2.18
N ARG B 685 3.25 0.77 -2.83
CA ARG B 685 4.35 1.64 -2.44
C ARG B 685 4.05 3.04 -2.97
N ARG B 686 3.23 3.77 -2.22
CA ARG B 686 3.04 5.17 -2.56
C ARG B 686 4.26 5.99 -2.17
N SER B 687 4.88 5.66 -1.04
CA SER B 687 5.98 6.45 -0.50
C SER B 687 7.32 5.91 -1.00
N THR B 688 7.50 6.03 -2.31
CA THR B 688 8.72 5.61 -2.96
C THR B 688 9.76 6.73 -2.89
N PHE B 689 10.84 6.58 -3.65
CA PHE B 689 11.89 7.58 -3.73
C PHE B 689 12.13 8.02 -5.16
N ASP B 690 11.12 7.90 -6.02
CA ASP B 690 11.38 7.97 -7.46
C ASP B 690 11.90 9.32 -7.91
N ASN B 691 11.09 10.37 -7.84
CA ASN B 691 11.54 11.70 -8.24
C ASN B 691 11.69 12.58 -7.00
N PHE B 692 12.17 13.80 -7.22
CA PHE B 692 12.52 14.66 -6.08
C PHE B 692 11.33 15.04 -5.21
N PRO B 693 10.21 15.54 -5.73
CA PRO B 693 9.08 15.84 -4.84
C PRO B 693 8.54 14.62 -4.12
N GLN B 694 8.55 13.45 -4.74
CA GLN B 694 8.12 12.23 -4.05
C GLN B 694 9.21 11.69 -3.14
N SER B 695 10.44 12.18 -3.27
CA SER B 695 11.48 11.83 -2.32
C SER B 695 11.43 12.71 -1.08
N LEU B 696 11.07 13.98 -1.24
CA LEU B 696 10.95 14.87 -0.09
C LEU B 696 9.82 14.44 0.83
N LEU B 697 8.69 14.02 0.26
CA LEU B 697 7.60 13.53 1.08
C LEU B 697 7.99 12.27 1.85
N THR B 698 8.74 11.38 1.21
CA THR B 698 9.17 10.16 1.90
C THR B 698 10.17 10.47 3.00
N VAL B 699 11.13 11.36 2.75
CA VAL B 699 12.10 11.71 3.78
C VAL B 699 11.40 12.42 4.93
N PHE B 700 10.42 13.26 4.63
CA PHE B 700 9.67 13.91 5.69
C PHE B 700 8.87 12.90 6.49
N GLN B 701 8.29 11.91 5.83
CA GLN B 701 7.54 10.89 6.54
C GLN B 701 8.44 10.06 7.44
N ILE B 702 9.63 9.74 6.98
CA ILE B 702 10.60 9.08 7.85
C ILE B 702 10.95 9.98 9.03
N LEU B 703 11.16 11.26 8.76
CA LEU B 703 11.56 12.20 9.79
C LEU B 703 10.54 12.25 10.91
N THR B 704 9.26 12.46 10.57
CA THR B 704 8.22 12.39 11.57
C THR B 704 7.98 10.98 12.06
N GLY B 705 8.55 9.98 11.41
CA GLY B 705 8.47 8.62 11.88
C GLY B 705 7.08 8.06 11.90
N GLU B 706 6.45 7.94 10.73
CA GLU B 706 5.14 7.32 10.62
C GLU B 706 5.19 5.87 10.16
N ASP B 707 5.71 5.63 8.97
CA ASP B 707 5.87 4.28 8.45
C ASP B 707 7.33 3.98 8.21
N TRP B 708 8.20 4.60 9.01
CA TRP B 708 9.62 4.30 9.01
C TRP B 708 9.92 2.82 8.83
N ASN B 709 9.16 1.94 9.47
CA ASN B 709 9.29 0.52 9.18
C ASN B 709 9.14 0.21 7.71
N SER B 710 7.94 0.42 7.17
CA SER B 710 7.65 -0.05 5.83
C SER B 710 8.57 0.60 4.81
N VAL B 711 8.89 1.88 5.01
CA VAL B 711 9.84 2.56 4.13
C VAL B 711 11.25 2.01 4.31
N MET B 712 11.51 1.25 5.37
CA MET B 712 12.79 0.58 5.52
C MET B 712 12.75 -0.87 5.11
N TYR B 713 11.62 -1.54 5.25
CA TYR B 713 11.52 -2.91 4.75
C TYR B 713 11.48 -2.93 3.24
N ASP B 714 10.89 -1.92 2.61
CA ASP B 714 10.97 -1.80 1.17
C ASP B 714 12.37 -1.40 0.73
N GLY B 715 13.04 -0.55 1.52
CA GLY B 715 14.40 -0.20 1.21
C GLY B 715 15.34 -1.38 1.32
N ILE B 716 15.04 -2.31 2.22
CA ILE B 716 15.87 -3.50 2.39
C ILE B 716 15.60 -4.50 1.27
N MET B 717 14.35 -4.88 1.11
CA MET B 717 13.97 -5.95 0.19
C MET B 717 14.31 -5.55 -1.24
N ALA B 718 14.65 -4.27 -1.44
CA ALA B 718 15.15 -3.82 -2.73
C ALA B 718 16.58 -4.26 -2.94
N TYR B 719 17.40 -4.24 -1.89
CA TYR B 719 18.79 -4.68 -1.99
C TYR B 719 18.93 -6.15 -1.63
N GLY B 720 18.12 -7.01 -2.23
CA GLY B 720 18.08 -8.39 -1.81
C GLY B 720 17.38 -8.49 -0.47
N GLY B 721 17.09 -9.69 -0.01
CA GLY B 721 16.42 -9.84 1.27
C GLY B 721 17.32 -9.49 2.42
N PRO B 722 17.04 -10.04 3.59
CA PRO B 722 17.95 -9.85 4.72
C PRO B 722 19.25 -10.65 4.52
N SER B 723 20.34 -9.96 4.20
CA SER B 723 21.62 -10.62 4.02
C SER B 723 22.68 -9.72 4.64
N PHE B 724 23.95 -10.04 4.39
CA PHE B 724 24.97 -9.17 4.94
C PHE B 724 25.19 -7.91 4.10
N PRO B 725 25.47 -8.02 2.78
CA PRO B 725 25.69 -6.79 2.00
C PRO B 725 24.43 -5.96 1.94
N GLY B 726 23.33 -6.59 1.50
CA GLY B 726 22.03 -6.02 1.69
C GLY B 726 21.73 -5.88 3.17
N MET B 727 20.65 -5.18 3.47
CA MET B 727 20.23 -4.90 4.85
C MET B 727 21.28 -4.13 5.63
N LEU B 728 22.35 -3.66 4.98
CA LEU B 728 23.12 -2.53 5.48
C LEU B 728 22.54 -1.22 5.00
N VAL B 729 21.35 -1.25 4.40
CA VAL B 729 20.59 -0.05 4.11
C VAL B 729 19.64 0.28 5.26
N CYS B 730 19.83 -0.35 6.42
CA CYS B 730 19.29 0.16 7.66
C CYS B 730 20.09 1.33 8.19
N ILE B 731 21.37 1.43 7.82
CA ILE B 731 22.17 2.56 8.27
C ILE B 731 21.55 3.86 7.81
N TYR B 732 21.01 3.89 6.59
CA TYR B 732 20.41 5.11 6.08
C TYR B 732 19.19 5.50 6.90
N PHE B 733 18.25 4.58 7.09
CA PHE B 733 17.01 4.89 7.80
C PHE B 733 17.21 5.01 9.30
N ILE B 734 18.39 4.68 9.82
CA ILE B 734 18.68 4.87 11.23
C ILE B 734 19.46 6.16 11.47
N ILE B 735 20.46 6.47 10.65
CA ILE B 735 21.07 7.79 10.70
C ILE B 735 20.03 8.86 10.46
N LEU B 736 19.12 8.63 9.52
CA LEU B 736 18.08 9.60 9.25
C LEU B 736 17.19 9.80 10.48
N PHE B 737 16.67 8.73 11.04
CA PHE B 737 15.74 8.89 12.16
C PHE B 737 16.43 9.36 13.43
N ILE B 738 17.73 9.15 13.57
CA ILE B 738 18.45 9.66 14.73
C ILE B 738 18.74 11.14 14.55
N CYS B 739 19.54 11.47 13.53
CA CYS B 739 20.03 12.82 13.35
C CYS B 739 19.07 13.70 12.59
N GLY B 740 17.84 13.26 12.37
CA GLY B 740 16.82 14.15 11.88
C GLY B 740 15.86 14.54 12.98
N ASN B 741 15.47 13.58 13.82
CA ASN B 741 14.69 13.95 14.99
C ASN B 741 15.50 14.72 16.00
N TYR B 742 16.80 14.43 16.15
CA TYR B 742 17.59 15.26 17.05
C TYR B 742 17.62 16.69 16.56
N ILE B 743 17.84 16.89 15.25
CA ILE B 743 17.95 18.26 14.75
C ILE B 743 16.59 18.94 14.77
N LEU B 744 15.51 18.19 14.58
CA LEU B 744 14.17 18.75 14.72
C LEU B 744 13.94 19.25 16.13
N LEU B 745 14.24 18.42 17.11
CA LEU B 745 14.03 18.82 18.51
C LEU B 745 14.91 19.99 18.87
N ASN B 746 16.18 19.98 18.45
CA ASN B 746 17.07 21.09 18.74
C ASN B 746 16.57 22.39 18.12
N VAL B 747 16.24 22.35 16.83
CA VAL B 747 15.77 23.56 16.16
C VAL B 747 14.52 24.10 16.84
N PHE B 748 13.52 23.24 17.04
CA PHE B 748 12.21 23.69 17.49
C PHE B 748 12.12 23.83 19.00
N LEU B 749 13.19 23.51 19.74
CA LEU B 749 13.26 23.93 21.13
C LEU B 749 14.12 25.17 21.34
N ALA B 750 15.21 25.33 20.59
CA ALA B 750 15.94 26.58 20.64
C ALA B 750 15.04 27.74 20.23
N ILE B 751 14.30 27.56 19.13
CA ILE B 751 13.37 28.59 18.68
C ILE B 751 12.31 28.86 19.74
N ALA B 752 11.81 27.81 20.36
CA ALA B 752 10.64 27.93 21.22
C ALA B 752 10.97 28.21 22.66
N VAL B 753 12.25 28.25 23.03
CA VAL B 753 12.66 28.62 24.39
C VAL B 753 13.43 29.94 24.39
N ASP B 754 14.37 30.10 23.47
CA ASP B 754 15.07 31.37 23.40
C ASP B 754 14.18 32.52 22.94
N ASN B 755 12.98 32.21 22.44
CA ASN B 755 12.00 33.24 22.10
C ASN B 755 10.82 33.27 23.04
N LEU B 756 10.71 32.29 23.93
CA LEU B 756 9.61 32.24 24.89
C LEU B 756 10.08 32.43 26.31
N ALA B 757 11.38 32.55 26.53
CA ALA B 757 11.91 32.98 27.81
C ALA B 757 12.37 34.42 27.81
N ASP B 758 12.68 34.95 26.62
CA ASP B 758 12.93 36.38 26.50
C ASP B 758 11.63 37.15 26.31
N ALA B 759 10.64 36.55 25.65
CA ALA B 759 9.35 37.20 25.49
C ALA B 759 8.45 37.07 26.70
N GLU B 760 8.87 36.30 27.71
CA GLU B 760 8.25 36.39 29.02
C GLU B 760 8.99 37.37 29.91
N SER B 761 10.27 37.62 29.63
CA SER B 761 10.98 38.70 30.29
C SER B 761 10.41 40.05 29.93
N LEU B 762 10.02 40.25 28.66
CA LEU B 762 9.27 41.45 28.29
C LEU B 762 8.07 41.66 29.18
N THR B 763 7.26 40.62 29.37
CA THR B 763 6.07 40.75 30.19
C THR B 763 6.45 41.07 31.64
N SER B 764 7.34 40.27 32.22
CA SER B 764 7.71 40.48 33.61
C SER B 764 8.43 41.80 33.85
N ALA B 765 8.93 42.46 32.80
CA ALA B 765 9.61 43.73 32.95
C ALA B 765 8.80 44.92 32.48
N GLN B 766 7.68 44.71 31.80
CA GLN B 766 6.83 45.84 31.44
C GLN B 766 5.52 45.91 32.19
N LYS B 767 4.89 44.77 32.52
CA LYS B 767 3.69 44.86 33.34
C LYS B 767 4.04 45.30 34.76
N GLU B 768 5.14 44.75 35.29
CA GLU B 768 5.71 45.27 36.52
C GLU B 768 5.98 46.76 36.42
N GLU B 769 6.66 47.19 35.35
CA GLU B 769 7.03 48.59 35.22
C GLU B 769 5.80 49.48 35.14
N GLU B 770 4.76 49.05 34.43
CA GLU B 770 3.58 49.88 34.28
C GLU B 770 2.80 49.98 35.58
N GLU B 771 2.66 48.87 36.32
CA GLU B 771 1.96 48.95 37.60
C GLU B 771 2.76 49.81 38.58
N GLU B 772 4.08 49.70 38.56
CA GLU B 772 4.89 50.58 39.40
C GLU B 772 4.73 52.04 38.98
N LYS B 773 4.63 52.29 37.67
CA LYS B 773 4.40 53.64 37.18
C LYS B 773 3.12 54.21 37.75
N GLU B 774 2.02 53.47 37.60
CA GLU B 774 0.74 53.99 38.08
C GLU B 774 0.72 54.13 39.59
N ARG B 775 1.38 53.21 40.31
CA ARG B 775 1.42 53.33 41.77
C ARG B 775 2.23 54.54 42.20
N LYS B 776 3.37 54.79 41.56
CA LYS B 776 4.20 55.93 41.95
C LYS B 776 3.55 57.24 41.55
N LYS B 777 2.74 57.25 40.49
CA LYS B 777 1.97 58.44 40.19
C LYS B 777 0.97 58.73 41.30
N LEU B 778 0.33 57.71 41.84
CA LEU B 778 -0.66 57.90 42.89
C LEU B 778 0.01 57.99 44.25
N PHE B 889 -32.01 21.44 64.45
CA PHE B 889 -30.94 20.46 64.48
C PHE B 889 -30.38 20.29 65.89
N ARG B 890 -29.09 19.98 65.99
CA ARG B 890 -28.44 19.80 67.28
C ARG B 890 -26.95 20.09 67.14
N LEU B 891 -26.41 20.88 68.07
CA LEU B 891 -24.97 21.09 68.20
C LEU B 891 -24.60 20.86 69.67
N GLN B 892 -24.46 19.59 70.05
CA GLN B 892 -24.17 19.17 71.42
C GLN B 892 -23.62 17.75 71.45
N CYS B 893 -22.55 17.52 72.20
CA CYS B 893 -22.00 16.18 72.43
C CYS B 893 -21.69 15.48 71.10
N HIS B 894 -21.03 16.20 70.20
CA HIS B 894 -20.65 15.63 68.92
C HIS B 894 -19.55 14.60 69.10
N ARG B 895 -19.14 14.00 67.98
CA ARG B 895 -17.96 13.12 67.97
C ARG B 895 -17.20 13.37 66.67
N ILE B 896 -16.27 14.31 66.72
CA ILE B 896 -15.25 14.47 65.69
C ILE B 896 -13.96 13.76 66.09
N VAL B 897 -14.04 12.88 67.09
CA VAL B 897 -12.86 12.17 67.57
C VAL B 897 -12.43 11.13 66.53
N ASN B 898 -11.18 10.69 66.65
CA ASN B 898 -10.63 9.61 65.84
C ASN B 898 -10.63 9.95 64.35
N ASP B 899 -10.39 11.22 64.02
CA ASP B 899 -10.23 11.59 62.63
C ASP B 899 -8.86 11.22 62.07
N THR B 900 -8.09 10.41 62.79
CA THR B 900 -6.83 9.89 62.30
C THR B 900 -6.88 8.40 61.94
N ILE B 901 -7.97 7.71 62.27
CA ILE B 901 -8.18 6.34 61.85
C ILE B 901 -9.17 6.27 60.69
N PHE B 902 -10.17 7.15 60.67
CA PHE B 902 -11.02 7.26 59.49
C PHE B 902 -10.21 7.73 58.29
N THR B 903 -9.25 8.63 58.51
CA THR B 903 -8.50 9.22 57.41
C THR B 903 -7.58 8.20 56.74
N ASN B 904 -7.45 7.01 57.31
CA ASN B 904 -6.74 5.92 56.62
C ASN B 904 -7.66 4.75 56.26
N LEU B 905 -8.68 4.48 57.07
CA LEU B 905 -9.63 3.44 56.70
C LEU B 905 -10.37 3.81 55.42
N ILE B 906 -10.69 5.09 55.25
CA ILE B 906 -11.37 5.52 54.03
C ILE B 906 -10.47 5.32 52.82
N LEU B 907 -9.17 5.59 52.95
CA LEU B 907 -8.26 5.31 51.84
C LEU B 907 -8.21 3.83 51.52
N PHE B 908 -8.03 2.99 52.54
CA PHE B 908 -7.92 1.57 52.29
C PHE B 908 -9.27 0.93 52.00
N PHE B 909 -10.33 1.73 51.94
CA PHE B 909 -11.59 1.29 51.36
C PHE B 909 -11.82 1.83 49.96
N ILE B 910 -11.38 3.06 49.68
CA ILE B 910 -11.46 3.59 48.32
C ILE B 910 -10.61 2.76 47.38
N LEU B 911 -9.42 2.35 47.83
CA LEU B 911 -8.55 1.55 46.98
C LEU B 911 -9.20 0.22 46.64
N LEU B 912 -9.81 -0.43 47.63
CA LEU B 912 -10.48 -1.70 47.38
C LEU B 912 -11.73 -1.52 46.52
N SER B 913 -12.45 -0.41 46.68
CA SER B 913 -13.57 -0.14 45.78
C SER B 913 -13.09 0.05 44.34
N SER B 914 -11.98 0.76 44.17
CA SER B 914 -11.42 0.95 42.84
C SER B 914 -11.05 -0.38 42.22
N ILE B 915 -10.35 -1.24 42.95
CA ILE B 915 -10.05 -2.56 42.42
C ILE B 915 -11.34 -3.33 42.15
N SER B 916 -12.37 -3.11 42.97
CA SER B 916 -13.62 -3.83 42.79
C SER B 916 -14.24 -3.52 41.43
N LEU B 917 -14.30 -2.24 41.06
CA LEU B 917 -14.85 -2.00 39.73
C LEU B 917 -13.81 -2.26 38.63
N ALA B 918 -12.54 -2.40 38.99
CA ALA B 918 -11.57 -2.87 38.01
C ALA B 918 -11.71 -4.36 37.72
N ALA B 919 -12.38 -5.10 38.58
CA ALA B 919 -12.49 -6.54 38.45
C ALA B 919 -13.79 -7.01 37.82
N GLU B 920 -14.59 -6.11 37.27
CA GLU B 920 -15.85 -6.51 36.66
C GLU B 920 -15.61 -7.23 35.33
N ASP B 921 -16.60 -7.99 34.90
CA ASP B 921 -16.53 -8.76 33.66
C ASP B 921 -17.50 -8.19 32.64
N PRO B 922 -17.04 -7.46 31.63
CA PRO B 922 -17.98 -6.87 30.68
C PRO B 922 -18.63 -7.88 29.74
N VAL B 923 -17.84 -8.78 29.17
CA VAL B 923 -18.31 -9.52 28.01
C VAL B 923 -19.46 -10.46 28.39
N GLN B 924 -19.37 -11.13 29.53
CA GLN B 924 -20.50 -11.90 30.02
C GLN B 924 -21.48 -11.01 30.75
N HIS B 925 -22.76 -11.30 30.60
CA HIS B 925 -23.80 -10.52 31.27
C HIS B 925 -24.07 -11.02 32.69
N THR B 926 -24.46 -12.28 32.82
CA THR B 926 -24.69 -12.88 34.14
C THR B 926 -23.47 -13.66 34.60
N SER B 927 -22.38 -12.94 34.81
CA SER B 927 -21.14 -13.54 35.25
C SER B 927 -21.21 -13.96 36.70
N PHE B 928 -20.50 -15.05 37.02
CA PHE B 928 -20.41 -15.49 38.41
C PHE B 928 -19.72 -14.45 39.27
N ARG B 929 -18.63 -13.87 38.78
CA ARG B 929 -17.89 -12.87 39.55
C ARG B 929 -18.70 -11.60 39.75
N ASN B 930 -19.60 -11.29 38.81
CA ASN B 930 -20.35 -10.05 38.89
C ASN B 930 -21.24 -10.02 40.12
N HIS B 931 -21.81 -11.16 40.51
CA HIS B 931 -22.63 -11.20 41.72
C HIS B 931 -21.81 -10.92 42.96
N ILE B 932 -20.60 -11.49 43.04
CA ILE B 932 -19.73 -11.23 44.17
C ILE B 932 -19.36 -9.76 44.22
N LEU B 933 -19.07 -9.17 43.07
CA LEU B 933 -18.74 -7.76 43.04
C LEU B 933 -19.96 -6.89 43.39
N PHE B 934 -21.15 -7.37 43.08
CA PHE B 934 -22.37 -6.69 43.51
C PHE B 934 -22.47 -6.70 45.03
N TYR B 935 -22.14 -7.83 45.65
CA TYR B 935 -22.12 -7.92 47.11
C TYR B 935 -21.09 -6.95 47.71
N PHE B 936 -19.89 -6.91 47.14
CA PHE B 936 -18.90 -5.92 47.56
C PHE B 936 -19.42 -4.50 47.39
N ASP B 937 -20.13 -4.23 46.30
CA ASP B 937 -20.66 -2.89 46.07
C ASP B 937 -21.69 -2.54 47.14
N ILE B 938 -22.52 -3.50 47.53
CA ILE B 938 -23.46 -3.28 48.62
C ILE B 938 -22.71 -2.86 49.88
N VAL B 939 -21.69 -3.64 50.24
CA VAL B 939 -20.95 -3.38 51.47
C VAL B 939 -20.29 -2.01 51.42
N PHE B 940 -19.59 -1.71 50.32
CA PHE B 940 -18.84 -0.46 50.25
C PHE B 940 -19.76 0.75 50.13
N THR B 941 -20.89 0.61 49.44
CA THR B 941 -21.83 1.73 49.38
C THR B 941 -22.38 2.04 50.75
N THR B 942 -22.72 1.01 51.53
CA THR B 942 -23.17 1.26 52.89
C THR B 942 -22.07 1.93 53.72
N ILE B 943 -20.84 1.42 53.63
CA ILE B 943 -19.77 1.97 54.46
C ILE B 943 -19.47 3.41 54.06
N PHE B 944 -19.57 3.73 52.77
CA PHE B 944 -19.31 5.08 52.32
C PHE B 944 -20.49 6.02 52.56
N THR B 945 -21.67 5.48 52.81
CA THR B 945 -22.74 6.30 53.40
C THR B 945 -22.52 6.54 54.88
N LEU B 946 -21.78 5.64 55.54
CA LEU B 946 -21.54 5.81 56.98
C LEU B 946 -20.84 7.13 57.27
N GLU B 947 -19.80 7.46 56.51
CA GLU B 947 -19.09 8.71 56.80
C GLU B 947 -19.93 9.93 56.41
N ILE B 948 -20.78 9.81 55.40
CA ILE B 948 -21.68 10.91 55.07
C ILE B 948 -22.61 11.17 56.24
N ILE B 949 -23.14 10.11 56.85
CA ILE B 949 -23.94 10.27 58.05
C ILE B 949 -23.10 10.85 59.19
N LEU B 950 -21.84 10.41 59.31
CA LEU B 950 -20.98 10.86 60.40
C LEU B 950 -20.73 12.36 60.34
N LYS B 951 -20.47 12.89 59.15
CA LYS B 951 -20.09 14.30 59.07
C LYS B 951 -21.27 15.24 59.30
N MET B 952 -22.42 14.73 59.73
CA MET B 952 -23.45 15.60 60.28
C MET B 952 -22.95 16.31 61.53
N THR B 953 -22.21 15.59 62.38
CA THR B 953 -21.65 16.19 63.58
C THR B 953 -20.71 17.34 63.22
N ALA B 954 -19.89 17.17 62.19
CA ALA B 954 -19.09 18.27 61.68
C ALA B 954 -20.00 19.33 61.09
N TYR B 955 -19.53 20.58 61.14
CA TYR B 955 -20.34 21.69 60.68
C TYR B 955 -20.63 21.57 59.19
N GLY B 956 -21.90 21.72 58.84
CA GLY B 956 -22.29 21.67 57.45
C GLY B 956 -23.75 21.26 57.31
N ALA B 957 -24.03 20.47 56.26
CA ALA B 957 -25.39 20.07 55.89
C ALA B 957 -26.26 21.29 55.59
N PHE B 958 -25.67 22.29 54.94
CA PHE B 958 -26.27 23.59 54.68
C PHE B 958 -26.64 24.33 55.96
N LEU B 959 -26.18 23.84 57.11
CA LEU B 959 -26.33 24.50 58.39
C LEU B 959 -24.97 25.02 58.83
N HIS B 960 -24.98 26.01 59.72
CA HIS B 960 -23.76 26.58 60.29
C HIS B 960 -22.86 27.15 59.18
N LYS B 961 -23.39 28.19 58.54
CA LYS B 961 -22.70 28.95 57.49
C LYS B 961 -22.60 28.14 56.21
N GLY B 962 -23.04 26.89 56.25
CA GLY B 962 -22.83 26.00 55.12
C GLY B 962 -21.36 25.65 54.93
N SER B 963 -20.65 25.33 56.01
CA SER B 963 -19.26 24.90 55.89
C SER B 963 -19.13 23.66 55.03
N PHE B 964 -20.21 22.88 54.92
CA PHE B 964 -20.25 21.73 54.03
C PHE B 964 -19.96 22.14 52.59
N CYS B 965 -20.67 23.16 52.10
CA CYS B 965 -20.62 23.52 50.70
C CYS B 965 -19.36 24.27 50.31
N ARG B 966 -18.74 25.01 51.25
CA ARG B 966 -17.57 25.81 50.91
C ARG B 966 -16.42 24.97 50.38
N ASN B 967 -16.38 23.69 50.71
CA ASN B 967 -15.36 22.77 50.21
C ASN B 967 -16.06 21.73 49.35
N TYR B 968 -15.84 21.82 48.03
CA TYR B 968 -16.61 21.02 47.09
C TYR B 968 -16.29 19.53 47.16
N PHE B 969 -15.17 19.15 47.77
CA PHE B 969 -14.77 17.75 47.77
C PHE B 969 -15.72 16.89 48.60
N ASN B 970 -16.18 17.41 49.74
CA ASN B 970 -17.18 16.69 50.52
C ASN B 970 -18.47 16.51 49.73
N ILE B 971 -18.89 17.57 49.04
CA ILE B 971 -20.08 17.48 48.20
C ILE B 971 -19.87 16.45 47.10
N LEU B 972 -18.66 16.36 46.55
CA LEU B 972 -18.38 15.36 45.52
C LEU B 972 -18.46 13.95 46.09
N ASP B 973 -17.92 13.75 47.30
CA ASP B 973 -18.08 12.46 47.97
C ASP B 973 -19.55 12.08 48.06
N LEU B 974 -20.36 13.02 48.56
CA LEU B 974 -21.79 12.78 48.65
C LEU B 974 -22.40 12.52 47.28
N LEU B 975 -21.90 13.19 46.25
CA LEU B 975 -22.48 13.08 44.91
C LEU B 975 -22.24 11.69 44.33
N VAL B 976 -21.00 11.21 44.41
CA VAL B 976 -20.70 9.90 43.85
C VAL B 976 -21.37 8.81 44.67
N VAL B 977 -21.41 8.96 45.99
CA VAL B 977 -22.14 7.99 46.82
C VAL B 977 -23.61 7.99 46.44
N SER B 978 -24.19 9.18 46.26
CA SER B 978 -25.60 9.29 45.91
C SER B 978 -25.88 8.68 44.55
N VAL B 979 -24.95 8.78 43.61
CA VAL B 979 -25.14 8.14 42.32
C VAL B 979 -25.09 6.62 42.47
N SER B 980 -24.12 6.12 43.23
CA SER B 980 -24.06 4.69 43.49
C SER B 980 -25.33 4.18 44.16
N LEU B 981 -26.04 5.06 44.89
CA LEU B 981 -27.28 4.70 45.53
C LEU B 981 -28.50 4.88 44.62
N ILE B 982 -28.47 5.88 43.74
CA ILE B 982 -29.56 6.08 42.79
C ILE B 982 -29.59 4.95 41.78
N SER B 983 -28.41 4.46 41.37
CA SER B 983 -28.35 3.26 40.56
C SER B 983 -29.04 2.09 41.26
N PHE B 984 -28.84 1.97 42.58
CA PHE B 984 -29.51 0.95 43.36
C PHE B 984 -31.02 1.14 43.31
N GLY B 985 -31.46 2.38 43.48
CA GLY B 985 -32.89 2.66 43.47
C GLY B 985 -33.54 2.33 42.14
N ILE B 986 -32.86 2.65 41.04
CA ILE B 986 -33.37 2.30 39.72
C ILE B 986 -33.26 0.79 39.47
N GLN B 987 -32.36 0.11 40.17
CA GLN B 987 -32.17 -1.32 39.95
C GLN B 987 -33.43 -2.12 40.27
N SER B 988 -34.25 -1.64 41.20
CA SER B 988 -35.54 -2.29 41.45
C SER B 988 -36.41 -2.24 40.20
N SER B 989 -36.43 -1.10 39.50
CA SER B 989 -37.04 -1.05 38.18
C SER B 989 -36.27 -1.89 37.17
N ALA B 990 -34.93 -1.93 37.31
CA ALA B 990 -34.05 -2.71 36.43
C ALA B 990 -34.23 -2.28 34.98
N ILE B 991 -33.87 -1.02 34.71
CA ILE B 991 -34.03 -0.43 33.39
C ILE B 991 -32.67 0.11 32.92
N ASN B 992 -32.60 0.40 31.61
CA ASN B 992 -31.36 0.78 30.97
C ASN B 992 -30.84 2.15 31.38
N VAL B 993 -31.57 2.89 32.22
CA VAL B 993 -31.06 4.18 32.70
C VAL B 993 -29.76 3.96 33.46
N VAL B 994 -29.71 2.92 34.28
CA VAL B 994 -28.52 2.56 35.05
C VAL B 994 -27.34 2.35 34.10
N LYS B 995 -27.63 2.08 32.83
CA LYS B 995 -26.59 1.89 31.84
C LYS B 995 -25.64 3.08 31.80
N ILE B 996 -26.14 4.27 32.14
CA ILE B 996 -25.25 5.41 32.34
C ILE B 996 -24.84 5.54 33.79
N LEU B 997 -25.79 5.36 34.72
CA LEU B 997 -25.47 5.50 36.13
C LEU B 997 -24.42 4.49 36.59
N ARG B 998 -24.29 3.36 35.89
CA ARG B 998 -23.19 2.45 36.16
C ARG B 998 -21.86 3.08 35.78
N VAL B 999 -21.77 3.60 34.55
CA VAL B 999 -20.49 4.07 34.04
C VAL B 999 -19.93 5.18 34.92
N LEU B 1000 -20.78 6.13 35.30
CA LEU B 1000 -20.29 7.27 36.06
C LEU B 1000 -19.72 6.86 37.40
N ARG B 1001 -20.06 5.65 37.89
CA ARG B 1001 -19.47 5.26 39.16
C ARG B 1001 -17.97 5.04 39.07
N VAL B 1002 -17.39 5.24 37.89
CA VAL B 1002 -15.94 5.36 37.77
C VAL B 1002 -15.36 6.51 38.58
N LEU B 1003 -16.21 7.38 39.14
CA LEU B 1003 -15.72 8.52 39.91
C LEU B 1003 -15.04 8.11 41.21
N ARG B 1004 -15.16 6.85 41.61
CA ARG B 1004 -14.70 6.43 42.94
C ARG B 1004 -13.24 6.75 43.25
N PRO B 1005 -12.27 6.55 42.35
CA PRO B 1005 -10.89 6.90 42.70
C PRO B 1005 -10.68 8.36 43.08
N LEU B 1006 -11.41 9.28 42.45
CA LEU B 1006 -11.15 10.70 42.65
C LEU B 1006 -11.35 11.14 44.09
N ARG B 1007 -12.07 10.34 44.89
CA ARG B 1007 -12.22 10.65 46.30
C ARG B 1007 -10.87 10.79 46.98
N ALA B 1008 -9.89 10.02 46.53
CA ALA B 1008 -8.55 10.09 47.13
C ALA B 1008 -7.97 11.49 47.05
N ILE B 1009 -8.39 12.27 46.06
CA ILE B 1009 -7.88 13.63 45.92
C ILE B 1009 -8.17 14.42 47.19
N ASN B 1010 -9.33 14.21 47.79
CA ASN B 1010 -9.65 14.88 49.04
C ASN B 1010 -8.84 14.31 50.20
N ARG B 1011 -8.59 13.01 50.18
CA ARG B 1011 -8.11 12.29 51.36
C ARG B 1011 -6.60 12.17 51.43
N ALA B 1012 -5.87 12.66 50.44
CA ALA B 1012 -4.42 12.58 50.40
C ALA B 1012 -3.86 13.98 50.26
N LYS B 1013 -3.32 14.53 51.35
CA LYS B 1013 -2.88 15.92 51.36
C LYS B 1013 -1.77 16.17 50.36
N GLY B 1014 -1.09 15.13 49.90
CA GLY B 1014 -0.08 15.29 48.87
C GLY B 1014 -0.69 15.37 47.49
N LEU B 1015 -1.61 14.44 47.19
CA LEU B 1015 -2.26 14.42 45.89
C LEU B 1015 -3.01 15.72 45.62
N LYS B 1016 -3.55 16.35 46.67
CA LYS B 1016 -4.22 17.62 46.48
C LYS B 1016 -3.27 18.67 45.94
N HIS B 1017 -2.03 18.68 46.42
CA HIS B 1017 -1.07 19.67 45.96
C HIS B 1017 -0.77 19.51 44.48
N VAL B 1018 -0.60 18.27 44.03
CA VAL B 1018 -0.34 18.02 42.61
C VAL B 1018 -1.55 18.38 41.76
N VAL B 1019 -2.74 17.95 42.19
CA VAL B 1019 -3.92 18.20 41.37
C VAL B 1019 -4.34 19.65 41.41
N GLN B 1020 -3.78 20.45 42.31
CA GLN B 1020 -3.97 21.90 42.25
C GLN B 1020 -2.90 22.57 41.40
N CYS B 1021 -1.66 22.09 41.47
CA CYS B 1021 -0.62 22.64 40.62
C CYS B 1021 -0.91 22.37 39.15
N VAL B 1022 -1.62 21.29 38.85
CA VAL B 1022 -2.04 21.04 37.47
C VAL B 1022 -3.00 22.12 36.99
N PHE B 1023 -3.97 22.50 37.83
CA PHE B 1023 -4.91 23.53 37.42
C PHE B 1023 -4.22 24.89 37.30
N VAL B 1024 -3.25 25.16 38.18
CA VAL B 1024 -2.47 26.37 38.02
C VAL B 1024 -1.73 26.34 36.69
N ALA B 1025 -1.18 25.18 36.31
CA ALA B 1025 -0.50 25.05 35.04
C ALA B 1025 -1.46 25.30 33.88
N ILE B 1026 -2.68 24.75 33.96
CA ILE B 1026 -3.67 24.98 32.92
C ILE B 1026 -3.94 26.47 32.75
N ARG B 1027 -4.21 27.16 33.86
CA ARG B 1027 -4.56 28.56 33.75
C ARG B 1027 -3.39 29.37 33.20
N THR B 1028 -2.17 29.06 33.63
CA THR B 1028 -1.02 29.80 33.11
C THR B 1028 -0.78 29.51 31.64
N ILE B 1029 -1.06 28.28 31.20
CA ILE B 1029 -0.80 27.89 29.82
C ILE B 1029 -1.86 28.46 28.88
N GLY B 1030 -3.08 28.67 29.38
CA GLY B 1030 -4.25 28.89 28.55
C GLY B 1030 -4.13 29.71 27.28
N ASN B 1031 -3.45 30.84 27.30
CA ASN B 1031 -3.17 31.56 26.06
C ASN B 1031 -2.57 30.77 24.89
N ILE B 1032 -1.57 29.93 25.15
CA ILE B 1032 -1.02 29.10 24.07
C ILE B 1032 -2.06 28.11 23.57
N VAL B 1033 -2.84 27.53 24.48
CA VAL B 1033 -3.89 26.60 24.05
C VAL B 1033 -4.90 27.31 23.19
N ILE B 1034 -5.25 28.56 23.55
CA ILE B 1034 -6.22 29.31 22.76
C ILE B 1034 -5.65 29.63 21.39
N VAL B 1035 -4.39 30.04 21.32
CA VAL B 1035 -3.77 30.31 20.03
C VAL B 1035 -3.79 29.05 19.16
N THR B 1036 -3.46 27.90 19.75
CA THR B 1036 -3.40 26.68 18.95
C THR B 1036 -4.79 26.22 18.51
N THR B 1037 -5.77 26.28 19.41
CA THR B 1037 -7.10 25.84 19.01
C THR B 1037 -7.80 26.83 18.09
N LEU B 1038 -7.31 28.05 17.99
CA LEU B 1038 -7.82 29.00 17.02
C LEU B 1038 -7.05 28.94 15.71
N LEU B 1039 -5.80 28.47 15.76
CA LEU B 1039 -5.00 28.31 14.57
C LEU B 1039 -5.21 26.96 13.90
N GLN B 1040 -5.77 25.99 14.61
CA GLN B 1040 -6.25 24.79 13.92
C GLN B 1040 -7.55 25.04 13.20
N PHE B 1041 -8.32 26.04 13.61
CA PHE B 1041 -9.56 26.33 12.91
C PHE B 1041 -9.29 26.83 11.50
N MET B 1042 -8.24 27.63 11.32
CA MET B 1042 -7.87 28.07 9.98
C MET B 1042 -7.49 26.88 9.10
N PHE B 1043 -6.74 25.93 9.65
CA PHE B 1043 -6.33 24.81 8.84
C PHE B 1043 -7.50 23.89 8.54
N ALA B 1044 -8.43 23.75 9.48
CA ALA B 1044 -9.65 23.01 9.20
C ALA B 1044 -10.43 23.66 8.07
N CYS B 1045 -10.57 24.99 8.12
CA CYS B 1045 -11.34 25.67 7.09
C CYS B 1045 -10.66 25.61 5.74
N ILE B 1046 -9.33 25.75 5.71
CA ILE B 1046 -8.62 25.62 4.43
C ILE B 1046 -8.76 24.21 3.89
N GLY B 1047 -8.64 23.20 4.74
CA GLY B 1047 -8.85 21.84 4.31
C GLY B 1047 -10.25 21.62 3.75
N VAL B 1048 -11.25 22.22 4.39
CA VAL B 1048 -12.61 22.11 3.89
C VAL B 1048 -12.73 22.75 2.52
N GLN B 1049 -12.10 23.90 2.33
CA GLN B 1049 -12.13 24.52 1.00
C GLN B 1049 -11.48 23.62 -0.04
N LEU B 1050 -10.33 23.02 0.33
CA LEU B 1050 -9.54 22.27 -0.64
C LEU B 1050 -10.14 20.91 -0.96
N PHE B 1051 -10.63 20.18 0.05
CA PHE B 1051 -11.06 18.80 -0.13
C PHE B 1051 -12.52 18.59 0.25
N LYS B 1052 -13.40 19.49 -0.18
CA LYS B 1052 -14.81 19.43 0.19
C LYS B 1052 -15.51 18.34 -0.61
N GLY B 1053 -15.16 17.10 -0.30
CA GLY B 1053 -15.73 15.97 -0.99
C GLY B 1053 -14.91 15.43 -2.14
N LYS B 1054 -13.70 15.92 -2.33
CA LYS B 1054 -12.80 15.39 -3.35
C LYS B 1054 -12.06 14.14 -2.89
N LEU B 1055 -12.50 13.50 -1.81
CA LEU B 1055 -11.78 12.37 -1.24
C LEU B 1055 -12.55 11.06 -1.36
N TYR B 1056 -13.60 11.01 -2.16
CA TYR B 1056 -14.31 9.76 -2.34
C TYR B 1056 -13.48 8.82 -3.20
N THR B 1057 -13.92 7.57 -3.29
CA THR B 1057 -13.29 6.60 -4.16
C THR B 1057 -14.19 5.38 -4.28
N CYS B 1058 -14.29 4.84 -5.49
CA CYS B 1058 -15.01 3.61 -5.68
C CYS B 1058 -14.10 2.43 -5.39
N SER B 1059 -14.71 1.29 -5.07
CA SER B 1059 -13.93 0.08 -4.87
C SER B 1059 -13.24 -0.34 -6.16
N ASP B 1060 -13.95 -0.24 -7.27
CA ASP B 1060 -13.38 -0.49 -8.60
C ASP B 1060 -12.60 0.75 -9.01
N SER B 1061 -11.28 0.62 -9.09
CA SER B 1061 -10.41 1.77 -9.28
C SER B 1061 -10.65 2.49 -10.60
N SER B 1062 -11.57 1.98 -11.41
CA SER B 1062 -11.79 2.52 -12.75
C SER B 1062 -13.13 3.21 -12.92
N LYS B 1063 -13.96 3.25 -11.88
CA LYS B 1063 -15.26 3.93 -11.92
C LYS B 1063 -15.14 5.20 -11.12
N GLN B 1064 -15.07 6.34 -11.80
CA GLN B 1064 -14.84 7.62 -11.15
C GLN B 1064 -16.13 8.43 -11.01
N THR B 1065 -17.12 7.90 -10.29
CA THR B 1065 -18.26 8.70 -9.84
C THR B 1065 -19.21 7.81 -9.05
N GLU B 1066 -20.22 8.46 -8.45
CA GLU B 1066 -21.29 7.73 -7.77
C GLU B 1066 -22.08 6.87 -8.72
N ALA B 1067 -22.57 7.45 -9.81
CA ALA B 1067 -23.56 6.77 -10.65
C ALA B 1067 -22.96 5.62 -11.43
N GLU B 1068 -21.65 5.60 -11.62
CA GLU B 1068 -20.98 4.51 -12.33
C GLU B 1068 -20.47 3.43 -11.41
N CYS B 1069 -20.57 3.62 -10.09
CA CYS B 1069 -20.01 2.68 -9.12
C CYS B 1069 -21.16 2.00 -8.41
N LYS B 1070 -21.69 0.95 -9.06
CA LYS B 1070 -22.78 0.15 -8.53
C LYS B 1070 -22.68 -1.25 -9.12
N GLY B 1071 -22.98 -2.25 -8.32
CA GLY B 1071 -22.95 -3.62 -8.81
C GLY B 1071 -21.70 -4.37 -8.41
N ASN B 1072 -21.36 -5.37 -9.22
CA ASN B 1072 -20.22 -6.22 -8.95
C ASN B 1072 -19.04 -5.85 -9.84
N TYR B 1073 -17.87 -6.34 -9.46
CA TYR B 1073 -16.66 -6.20 -10.27
C TYR B 1073 -15.71 -7.32 -9.89
N ILE B 1074 -14.65 -7.45 -10.67
CA ILE B 1074 -13.78 -8.63 -10.63
C ILE B 1074 -12.43 -8.23 -10.06
N THR B 1075 -12.21 -8.54 -8.79
CA THR B 1075 -10.90 -8.39 -8.18
C THR B 1075 -10.05 -9.61 -8.49
N TYR B 1076 -8.74 -9.46 -8.37
CA TYR B 1076 -7.82 -10.58 -8.54
C TYR B 1076 -6.94 -10.67 -7.30
N LYS B 1077 -6.95 -11.84 -6.65
CA LYS B 1077 -6.17 -12.00 -5.44
C LYS B 1077 -4.68 -11.98 -5.73
N ASP B 1078 -3.93 -11.26 -4.89
CA ASP B 1078 -2.48 -11.19 -4.93
C ASP B 1078 -1.95 -10.74 -6.28
N GLY B 1079 -2.82 -10.17 -7.12
CA GLY B 1079 -2.41 -9.76 -8.44
C GLY B 1079 -2.29 -10.88 -9.45
N GLU B 1080 -2.63 -12.10 -9.07
CA GLU B 1080 -2.61 -13.20 -10.03
C GLU B 1080 -3.67 -12.96 -11.09
N VAL B 1081 -3.29 -13.12 -12.35
CA VAL B 1081 -4.20 -12.79 -13.44
C VAL B 1081 -5.36 -13.79 -13.48
N ASP B 1082 -5.10 -15.04 -13.14
CA ASP B 1082 -6.16 -16.01 -12.93
C ASP B 1082 -6.72 -15.79 -11.52
N HIS B 1083 -7.59 -16.69 -11.09
CA HIS B 1083 -8.19 -16.62 -9.76
C HIS B 1083 -8.99 -15.33 -9.58
N PRO B 1084 -10.08 -15.12 -10.31
CA PRO B 1084 -10.92 -13.95 -10.07
C PRO B 1084 -11.74 -14.13 -8.80
N ILE B 1085 -12.17 -13.00 -8.25
CA ILE B 1085 -13.09 -12.94 -7.12
C ILE B 1085 -14.11 -11.84 -7.41
N ILE B 1086 -15.39 -12.16 -7.28
CA ILE B 1086 -16.44 -11.18 -7.54
C ILE B 1086 -16.72 -10.42 -6.26
N GLN B 1087 -16.51 -9.11 -6.27
CA GLN B 1087 -16.75 -8.28 -5.10
C GLN B 1087 -17.63 -7.11 -5.48
N PRO B 1088 -18.45 -6.62 -4.55
CA PRO B 1088 -19.32 -5.48 -4.86
C PRO B 1088 -18.56 -4.16 -4.89
N ARG B 1089 -19.17 -3.20 -5.57
CA ARG B 1089 -18.61 -1.86 -5.68
C ARG B 1089 -19.23 -0.96 -4.62
N SER B 1090 -18.38 -0.29 -3.85
CA SER B 1090 -18.84 0.62 -2.81
C SER B 1090 -18.19 1.98 -3.01
N TRP B 1091 -19.01 3.01 -3.14
CA TRP B 1091 -18.53 4.38 -3.30
C TRP B 1091 -18.35 4.97 -1.91
N GLU B 1092 -17.23 4.66 -1.29
CA GLU B 1092 -17.01 5.01 0.11
C GLU B 1092 -16.10 6.21 0.23
N ASN B 1093 -16.44 7.09 1.17
CA ASN B 1093 -15.60 8.22 1.51
C ASN B 1093 -14.35 7.73 2.22
N SER B 1094 -13.38 8.63 2.37
CA SER B 1094 -12.20 8.28 3.14
C SER B 1094 -12.59 8.09 4.60
N LYS B 1095 -11.70 7.46 5.36
CA LYS B 1095 -11.96 7.28 6.79
C LYS B 1095 -12.07 8.63 7.47
N PHE B 1096 -11.17 9.55 7.16
CA PHE B 1096 -11.10 10.87 7.78
C PHE B 1096 -11.21 11.92 6.68
N ASP B 1097 -12.42 12.45 6.48
CA ASP B 1097 -12.75 13.32 5.37
C ASP B 1097 -12.85 14.75 5.84
N PHE B 1098 -12.99 15.66 4.87
CA PHE B 1098 -13.02 17.09 5.12
C PHE B 1098 -14.34 17.71 4.71
N ASP B 1099 -15.44 16.99 4.90
CA ASP B 1099 -16.73 17.51 4.46
C ASP B 1099 -17.20 18.66 5.34
N ASN B 1100 -17.13 18.49 6.65
CA ASN B 1100 -17.52 19.52 7.60
C ASN B 1100 -16.27 20.22 8.11
N VAL B 1101 -16.47 21.27 8.90
CA VAL B 1101 -15.35 21.80 9.66
C VAL B 1101 -15.01 20.86 10.81
N LEU B 1102 -15.99 20.15 11.33
CA LEU B 1102 -15.74 19.23 12.44
C LEU B 1102 -14.97 18.01 11.98
N ALA B 1103 -15.38 17.41 10.85
CA ALA B 1103 -14.63 16.29 10.31
C ALA B 1103 -13.23 16.74 9.89
N ALA B 1104 -13.11 17.96 9.38
CA ALA B 1104 -11.80 18.49 9.05
C ALA B 1104 -10.94 18.62 10.30
N MET B 1105 -11.50 19.08 11.41
CA MET B 1105 -10.70 19.20 12.62
C MET B 1105 -10.28 17.84 13.14
N MET B 1106 -11.17 16.85 13.07
CA MET B 1106 -10.80 15.51 13.52
C MET B 1106 -9.70 14.91 12.65
N ALA B 1107 -9.81 15.07 11.33
CA ALA B 1107 -8.81 14.54 10.43
C ALA B 1107 -7.52 15.34 10.41
N LEU B 1108 -7.54 16.57 10.90
CA LEU B 1108 -6.30 17.30 11.12
C LEU B 1108 -5.68 16.95 12.47
N PHE B 1109 -6.49 16.60 13.46
CA PHE B 1109 -5.94 16.06 14.70
C PHE B 1109 -5.15 14.80 14.43
N THR B 1110 -5.74 13.86 13.68
CA THR B 1110 -5.02 12.60 13.45
C THR B 1110 -3.73 12.82 12.68
N VAL B 1111 -3.68 13.85 11.84
CA VAL B 1111 -2.43 14.18 11.16
C VAL B 1111 -1.43 14.76 12.14
N SER B 1112 -1.87 15.67 13.01
CA SER B 1112 -0.96 16.28 13.97
C SER B 1112 -0.51 15.30 15.03
N THR B 1113 -1.12 14.13 15.10
CA THR B 1113 -0.65 13.05 15.96
C THR B 1113 0.44 12.22 15.28
N PHE B 1114 0.62 12.37 13.97
CA PHE B 1114 1.47 11.49 13.18
C PHE B 1114 0.99 10.05 13.29
N GLU B 1115 -0.25 9.80 12.88
CA GLU B 1115 -0.78 8.44 12.86
C GLU B 1115 -1.83 8.37 11.77
N GLY B 1116 -1.59 7.55 10.75
CA GLY B 1116 -2.45 7.55 9.58
C GLY B 1116 -2.24 8.75 8.69
N TRP B 1117 -1.19 9.51 8.92
CA TRP B 1117 -0.89 10.68 8.09
C TRP B 1117 -0.61 10.39 6.62
N PRO B 1118 0.28 9.47 6.25
CA PRO B 1118 0.58 9.32 4.82
C PRO B 1118 -0.52 8.61 4.06
N GLU B 1119 -1.37 7.84 4.74
CA GLU B 1119 -2.53 7.28 4.07
C GLU B 1119 -3.50 8.38 3.66
N LEU B 1120 -3.49 9.50 4.37
CA LEU B 1120 -4.34 10.63 4.05
C LEU B 1120 -3.65 11.65 3.15
N LEU B 1121 -2.32 11.69 3.19
CA LEU B 1121 -1.60 12.58 2.28
C LEU B 1121 -1.78 12.13 0.84
N TYR B 1122 -1.98 10.84 0.61
CA TYR B 1122 -2.07 10.31 -0.74
C TYR B 1122 -3.49 10.07 -1.20
N ARG B 1123 -4.47 10.13 -0.29
CA ARG B 1123 -5.85 10.28 -0.74
C ARG B 1123 -6.11 11.70 -1.20
N SER B 1124 -5.37 12.65 -0.64
CA SER B 1124 -5.55 14.06 -0.93
C SER B 1124 -4.53 14.61 -1.91
N ILE B 1125 -3.66 13.76 -2.44
CA ILE B 1125 -2.93 14.08 -3.66
C ILE B 1125 -3.64 13.51 -4.88
N ASP B 1126 -4.24 12.33 -4.73
CA ASP B 1126 -5.09 11.79 -5.77
C ASP B 1126 -6.40 12.56 -5.91
N SER B 1127 -6.71 13.47 -4.99
CA SER B 1127 -8.01 14.11 -4.96
C SER B 1127 -8.25 14.91 -6.23
N HIS B 1128 -9.39 14.66 -6.86
CA HIS B 1128 -9.62 15.14 -8.21
C HIS B 1128 -10.52 16.36 -8.28
N THR B 1129 -11.77 16.21 -7.86
CA THR B 1129 -12.82 17.19 -8.10
C THR B 1129 -14.01 16.75 -7.25
N GLU B 1130 -14.91 17.69 -7.00
CA GLU B 1130 -16.04 17.42 -6.11
C GLU B 1130 -16.89 16.26 -6.63
N ASP B 1131 -17.01 15.22 -5.81
CA ASP B 1131 -17.79 14.02 -6.10
C ASP B 1131 -17.25 13.37 -7.38
N LYS B 1132 -16.02 12.90 -7.28
CA LYS B 1132 -15.36 12.16 -8.34
C LYS B 1132 -14.20 11.39 -7.74
N GLY B 1133 -13.95 10.20 -8.27
CA GLY B 1133 -12.92 9.34 -7.77
C GLY B 1133 -11.54 9.94 -7.93
N PRO B 1134 -10.52 9.17 -7.59
CA PRO B 1134 -9.15 9.71 -7.57
C PRO B 1134 -8.43 9.55 -8.90
N ILE B 1135 -7.39 10.36 -9.06
CA ILE B 1135 -6.46 10.26 -10.17
C ILE B 1135 -5.05 10.18 -9.60
N TYR B 1136 -4.31 9.15 -10.00
CA TYR B 1136 -2.96 8.96 -9.48
C TYR B 1136 -2.12 10.22 -9.64
N ASN B 1137 -1.68 10.78 -8.53
CA ASN B 1137 -0.81 11.96 -8.51
C ASN B 1137 -1.40 13.10 -9.33
N TYR B 1138 -2.66 13.41 -9.07
CA TYR B 1138 -3.28 14.54 -9.74
C TYR B 1138 -2.60 15.85 -9.33
N ARG B 1139 -2.37 16.04 -8.03
CA ARG B 1139 -1.75 17.27 -7.53
C ARG B 1139 -0.82 16.92 -6.39
N VAL B 1140 0.48 16.99 -6.63
CA VAL B 1140 1.44 16.80 -5.54
C VAL B 1140 1.62 18.07 -4.72
N GLU B 1141 1.28 19.24 -5.28
CA GLU B 1141 1.45 20.49 -4.56
C GLU B 1141 0.63 20.54 -3.29
N ILE B 1142 -0.46 19.77 -3.22
CA ILE B 1142 -1.26 19.69 -2.01
C ILE B 1142 -0.42 19.26 -0.82
N SER B 1143 0.67 18.55 -1.06
CA SER B 1143 1.50 18.13 0.07
C SER B 1143 1.95 19.33 0.89
N ILE B 1144 2.07 20.50 0.27
CA ILE B 1144 2.46 21.70 1.01
C ILE B 1144 1.50 21.94 2.17
N PHE B 1145 0.20 21.82 1.92
CA PHE B 1145 -0.78 22.01 2.99
C PHE B 1145 -0.55 21.04 4.14
N PHE B 1146 -0.15 19.82 3.84
CA PHE B 1146 0.13 18.86 4.89
C PHE B 1146 1.51 18.99 5.46
N ILE B 1147 2.40 19.75 4.83
CA ILE B 1147 3.70 19.99 5.43
C ILE B 1147 3.64 21.17 6.38
N ILE B 1148 3.10 22.29 5.90
CA ILE B 1148 3.01 23.49 6.74
C ILE B 1148 2.29 23.17 8.03
N TYR B 1149 1.12 22.54 7.93
CA TYR B 1149 0.39 22.14 9.12
C TYR B 1149 1.29 21.35 10.05
N ILE B 1150 1.96 20.33 9.52
CA ILE B 1150 2.79 19.48 10.35
C ILE B 1150 3.88 20.29 11.02
N ILE B 1151 4.42 21.29 10.32
CA ILE B 1151 5.46 22.11 10.92
C ILE B 1151 4.86 23.01 11.99
N ILE B 1152 3.65 23.53 11.77
CA ILE B 1152 3.10 24.52 12.67
C ILE B 1152 2.49 23.86 13.90
N ILE B 1153 1.44 23.06 13.71
CA ILE B 1153 0.70 22.55 14.85
C ILE B 1153 1.43 21.40 15.53
N ALA B 1154 2.17 20.60 14.80
CA ALA B 1154 2.79 19.43 15.42
C ALA B 1154 4.19 19.69 15.93
N PHE B 1155 5.00 20.44 15.17
CA PHE B 1155 6.39 20.67 15.54
C PHE B 1155 6.56 21.99 16.29
N PHE B 1156 6.21 23.10 15.66
CA PHE B 1156 6.52 24.39 16.26
C PHE B 1156 5.66 24.68 17.47
N MET B 1157 4.37 24.43 17.39
CA MET B 1157 3.47 24.91 18.42
C MET B 1157 3.33 23.95 19.58
N MET B 1158 3.78 22.71 19.44
CA MET B 1158 3.82 21.79 20.56
C MET B 1158 5.23 21.70 21.13
N ASN B 1159 6.15 22.51 20.62
CA ASN B 1159 7.42 22.76 21.27
C ASN B 1159 7.49 24.15 21.88
N ILE B 1160 6.84 25.14 21.29
CA ILE B 1160 6.45 26.33 22.04
C ILE B 1160 5.79 25.92 23.34
N PHE B 1161 5.10 24.79 23.33
CA PHE B 1161 4.24 24.40 24.42
C PHE B 1161 5.08 23.91 25.59
N VAL B 1162 6.02 22.99 25.31
CA VAL B 1162 6.93 22.51 26.33
C VAL B 1162 7.88 23.62 26.77
N GLY B 1163 8.30 24.48 25.85
CA GLY B 1163 9.09 25.63 26.25
C GLY B 1163 8.35 26.52 27.24
N PHE B 1164 7.06 26.74 26.99
CA PHE B 1164 6.26 27.55 27.89
C PHE B 1164 6.11 26.87 29.25
N VAL B 1165 5.90 25.56 29.25
CA VAL B 1165 5.81 24.85 30.53
C VAL B 1165 7.11 24.94 31.29
N ILE B 1166 8.24 24.83 30.59
CA ILE B 1166 9.54 24.90 31.25
C ILE B 1166 9.75 26.27 31.87
N VAL B 1167 9.51 27.33 31.10
CA VAL B 1167 9.76 28.66 31.62
C VAL B 1167 8.80 28.99 32.76
N THR B 1168 7.55 28.52 32.66
CA THR B 1168 6.61 28.74 33.74
C THR B 1168 7.00 27.99 35.01
N PHE B 1169 7.48 26.76 34.87
CA PHE B 1169 7.94 26.04 36.06
C PHE B 1169 9.15 26.74 36.67
N GLN B 1170 10.03 27.28 35.83
CA GLN B 1170 11.19 27.98 36.35
C GLN B 1170 10.77 29.23 37.10
N GLU B 1171 9.75 29.94 36.61
CA GLU B 1171 9.23 31.08 37.36
C GLU B 1171 8.58 30.64 38.66
N GLN B 1172 7.80 29.57 38.64
CA GLN B 1172 7.24 29.03 39.88
C GLN B 1172 8.34 28.64 40.87
N GLY B 1173 9.51 28.29 40.36
CA GLY B 1173 10.60 27.84 41.21
C GLY B 1173 11.47 28.96 41.73
N GLU B 1174 11.60 30.04 40.98
CA GLU B 1174 12.43 31.15 41.41
C GLU B 1174 11.72 32.07 42.41
N GLN B 1175 10.51 31.72 42.85
CA GLN B 1175 9.87 32.47 43.91
C GLN B 1175 10.74 32.51 45.16
N GLU B 1176 11.40 31.39 45.47
CA GLU B 1176 12.34 31.32 46.57
C GLU B 1176 13.75 31.63 46.09
N TYR B 1177 13.89 32.76 45.39
CA TYR B 1177 15.19 33.16 44.88
C TYR B 1177 16.12 33.57 46.03
N LYS B 1178 15.60 34.38 46.96
CA LYS B 1178 16.31 34.75 48.19
C LYS B 1178 17.65 35.42 47.86
N ASN B 1179 17.57 36.58 47.22
CA ASN B 1179 18.77 37.30 46.81
C ASN B 1179 19.50 37.97 47.96
N CYS B 1180 18.90 38.01 49.15
CA CYS B 1180 19.61 38.55 50.30
C CYS B 1180 20.88 37.74 50.59
N GLU B 1181 20.76 36.42 50.58
CA GLU B 1181 21.92 35.55 50.57
C GLU B 1181 22.45 35.42 49.13
N LEU B 1182 23.65 34.88 49.00
CA LEU B 1182 24.34 34.89 47.71
C LEU B 1182 23.81 33.76 46.83
N ASP B 1183 24.55 33.50 45.74
CA ASP B 1183 24.14 32.59 44.68
C ASP B 1183 23.87 31.18 45.20
N LYS B 1184 23.28 30.37 44.32
CA LYS B 1184 22.79 29.05 44.71
C LYS B 1184 23.93 28.07 45.00
N ASN B 1185 25.06 28.21 44.32
CA ASN B 1185 26.13 27.25 44.52
C ASN B 1185 26.64 27.29 45.96
N GLN B 1186 26.75 28.49 46.55
CA GLN B 1186 27.13 28.52 47.95
C GLN B 1186 26.01 27.98 48.83
N ARG B 1187 24.76 28.03 48.37
CA ARG B 1187 23.68 27.40 49.11
C ARG B 1187 23.89 25.89 49.19
N GLN B 1188 24.22 25.26 48.07
CA GLN B 1188 24.55 23.84 48.13
C GLN B 1188 25.80 23.60 48.97
N CYS B 1189 26.78 24.49 48.88
CA CYS B 1189 27.99 24.35 49.68
C CYS B 1189 27.68 24.33 51.17
N VAL B 1190 26.89 25.30 51.63
CA VAL B 1190 26.55 25.36 53.04
C VAL B 1190 25.64 24.21 53.44
N GLU B 1191 24.79 23.74 52.52
CA GLU B 1191 23.99 22.55 52.81
C GLU B 1191 24.86 21.31 52.94
N TYR B 1192 26.04 21.30 52.33
CA TYR B 1192 26.98 20.19 52.44
C TYR B 1192 27.93 20.35 53.62
N ALA B 1193 27.51 21.06 54.66
CA ALA B 1193 28.21 20.96 55.93
C ALA B 1193 28.06 19.57 56.55
N LEU B 1194 27.17 18.74 56.02
CA LEU B 1194 26.93 17.40 56.51
C LEU B 1194 27.83 16.36 55.86
N LYS B 1195 28.94 16.77 55.26
CA LYS B 1195 29.87 15.83 54.65
C LYS B 1195 30.98 15.48 55.64
N ALA B 1196 32.03 14.81 55.15
CA ALA B 1196 33.21 14.44 55.94
C ALA B 1196 32.89 13.43 57.04
N ARG B 1197 31.98 12.51 56.76
CA ARG B 1197 31.66 11.38 57.63
C ARG B 1197 32.44 10.13 57.24
N PRO B 1198 32.71 9.26 58.21
CA PRO B 1198 33.55 8.09 57.95
C PRO B 1198 32.90 7.12 56.96
N LEU B 1199 33.75 6.34 56.30
CA LEU B 1199 33.29 5.34 55.36
C LEU B 1199 34.04 4.04 55.62
N ARG B 1200 33.30 2.94 55.71
CA ARG B 1200 33.87 1.66 56.07
C ARG B 1200 34.63 1.06 54.89
N ARG B 1201 35.85 0.60 55.14
CA ARG B 1201 36.67 -0.03 54.12
C ARG B 1201 37.38 -1.29 54.59
N TYR B 1202 37.46 -1.54 55.90
CA TYR B 1202 38.06 -2.75 56.45
C TYR B 1202 39.50 -2.90 55.95
N ILE B 1203 40.35 -1.98 56.40
CA ILE B 1203 41.77 -2.13 56.09
C ILE B 1203 42.27 -3.44 56.71
N PRO B 1204 42.87 -4.33 55.93
CA PRO B 1204 43.13 -5.69 56.42
C PRO B 1204 44.15 -5.71 57.54
N LYS B 1205 44.04 -6.74 58.37
CA LYS B 1205 44.96 -6.98 59.47
C LYS B 1205 45.79 -8.24 59.26
N ASN B 1206 45.16 -9.36 58.94
CA ASN B 1206 45.88 -10.59 58.66
C ASN B 1206 46.73 -10.40 57.41
N GLN B 1207 47.92 -11.01 57.43
CA GLN B 1207 48.80 -10.94 56.26
C GLN B 1207 48.33 -11.85 55.15
N HIS B 1208 47.71 -12.99 55.49
CA HIS B 1208 47.13 -13.83 54.46
C HIS B 1208 45.87 -13.22 53.87
N GLN B 1209 45.26 -12.27 54.58
CA GLN B 1209 44.03 -11.63 54.15
C GLN B 1209 44.27 -10.24 53.57
N TYR B 1210 45.52 -9.79 53.50
CA TYR B 1210 45.79 -8.47 52.95
C TYR B 1210 46.24 -8.54 51.49
N LYS B 1211 47.02 -9.55 51.11
CA LYS B 1211 47.48 -9.65 49.73
C LYS B 1211 46.30 -9.78 48.77
N VAL B 1212 45.35 -10.63 49.12
CA VAL B 1212 44.16 -10.78 48.29
C VAL B 1212 43.36 -9.49 48.26
N TRP B 1213 43.24 -8.82 49.41
CA TRP B 1213 42.50 -7.56 49.45
C TRP B 1213 43.15 -6.53 48.52
N TYR B 1214 44.47 -6.43 48.56
CA TYR B 1214 45.15 -5.47 47.70
C TYR B 1214 44.94 -5.82 46.24
N VAL B 1215 45.10 -7.10 45.88
CA VAL B 1215 45.01 -7.46 44.46
C VAL B 1215 43.60 -7.26 43.95
N VAL B 1216 42.58 -7.52 44.78
CA VAL B 1216 41.22 -7.34 44.30
C VAL B 1216 40.82 -5.88 44.32
N ASN B 1217 41.48 -5.06 45.13
CA ASN B 1217 41.14 -3.65 45.17
C ASN B 1217 41.97 -2.81 44.21
N SER B 1218 42.91 -3.41 43.49
CA SER B 1218 43.66 -2.69 42.47
C SER B 1218 42.84 -2.58 41.20
N THR B 1219 43.11 -1.53 40.43
CA THR B 1219 42.44 -1.36 39.15
C THR B 1219 42.83 -2.46 38.16
N TYR B 1220 43.96 -3.12 38.37
CA TYR B 1220 44.36 -4.23 37.53
C TYR B 1220 43.29 -5.32 37.54
N PHE B 1221 42.58 -5.48 38.65
CA PHE B 1221 41.51 -6.46 38.73
C PHE B 1221 40.25 -5.99 38.04
N GLU B 1222 39.89 -4.72 38.22
CA GLU B 1222 38.63 -4.22 37.69
C GLU B 1222 38.67 -4.11 36.17
N TYR B 1223 39.81 -3.70 35.61
CA TYR B 1223 39.94 -3.70 34.16
C TYR B 1223 39.72 -5.10 33.60
N LEU B 1224 40.36 -6.09 34.21
CA LEU B 1224 40.21 -7.47 33.75
C LEU B 1224 38.77 -7.92 33.85
N MET B 1225 38.09 -7.56 34.93
CA MET B 1225 36.74 -8.06 35.09
C MET B 1225 35.75 -7.35 34.18
N PHE B 1226 36.03 -6.09 33.83
CA PHE B 1226 35.27 -5.47 32.75
C PHE B 1226 35.46 -6.23 31.45
N VAL B 1227 36.70 -6.63 31.18
CA VAL B 1227 36.98 -7.40 29.97
C VAL B 1227 36.21 -8.72 29.97
N LEU B 1228 36.18 -9.41 31.11
CA LEU B 1228 35.45 -10.67 31.18
C LEU B 1228 33.93 -10.47 31.07
N ILE B 1229 33.40 -9.40 31.66
CA ILE B 1229 31.97 -9.13 31.48
C ILE B 1229 31.65 -8.91 30.01
N LEU B 1230 32.50 -8.15 29.33
CA LEU B 1230 32.28 -7.92 27.91
C LEU B 1230 32.37 -9.23 27.11
N LEU B 1231 33.33 -10.09 27.47
CA LEU B 1231 33.46 -11.37 26.78
C LEU B 1231 32.24 -12.25 27.01
N ASN B 1232 31.68 -12.22 28.21
CA ASN B 1232 30.48 -13.01 28.47
C ASN B 1232 29.30 -12.47 27.68
N THR B 1233 29.17 -11.15 27.57
CA THR B 1233 28.10 -10.62 26.73
C THR B 1233 28.30 -11.04 25.28
N ILE B 1234 29.55 -11.02 24.81
CA ILE B 1234 29.82 -11.44 23.44
C ILE B 1234 29.39 -12.89 23.23
N CYS B 1235 29.79 -13.78 24.15
CA CYS B 1235 29.37 -15.18 24.04
C CYS B 1235 27.85 -15.32 24.11
N LEU B 1236 27.18 -14.41 24.81
CA LEU B 1236 25.73 -14.36 24.76
C LEU B 1236 25.20 -13.82 23.45
N ALA B 1237 26.05 -13.18 22.65
CA ALA B 1237 25.59 -12.54 21.42
C ALA B 1237 25.65 -13.43 20.19
N MET B 1238 26.50 -14.45 20.14
CA MET B 1238 26.62 -15.21 18.90
C MET B 1238 25.48 -16.19 18.65
N GLN B 1239 24.73 -16.60 19.67
CA GLN B 1239 23.70 -17.60 19.44
C GLN B 1239 22.72 -17.13 18.38
N HIS B 1240 22.42 -18.00 17.43
CA HIS B 1240 21.66 -17.63 16.25
C HIS B 1240 20.83 -18.82 15.78
N TYR B 1241 19.61 -18.55 15.36
CA TYR B 1241 18.76 -19.61 14.84
C TYR B 1241 19.41 -20.27 13.63
N GLY B 1242 19.37 -21.59 13.60
CA GLY B 1242 20.14 -22.34 12.62
C GLY B 1242 21.51 -22.65 13.18
N GLN B 1243 21.53 -23.07 14.44
CA GLN B 1243 22.76 -23.22 15.19
C GLN B 1243 23.33 -24.61 15.05
N SER B 1244 24.64 -24.70 14.87
CA SER B 1244 25.30 -26.00 14.77
C SER B 1244 25.25 -26.74 16.10
N CYS B 1245 25.21 -28.07 16.01
CA CYS B 1245 25.21 -28.89 17.22
C CYS B 1245 26.48 -28.66 18.03
N LEU B 1246 27.63 -28.57 17.35
CA LEU B 1246 28.87 -28.27 18.04
C LEU B 1246 28.89 -26.85 18.57
N PHE B 1247 28.19 -25.94 17.89
CA PHE B 1247 28.17 -24.55 18.33
C PHE B 1247 27.54 -24.41 19.71
N LYS B 1248 26.43 -25.11 19.94
CA LYS B 1248 25.79 -25.06 21.25
C LYS B 1248 26.72 -25.59 22.33
N ILE B 1249 27.47 -26.65 22.02
CA ILE B 1249 28.40 -27.21 22.99
C ILE B 1249 29.50 -26.21 23.31
N ALA B 1250 30.04 -25.54 22.29
CA ALA B 1250 31.05 -24.53 22.53
C ALA B 1250 30.50 -23.40 23.38
N MET B 1251 29.27 -22.98 23.09
CA MET B 1251 28.64 -21.92 23.88
C MET B 1251 28.50 -22.35 25.34
N ASN B 1252 28.11 -23.60 25.57
CA ASN B 1252 27.93 -24.07 26.94
C ASN B 1252 29.28 -24.18 27.67
N ILE B 1253 30.33 -24.63 26.97
CA ILE B 1253 31.65 -24.66 27.58
C ILE B 1253 32.07 -23.27 27.99
N LEU B 1254 31.89 -22.29 27.11
CA LEU B 1254 32.25 -20.91 27.44
C LEU B 1254 31.42 -20.40 28.60
N ASN B 1255 30.13 -20.74 28.64
CA ASN B 1255 29.27 -20.30 29.73
C ASN B 1255 29.76 -20.85 31.05
N MET B 1256 30.12 -22.14 31.09
CA MET B 1256 30.65 -22.72 32.31
C MET B 1256 31.95 -22.05 32.72
N LEU B 1257 32.83 -21.78 31.76
CA LEU B 1257 34.09 -21.12 32.08
C LEU B 1257 33.83 -19.75 32.71
N PHE B 1258 32.92 -18.98 32.12
CA PHE B 1258 32.73 -17.61 32.58
C PHE B 1258 32.01 -17.56 33.92
N THR B 1259 31.00 -18.40 34.12
CA THR B 1259 30.39 -18.45 35.44
C THR B 1259 31.38 -18.94 36.48
N GLY B 1260 32.32 -19.80 36.09
CA GLY B 1260 33.36 -20.21 37.01
C GLY B 1260 34.27 -19.05 37.41
N LEU B 1261 34.70 -18.26 36.44
CA LEU B 1261 35.52 -17.09 36.77
C LEU B 1261 34.76 -16.11 37.65
N PHE B 1262 33.46 -15.93 37.43
CA PHE B 1262 32.73 -15.00 38.27
C PHE B 1262 32.54 -15.56 39.68
N THR B 1263 32.37 -16.88 39.81
CA THR B 1263 32.30 -17.47 41.14
C THR B 1263 33.64 -17.36 41.85
N VAL B 1264 34.75 -17.50 41.11
CA VAL B 1264 36.07 -17.27 41.70
C VAL B 1264 36.21 -15.83 42.15
N GLU B 1265 35.71 -14.88 41.35
CA GLU B 1265 35.61 -13.50 41.82
C GLU B 1265 34.91 -13.44 43.17
N MET B 1266 33.78 -14.13 43.27
CA MET B 1266 32.97 -14.03 44.48
C MET B 1266 33.73 -14.55 45.70
N ILE B 1267 34.38 -15.71 45.54
CA ILE B 1267 35.14 -16.29 46.63
C ILE B 1267 36.30 -15.37 47.02
N LEU B 1268 37.01 -14.85 46.03
CA LEU B 1268 38.15 -14.00 46.31
C LEU B 1268 37.72 -12.72 47.02
N LYS B 1269 36.60 -12.13 46.59
CA LYS B 1269 36.10 -10.93 47.24
C LYS B 1269 35.65 -11.21 48.67
N LEU B 1270 35.02 -12.36 48.90
CA LEU B 1270 34.68 -12.72 50.27
C LEU B 1270 35.93 -12.93 51.12
N ILE B 1271 37.01 -13.43 50.52
CA ILE B 1271 38.28 -13.51 51.25
C ILE B 1271 38.77 -12.12 51.61
N ALA B 1272 38.67 -11.18 50.67
CA ALA B 1272 39.20 -9.84 50.91
C ALA B 1272 38.52 -9.14 52.08
N PHE B 1273 37.30 -9.53 52.43
CA PHE B 1273 36.62 -8.98 53.59
C PHE B 1273 35.41 -9.86 53.90
N LYS B 1274 35.17 -10.08 55.19
CA LYS B 1274 34.15 -11.03 55.61
C LYS B 1274 32.77 -10.60 55.14
N PRO B 1275 31.85 -11.55 54.99
CA PRO B 1275 30.49 -11.22 54.54
C PRO B 1275 29.86 -10.02 55.24
N LYS B 1276 30.24 -9.75 56.49
CA LYS B 1276 29.76 -8.54 57.13
C LYS B 1276 30.24 -7.28 56.41
N GLY B 1277 31.36 -7.38 55.71
CA GLY B 1277 31.86 -6.27 54.92
C GLY B 1277 31.55 -6.43 53.44
N TYR B 1278 30.99 -7.58 53.07
CA TYR B 1278 30.65 -7.83 51.68
C TYR B 1278 29.29 -7.25 51.31
N PHE B 1279 28.27 -7.60 52.10
CA PHE B 1279 26.89 -7.25 51.76
C PHE B 1279 26.56 -5.80 52.08
N SER B 1280 27.56 -4.97 52.38
CA SER B 1280 27.30 -3.54 52.51
C SER B 1280 27.05 -2.91 51.14
N ASP B 1281 27.86 -3.28 50.15
CA ASP B 1281 27.75 -2.68 48.82
C ASP B 1281 26.64 -3.36 48.03
N PRO B 1282 25.62 -2.63 47.56
CA PRO B 1282 24.58 -3.26 46.73
C PRO B 1282 25.12 -3.87 45.45
N TRP B 1283 26.20 -3.32 44.90
CA TRP B 1283 26.77 -3.86 43.67
C TRP B 1283 27.19 -5.31 43.86
N ASN B 1284 27.81 -5.60 45.00
CA ASN B 1284 28.24 -6.98 45.25
C ASN B 1284 27.05 -7.89 45.50
N VAL B 1285 25.97 -7.38 46.08
CA VAL B 1285 24.75 -8.18 46.22
C VAL B 1285 24.18 -8.53 44.84
N PHE B 1286 24.14 -7.54 43.95
CA PHE B 1286 23.67 -7.76 42.59
C PHE B 1286 24.52 -8.82 41.90
N ASP B 1287 25.84 -8.68 42.00
CA ASP B 1287 26.74 -9.65 41.39
C ASP B 1287 26.56 -11.03 42.02
N PHE B 1288 26.26 -11.08 43.31
CA PHE B 1288 26.02 -12.36 43.97
C PHE B 1288 24.79 -13.03 43.38
N LEU B 1289 23.72 -12.27 43.18
CA LEU B 1289 22.53 -12.84 42.58
C LEU B 1289 22.81 -13.33 41.17
N ILE B 1290 23.59 -12.57 40.40
CA ILE B 1290 23.95 -13.00 39.05
C ILE B 1290 24.74 -14.30 39.10
N VAL B 1291 25.72 -14.39 40.00
CA VAL B 1291 26.56 -15.58 40.09
C VAL B 1291 25.74 -16.79 40.47
N ILE B 1292 24.88 -16.65 41.48
CA ILE B 1292 24.09 -17.79 41.93
C ILE B 1292 23.11 -18.23 40.84
N GLY B 1293 22.50 -17.27 40.15
CA GLY B 1293 21.61 -17.65 39.05
C GLY B 1293 22.35 -18.40 37.96
N SER B 1294 23.53 -17.92 37.58
CA SER B 1294 24.31 -18.59 36.55
C SER B 1294 24.70 -20.00 36.96
N ILE B 1295 25.14 -20.16 38.21
CA ILE B 1295 25.60 -21.49 38.64
C ILE B 1295 24.42 -22.45 38.75
N ILE B 1296 23.26 -21.96 39.20
CA ILE B 1296 22.08 -22.82 39.25
C ILE B 1296 21.64 -23.22 37.85
N ASP B 1297 21.75 -22.30 36.88
CA ASP B 1297 21.44 -22.65 35.50
C ASP B 1297 22.40 -23.73 34.99
N VAL B 1298 23.68 -23.60 35.31
CA VAL B 1298 24.64 -24.63 34.91
C VAL B 1298 24.27 -25.97 35.53
N ILE B 1299 23.85 -25.94 36.80
CA ILE B 1299 23.44 -27.19 37.46
C ILE B 1299 22.24 -27.79 36.74
N LEU B 1300 21.24 -26.97 36.43
CA LEU B 1300 20.03 -27.48 35.78
C LEU B 1300 20.28 -27.91 34.34
N SER B 1301 21.39 -27.50 33.75
CA SER B 1301 21.72 -27.95 32.40
C SER B 1301 21.97 -29.45 32.35
N GLU B 1302 21.91 -30.13 33.49
CA GLU B 1302 22.21 -31.56 33.55
C GLU B 1302 21.19 -32.37 32.74
N VAL B 1303 19.94 -31.92 32.70
CA VAL B 1303 18.90 -32.60 31.94
C VAL B 1303 19.13 -32.33 30.45
N ASN B 1304 18.50 -33.12 29.58
CA ASN B 1304 18.66 -32.98 28.14
C ASN B 1304 17.28 -32.90 27.48
N PRO B 1305 16.61 -31.74 27.60
CA PRO B 1305 15.30 -31.59 26.94
C PRO B 1305 15.38 -31.72 25.42
N ALA B 1306 16.47 -31.29 24.81
CA ALA B 1306 16.67 -31.39 23.36
C ALA B 1306 18.04 -32.00 23.11
N GLU B 1307 18.06 -33.19 22.49
CA GLU B 1307 19.29 -33.93 22.32
C GLU B 1307 20.20 -33.23 21.31
N HIS B 1308 21.48 -33.59 21.35
CA HIS B 1308 22.49 -33.04 20.45
C HIS B 1308 22.38 -33.73 19.09
N THR B 1309 21.29 -33.41 18.39
CA THR B 1309 21.02 -34.00 17.09
C THR B 1309 20.82 -32.93 16.03
N SER B 1324 11.31 -27.04 32.89
CA SER B 1324 12.42 -26.35 32.26
C SER B 1324 12.18 -24.85 32.22
N ILE B 1325 12.87 -24.12 33.10
CA ILE B 1325 12.72 -22.67 33.21
C ILE B 1325 13.93 -22.01 32.56
N THR B 1326 13.69 -20.84 31.96
CA THR B 1326 14.72 -20.07 31.28
C THR B 1326 15.12 -18.82 32.04
N PHE B 1327 14.49 -18.55 33.19
CA PHE B 1327 14.64 -17.27 33.85
C PHE B 1327 16.09 -17.02 34.25
N PHE B 1328 16.75 -18.03 34.81
CA PHE B 1328 18.09 -17.80 35.35
C PHE B 1328 19.13 -17.55 34.28
N ARG B 1329 18.80 -17.81 33.01
CA ARG B 1329 19.69 -17.39 31.94
C ARG B 1329 19.82 -15.87 31.89
N LEU B 1330 18.70 -15.17 32.11
CA LEU B 1330 18.67 -13.72 31.94
C LEU B 1330 19.54 -12.97 32.92
N PHE B 1331 20.02 -13.63 33.98
CA PHE B 1331 20.98 -12.95 34.85
C PHE B 1331 22.30 -12.70 34.13
N ARG B 1332 22.68 -13.58 33.22
CA ARG B 1332 24.01 -13.50 32.61
C ARG B 1332 24.22 -12.17 31.91
N VAL B 1333 23.23 -11.74 31.12
CA VAL B 1333 23.32 -10.44 30.45
C VAL B 1333 23.27 -9.30 31.46
N MET B 1334 22.50 -9.48 32.53
CA MET B 1334 22.18 -8.35 33.40
C MET B 1334 23.43 -7.79 34.06
N ARG B 1335 24.46 -8.64 34.26
CA ARG B 1335 25.70 -8.19 34.85
C ARG B 1335 26.33 -7.04 34.07
N LEU B 1336 26.05 -6.97 32.77
CA LEU B 1336 26.60 -5.90 31.95
C LEU B 1336 26.24 -4.53 32.48
N VAL B 1337 25.11 -4.43 33.21
CA VAL B 1337 24.70 -3.14 33.76
C VAL B 1337 25.77 -2.59 34.70
N LYS B 1338 26.43 -3.48 35.44
CA LYS B 1338 27.53 -3.05 36.30
C LYS B 1338 28.59 -2.31 35.49
N LEU B 1339 28.93 -2.82 34.32
CA LEU B 1339 29.89 -2.14 33.45
C LEU B 1339 29.45 -0.71 33.18
N LEU B 1340 28.14 -0.50 32.98
CA LEU B 1340 27.62 0.83 32.71
C LEU B 1340 28.03 1.82 33.79
N SER B 1341 28.13 1.36 35.04
CA SER B 1341 28.44 2.27 36.13
C SER B 1341 29.86 2.80 36.09
N ARG B 1342 30.73 2.26 35.22
CA ARG B 1342 32.11 2.71 35.21
C ARG B 1342 32.20 4.22 34.97
N GLY B 1343 31.52 4.70 33.94
CA GLY B 1343 31.51 6.13 33.69
C GLY B 1343 30.87 6.88 34.84
N GLU B 1344 31.30 8.11 35.04
CA GLU B 1344 30.75 8.94 36.09
C GLU B 1344 29.76 9.98 35.58
N GLY B 1345 29.89 10.43 34.32
CA GLY B 1345 28.82 11.21 33.73
C GLY B 1345 27.51 10.44 33.68
N ILE B 1346 27.57 9.19 33.18
CA ILE B 1346 26.38 8.34 33.15
C ILE B 1346 25.86 8.11 34.56
N ARG B 1347 26.76 7.75 35.48
CA ARG B 1347 26.32 7.43 36.82
C ARG B 1347 25.59 8.62 37.44
N THR B 1348 26.19 9.81 37.39
CA THR B 1348 25.57 10.95 38.03
C THR B 1348 24.28 11.34 37.32
N LEU B 1349 24.23 11.26 35.98
CA LEU B 1349 23.04 11.66 35.26
C LEU B 1349 21.87 10.76 35.60
N LEU B 1350 22.05 9.45 35.43
CA LEU B 1350 20.97 8.53 35.77
C LEU B 1350 20.63 8.59 37.25
N TRP B 1351 21.64 8.74 38.11
CA TRP B 1351 21.35 8.75 39.54
C TRP B 1351 20.52 9.97 39.92
N THR B 1352 20.86 11.14 39.41
CA THR B 1352 20.08 12.32 39.78
C THR B 1352 18.68 12.26 39.19
N PHE B 1353 18.52 11.69 37.99
CA PHE B 1353 17.17 11.57 37.47
C PHE B 1353 16.36 10.53 38.24
N ILE B 1354 17.00 9.44 38.68
CA ILE B 1354 16.29 8.46 39.51
C ILE B 1354 15.85 9.11 40.80
N LYS B 1355 16.72 9.92 41.42
CA LYS B 1355 16.33 10.62 42.64
C LYS B 1355 15.17 11.57 42.38
N SER B 1356 15.21 12.31 41.27
CA SER B 1356 14.13 13.23 40.97
C SER B 1356 12.82 12.49 40.77
N PHE B 1357 12.87 11.35 40.08
CA PHE B 1357 11.66 10.56 39.88
C PHE B 1357 11.12 10.03 41.21
N GLN B 1358 12.01 9.55 42.07
CA GLN B 1358 11.57 9.02 43.36
C GLN B 1358 11.19 10.12 44.34
N ALA B 1359 11.46 11.38 44.01
CA ALA B 1359 11.08 12.50 44.86
C ALA B 1359 9.75 13.13 44.46
N LEU B 1360 9.12 12.66 43.40
CA LEU B 1360 7.79 13.12 42.99
C LEU B 1360 6.90 11.91 42.75
N PRO B 1361 6.56 11.17 43.80
CA PRO B 1361 5.72 9.97 43.61
C PRO B 1361 4.29 10.29 43.28
N TYR B 1362 3.91 11.57 43.25
CA TYR B 1362 2.52 11.95 43.04
C TYR B 1362 2.26 12.47 41.64
N VAL B 1363 3.27 13.00 40.95
CA VAL B 1363 3.06 13.39 39.56
C VAL B 1363 2.78 12.17 38.69
N ALA B 1364 3.44 11.06 39.01
CA ALA B 1364 3.14 9.80 38.33
C ALA B 1364 1.86 9.16 38.82
N LEU B 1365 1.48 9.41 40.08
CA LEU B 1365 0.20 8.91 40.57
C LEU B 1365 -0.95 9.49 39.77
N LEU B 1366 -0.82 10.72 39.32
CA LEU B 1366 -1.87 11.35 38.53
C LEU B 1366 -2.03 10.63 37.19
N ILE B 1367 -0.92 10.27 36.55
CA ILE B 1367 -0.98 9.51 35.31
C ILE B 1367 -1.61 8.14 35.55
N VAL B 1368 -1.26 7.50 36.67
CA VAL B 1368 -1.84 6.21 36.99
C VAL B 1368 -3.35 6.33 37.18
N MET B 1369 -3.79 7.38 37.85
CA MET B 1369 -5.22 7.60 38.04
C MET B 1369 -5.91 7.82 36.70
N LEU B 1370 -5.28 8.56 35.79
CA LEU B 1370 -5.89 8.76 34.48
C LEU B 1370 -6.01 7.45 33.72
N PHE B 1371 -4.96 6.64 33.73
CA PHE B 1371 -5.03 5.35 33.06
C PHE B 1371 -6.12 4.48 33.67
N PHE B 1372 -6.23 4.49 34.99
CA PHE B 1372 -7.28 3.71 35.65
C PHE B 1372 -8.66 4.19 35.21
N ILE B 1373 -8.89 5.50 35.23
CA ILE B 1373 -10.21 6.03 34.92
C ILE B 1373 -10.59 5.69 33.50
N TYR B 1374 -9.69 5.94 32.55
CA TYR B 1374 -10.04 5.67 31.17
C TYR B 1374 -10.13 4.19 30.87
N ALA B 1375 -9.34 3.36 31.56
CA ALA B 1375 -9.45 1.93 31.39
C ALA B 1375 -10.82 1.43 31.83
N VAL B 1376 -11.30 1.91 32.96
CA VAL B 1376 -12.62 1.48 33.44
C VAL B 1376 -13.72 2.00 32.52
N ILE B 1377 -13.61 3.24 32.06
CA ILE B 1377 -14.63 3.79 31.18
C ILE B 1377 -14.68 3.00 29.87
N GLY B 1378 -13.52 2.75 29.27
CA GLY B 1378 -13.49 1.96 28.05
C GLY B 1378 -13.98 0.55 28.28
N MET B 1379 -13.71 -0.02 29.45
CA MET B 1379 -14.32 -1.28 29.83
C MET B 1379 -15.82 -1.23 29.69
N GLN B 1380 -16.45 -0.28 30.36
CA GLN B 1380 -17.89 -0.32 30.46
C GLN B 1380 -18.60 0.10 29.18
N VAL B 1381 -17.98 0.93 28.36
CA VAL B 1381 -18.64 1.38 27.13
C VAL B 1381 -18.35 0.47 25.95
N PHE B 1382 -17.08 0.18 25.69
CA PHE B 1382 -16.67 -0.61 24.52
C PHE B 1382 -16.40 -2.07 24.85
N GLY B 1383 -16.81 -2.54 26.03
CA GLY B 1383 -16.39 -3.86 26.47
C GLY B 1383 -16.95 -5.00 25.64
N LYS B 1384 -18.07 -4.77 24.98
CA LYS B 1384 -18.80 -5.86 24.35
C LYS B 1384 -18.63 -5.91 22.83
N ILE B 1385 -17.69 -5.16 22.27
CA ILE B 1385 -17.47 -5.24 20.83
C ILE B 1385 -17.01 -6.64 20.46
N ALA B 1386 -17.26 -7.01 19.22
CA ALA B 1386 -17.01 -8.37 18.75
C ALA B 1386 -15.53 -8.52 18.38
N LEU B 1387 -14.88 -9.51 18.99
CA LEU B 1387 -13.49 -9.80 18.71
C LEU B 1387 -13.37 -10.47 17.34
N ASN B 1388 -12.89 -9.73 16.35
CA ASN B 1388 -12.55 -10.36 15.08
C ASN B 1388 -11.44 -9.56 14.43
N ASP B 1389 -10.51 -10.26 13.79
CA ASP B 1389 -9.45 -9.58 13.08
C ASP B 1389 -10.00 -8.90 11.84
N THR B 1390 -9.10 -8.29 11.08
CA THR B 1390 -9.39 -7.33 10.02
C THR B 1390 -9.93 -6.03 10.63
N THR B 1391 -10.08 -6.02 11.95
CA THR B 1391 -10.40 -4.83 12.72
C THR B 1391 -9.29 -4.62 13.74
N GLU B 1392 -9.48 -3.64 14.62
CA GLU B 1392 -8.50 -3.34 15.64
C GLU B 1392 -8.96 -3.67 17.04
N ILE B 1393 -10.23 -4.01 17.24
CA ILE B 1393 -10.69 -4.65 18.46
C ILE B 1393 -10.66 -6.15 18.17
N ASN B 1394 -9.55 -6.79 18.52
CA ASN B 1394 -9.31 -8.18 18.14
C ASN B 1394 -8.80 -8.96 19.34
N ARG B 1395 -8.29 -10.17 19.09
CA ARG B 1395 -7.86 -11.01 20.21
C ARG B 1395 -6.69 -10.42 20.97
N ASN B 1396 -6.00 -9.43 20.41
CA ASN B 1396 -4.90 -8.76 21.10
C ASN B 1396 -5.32 -7.45 21.74
N ASN B 1397 -6.16 -6.67 21.06
CA ASN B 1397 -6.65 -5.39 21.55
C ASN B 1397 -8.13 -5.52 21.86
N ASN B 1398 -8.51 -5.21 23.10
CA ASN B 1398 -9.92 -5.20 23.45
C ASN B 1398 -10.08 -4.66 24.86
N PHE B 1399 -11.25 -4.08 25.13
CA PHE B 1399 -11.60 -3.64 26.47
C PHE B 1399 -12.38 -4.72 27.22
N GLN B 1400 -11.87 -5.95 27.23
CA GLN B 1400 -12.59 -7.03 27.88
C GLN B 1400 -12.11 -7.32 29.29
N THR B 1401 -10.82 -7.16 29.55
CA THR B 1401 -10.28 -7.26 30.89
C THR B 1401 -9.46 -6.02 31.17
N PHE B 1402 -9.28 -5.72 32.45
CA PHE B 1402 -8.52 -4.53 32.82
C PHE B 1402 -7.10 -4.53 32.28
N PRO B 1403 -6.33 -5.62 32.37
CA PRO B 1403 -5.02 -5.60 31.72
C PRO B 1403 -5.11 -5.35 30.23
N GLN B 1404 -6.10 -5.93 29.56
CA GLN B 1404 -6.24 -5.70 28.12
C GLN B 1404 -6.55 -4.24 27.81
N ALA B 1405 -7.47 -3.63 28.57
CA ALA B 1405 -7.79 -2.23 28.34
C ALA B 1405 -6.61 -1.33 28.63
N VAL B 1406 -5.85 -1.61 29.70
CA VAL B 1406 -4.69 -0.78 29.99
C VAL B 1406 -3.64 -0.93 28.91
N LEU B 1407 -3.49 -2.13 28.35
CA LEU B 1407 -2.57 -2.28 27.23
C LEU B 1407 -3.03 -1.46 26.03
N LEU B 1408 -4.33 -1.47 25.77
CA LEU B 1408 -4.84 -0.68 24.64
C LEU B 1408 -4.59 0.80 24.86
N LEU B 1409 -4.78 1.27 26.08
CA LEU B 1409 -4.55 2.69 26.36
C LEU B 1409 -3.08 3.04 26.33
N PHE B 1410 -2.20 2.11 26.71
CA PHE B 1410 -0.77 2.36 26.54
C PHE B 1410 -0.41 2.41 25.07
N ARG B 1411 -1.05 1.57 24.25
CA ARG B 1411 -0.86 1.64 22.81
C ARG B 1411 -1.29 2.99 22.26
N CYS B 1412 -2.44 3.49 22.69
CA CYS B 1412 -2.89 4.79 22.21
C CYS B 1412 -1.98 5.91 22.69
N ALA B 1413 -1.49 5.83 23.92
CA ALA B 1413 -0.64 6.89 24.45
C ALA B 1413 0.65 7.02 23.66
N THR B 1414 1.26 5.90 23.30
CA THR B 1414 2.40 5.93 22.40
C THR B 1414 1.99 6.21 20.96
N GLY B 1415 0.73 6.53 20.73
CA GLY B 1415 0.26 6.92 19.42
C GLY B 1415 0.51 5.84 18.39
N GLU B 1416 -0.22 4.73 18.48
CA GLU B 1416 0.01 3.58 17.61
C GLU B 1416 -1.31 3.21 16.95
N ALA B 1417 -1.61 3.87 15.84
CA ALA B 1417 -2.85 3.63 15.10
C ALA B 1417 -4.05 3.68 16.03
N TRP B 1418 -4.05 4.66 16.94
CA TRP B 1418 -5.21 4.83 17.81
C TRP B 1418 -6.44 5.25 17.02
N GLN B 1419 -6.25 5.85 15.86
CA GLN B 1419 -7.40 6.27 15.07
C GLN B 1419 -8.13 5.07 14.48
N ASP B 1420 -7.42 3.97 14.22
CA ASP B 1420 -8.11 2.78 13.74
C ASP B 1420 -8.91 2.11 14.84
N ILE B 1421 -8.39 2.10 16.07
CA ILE B 1421 -9.22 1.68 17.19
C ILE B 1421 -10.43 2.58 17.31
N MET B 1422 -10.24 3.89 17.19
CA MET B 1422 -11.35 4.81 17.33
C MET B 1422 -12.41 4.55 16.28
N LEU B 1423 -12.00 4.28 15.04
CA LEU B 1423 -12.95 3.95 14.00
C LEU B 1423 -13.58 2.58 14.19
N ALA B 1424 -12.91 1.67 14.90
CA ALA B 1424 -13.45 0.35 15.14
C ALA B 1424 -14.40 0.29 16.32
N CYS B 1425 -14.31 1.24 17.25
CA CYS B 1425 -15.25 1.32 18.36
C CYS B 1425 -16.43 2.24 18.09
N MET B 1426 -16.49 2.86 16.91
CA MET B 1426 -17.65 3.66 16.55
C MET B 1426 -18.87 2.76 16.42
N PRO B 1427 -20.08 3.32 16.53
CA PRO B 1427 -21.28 2.48 16.58
C PRO B 1427 -21.44 1.64 15.32
N GLY B 1428 -22.35 0.68 15.41
CA GLY B 1428 -22.66 -0.20 14.30
C GLY B 1428 -21.92 -1.52 14.29
N LYS B 1429 -21.03 -1.75 15.26
CA LYS B 1429 -20.28 -3.00 15.29
C LYS B 1429 -21.10 -4.11 15.91
N LYS B 1430 -20.93 -5.32 15.39
CA LYS B 1430 -21.59 -6.49 15.95
C LYS B 1430 -21.18 -6.67 17.41
N CYS B 1431 -22.13 -7.08 18.23
CA CYS B 1431 -21.86 -7.21 19.66
C CYS B 1431 -21.28 -8.58 19.97
N ALA B 1432 -20.80 -8.73 21.21
CA ALA B 1432 -20.11 -9.94 21.60
C ALA B 1432 -21.06 -11.13 21.67
N PRO B 1433 -20.56 -12.34 21.44
CA PRO B 1433 -21.43 -13.52 21.59
C PRO B 1433 -21.74 -13.86 23.04
N GLU B 1434 -20.79 -13.71 23.96
CA GLU B 1434 -21.11 -13.93 25.37
C GLU B 1434 -22.14 -12.94 25.90
N SER B 1435 -22.36 -11.84 25.19
CA SER B 1435 -23.49 -10.97 25.49
C SER B 1435 -24.73 -11.49 24.78
N GLU B 1436 -25.79 -11.73 25.55
CA GLU B 1436 -27.02 -12.28 25.00
C GLU B 1436 -27.73 -11.25 24.14
N PRO B 1446 -26.06 -2.55 16.74
CA PRO B 1446 -26.07 -3.06 18.11
C PRO B 1446 -25.00 -2.41 18.98
N CYS B 1447 -23.99 -3.18 19.37
CA CYS B 1447 -22.97 -2.67 20.27
C CYS B 1447 -22.06 -1.68 19.54
N GLY B 1448 -21.28 -0.93 20.32
CA GLY B 1448 -20.47 0.14 19.79
C GLY B 1448 -21.11 1.49 20.04
N SER B 1449 -20.35 2.42 20.62
CA SER B 1449 -20.87 3.73 20.99
C SER B 1449 -20.17 4.82 20.21
N SER B 1450 -20.87 5.93 20.01
CA SER B 1450 -20.30 7.10 19.35
C SER B 1450 -19.50 7.96 20.29
N PHE B 1451 -19.43 7.59 21.57
CA PHE B 1451 -18.52 8.20 22.51
C PHE B 1451 -17.07 7.98 22.12
N ALA B 1452 -16.82 7.05 21.19
CA ALA B 1452 -15.46 6.65 20.86
C ALA B 1452 -14.62 7.80 20.35
N VAL B 1453 -15.24 8.89 19.92
CA VAL B 1453 -14.44 10.08 19.61
C VAL B 1453 -13.93 10.71 20.89
N PHE B 1454 -14.86 11.16 21.75
CA PHE B 1454 -14.46 11.88 22.95
C PHE B 1454 -13.57 11.02 23.85
N TYR B 1455 -13.71 9.70 23.75
CA TYR B 1455 -12.88 8.84 24.59
C TYR B 1455 -11.45 8.80 24.09
N PHE B 1456 -11.25 8.80 22.78
CA PHE B 1456 -9.91 8.61 22.24
C PHE B 1456 -9.21 9.91 21.89
N ILE B 1457 -9.97 10.95 21.53
CA ILE B 1457 -9.38 12.26 21.35
C ILE B 1457 -8.89 12.79 22.70
N SER B 1458 -9.81 12.95 23.65
CA SER B 1458 -9.48 13.55 24.92
C SER B 1458 -8.36 12.80 25.61
N PHE B 1459 -8.43 11.47 25.63
CA PHE B 1459 -7.37 10.68 26.23
C PHE B 1459 -6.02 11.10 25.68
N TYR B 1460 -5.90 11.14 24.36
CA TYR B 1460 -4.63 11.50 23.76
C TYR B 1460 -4.21 12.92 24.15
N MET B 1461 -5.18 13.83 24.26
CA MET B 1461 -4.84 15.17 24.69
C MET B 1461 -4.54 15.22 26.18
N LEU B 1462 -5.08 14.29 26.95
CA LEU B 1462 -4.84 14.32 28.38
C LEU B 1462 -3.51 13.67 28.72
N CYS B 1463 -3.29 12.44 28.25
CA CYS B 1463 -2.03 11.76 28.53
C CYS B 1463 -0.85 12.57 28.03
N ALA B 1464 -0.89 12.99 26.77
CA ALA B 1464 0.21 13.79 26.22
C ALA B 1464 0.41 15.08 27.00
N PHE B 1465 -0.60 15.54 27.73
CA PHE B 1465 -0.38 16.65 28.65
C PHE B 1465 0.27 16.16 29.93
N LEU B 1466 -0.35 15.18 30.59
CA LEU B 1466 0.16 14.74 31.89
C LEU B 1466 1.55 14.16 31.77
N ILE B 1467 1.90 13.64 30.59
CA ILE B 1467 3.27 13.20 30.37
C ILE B 1467 4.23 14.37 30.45
N ILE B 1468 3.94 15.45 29.70
CA ILE B 1468 4.80 16.62 29.73
C ILE B 1468 4.87 17.18 31.13
N ASN B 1469 3.71 17.33 31.78
CA ASN B 1469 3.69 17.78 33.16
C ASN B 1469 4.62 16.93 34.01
N LEU B 1470 4.63 15.62 33.80
CA LEU B 1470 5.57 14.77 34.52
C LEU B 1470 6.99 15.10 34.14
N PHE B 1471 7.30 15.08 32.83
CA PHE B 1471 8.68 15.22 32.39
C PHE B 1471 9.29 16.50 32.92
N VAL B 1472 8.62 17.63 32.69
CA VAL B 1472 9.16 18.90 33.16
C VAL B 1472 9.28 18.90 34.67
N ALA B 1473 8.29 18.34 35.37
CA ALA B 1473 8.37 18.31 36.82
C ALA B 1473 9.61 17.57 37.28
N VAL B 1474 10.06 16.59 36.51
CA VAL B 1474 11.28 15.88 36.84
C VAL B 1474 12.51 16.61 36.36
N ILE B 1475 12.42 17.34 35.24
CA ILE B 1475 13.55 18.12 34.77
C ILE B 1475 13.89 19.20 35.78
N MET B 1476 12.88 19.94 36.21
CA MET B 1476 13.14 21.21 36.86
C MET B 1476 13.39 21.04 38.35
N ASP B 1477 12.73 20.07 38.98
CA ASP B 1477 13.20 19.57 40.25
C ASP B 1477 14.70 19.33 40.21
N ASN B 1478 15.19 18.88 39.07
CA ASN B 1478 16.59 18.54 38.91
C ASN B 1478 17.39 19.65 38.24
N PHE B 1479 16.79 20.81 38.00
CA PHE B 1479 17.45 21.80 37.16
C PHE B 1479 18.71 22.37 37.77
N ASP B 1480 18.97 22.12 39.05
CA ASP B 1480 20.25 22.53 39.61
C ASP B 1480 21.40 21.82 38.92
N TYR B 1481 21.21 20.53 38.59
CA TYR B 1481 22.27 19.75 37.98
C TYR B 1481 22.36 19.98 36.48
N LEU B 1482 21.22 20.06 35.79
CA LEU B 1482 21.24 20.06 34.34
C LEU B 1482 21.98 21.27 33.79
N THR B 1483 21.81 22.43 34.41
CA THR B 1483 22.63 23.59 34.11
C THR B 1483 23.71 23.70 35.18
N ARG B 1484 24.96 23.57 34.77
CA ARG B 1484 26.07 23.54 35.70
C ARG B 1484 27.39 23.73 34.97
N ASP B 1485 28.20 24.69 35.40
CA ASP B 1485 29.43 25.00 34.66
C ASP B 1485 30.51 23.95 34.84
N TRP B 1486 30.37 23.05 35.82
CA TRP B 1486 31.34 21.99 36.07
C TRP B 1486 32.72 22.53 36.41
N SER B 1487 32.83 23.84 36.61
CA SER B 1487 34.10 24.46 36.97
C SER B 1487 34.11 24.96 38.41
N ILE B 1488 33.13 25.77 38.79
CA ILE B 1488 33.05 26.22 40.17
C ILE B 1488 32.68 25.03 41.05
N LEU B 1489 33.06 25.12 42.33
CA LEU B 1489 33.00 23.97 43.22
C LEU B 1489 31.59 23.39 43.28
N GLY B 1490 31.51 22.07 43.16
CA GLY B 1490 30.25 21.37 43.21
C GLY B 1490 30.37 20.08 43.98
N PRO B 1491 29.27 19.35 44.12
CA PRO B 1491 29.29 18.12 44.93
C PRO B 1491 30.31 17.10 44.46
N HIS B 1492 30.63 17.08 43.17
CA HIS B 1492 31.63 16.13 42.67
C HIS B 1492 32.99 16.38 43.31
N HIS B 1493 33.43 17.64 43.34
CA HIS B 1493 34.72 17.96 43.94
C HIS B 1493 34.72 17.65 45.42
N LEU B 1494 33.62 17.98 46.12
CA LEU B 1494 33.55 17.70 47.55
C LEU B 1494 33.61 16.20 47.83
N ASP B 1495 32.94 15.39 47.02
CA ASP B 1495 32.96 13.95 47.26
C ASP B 1495 34.33 13.36 46.92
N GLU B 1496 34.99 13.91 45.89
CA GLU B 1496 36.35 13.48 45.59
C GLU B 1496 37.28 13.81 46.75
N PHE B 1497 37.09 14.98 47.36
CA PHE B 1497 37.83 15.32 48.57
C PHE B 1497 37.49 14.38 49.71
N LYS B 1498 36.23 13.99 49.84
CA LYS B 1498 35.85 13.04 50.88
C LYS B 1498 36.60 11.73 50.72
N ARG B 1499 36.67 11.22 49.49
CA ARG B 1499 37.34 9.94 49.30
C ARG B 1499 38.85 10.06 49.48
N ILE B 1500 39.47 11.16 49.06
CA ILE B 1500 40.91 11.27 49.32
C ILE B 1500 41.18 11.50 50.80
N TRP B 1501 40.29 12.19 51.50
CA TRP B 1501 40.41 12.35 52.94
C TRP B 1501 40.34 11.00 53.64
N ALA B 1502 39.40 10.16 53.22
CA ALA B 1502 39.36 8.79 53.73
C ALA B 1502 40.61 8.02 53.35
N GLU B 1503 41.22 8.36 52.21
CA GLU B 1503 42.46 7.71 51.81
C GLU B 1503 43.58 8.04 52.79
N TYR B 1504 43.66 9.30 53.21
CA TYR B 1504 44.63 9.72 54.23
C TYR B 1504 44.07 9.66 55.65
N ASP B 1505 42.93 9.03 55.86
CA ASP B 1505 42.39 8.96 57.20
C ASP B 1505 41.38 7.84 57.34
N PRO B 1506 41.56 6.94 58.31
CA PRO B 1506 40.53 5.91 58.56
C PRO B 1506 39.26 6.53 59.13
N GLU B 1507 38.29 5.69 59.47
CA GLU B 1507 36.94 6.15 59.81
C GLU B 1507 36.91 7.14 60.97
N ALA B 1508 36.62 8.41 60.66
CA ALA B 1508 36.37 9.46 61.65
C ALA B 1508 37.48 9.56 62.69
N LYS B 1509 38.72 9.58 62.22
CA LYS B 1509 39.87 9.60 63.12
C LYS B 1509 40.90 10.61 62.66
N GLY B 1510 40.45 11.76 62.17
CA GLY B 1510 41.35 12.83 61.83
C GLY B 1510 41.02 14.14 62.54
N ARG B 1511 41.91 14.58 63.44
CA ARG B 1511 41.73 15.83 64.14
C ARG B 1511 42.72 16.89 63.68
N ILE B 1512 44.02 16.59 63.77
CA ILE B 1512 45.04 17.40 63.12
C ILE B 1512 45.74 16.49 62.11
N LYS B 1513 46.44 15.48 62.61
CA LYS B 1513 46.92 14.33 61.85
C LYS B 1513 47.71 14.69 60.59
N HIS B 1514 48.10 15.96 60.46
CA HIS B 1514 48.63 16.46 59.20
C HIS B 1514 50.01 17.05 59.41
N LEU B 1515 50.99 16.52 58.66
CA LEU B 1515 52.33 17.10 58.59
C LEU B 1515 52.85 17.11 57.15
N ASP B 1516 51.97 16.96 56.16
CA ASP B 1516 52.37 16.78 54.78
C ASP B 1516 51.57 17.70 53.87
N VAL B 1517 52.17 18.01 52.72
CA VAL B 1517 51.52 18.75 51.66
C VAL B 1517 51.30 17.85 50.43
N VAL B 1518 51.19 16.55 50.65
CA VAL B 1518 50.98 15.57 49.58
C VAL B 1518 49.52 15.64 49.16
N THR B 1519 48.77 16.56 49.75
CA THR B 1519 47.40 16.81 49.33
C THR B 1519 47.39 17.64 48.06
N LEU B 1520 48.11 17.18 47.03
CA LEU B 1520 48.08 17.81 45.71
C LEU B 1520 47.16 17.10 44.76
N LEU B 1521 46.50 16.01 45.20
CA LEU B 1521 45.48 15.40 44.37
C LEU B 1521 44.30 16.33 44.14
N ARG B 1522 44.14 17.34 45.00
CA ARG B 1522 43.35 18.52 44.65
C ARG B 1522 43.95 19.12 43.39
N ARG B 1523 43.25 19.05 42.28
CA ARG B 1523 43.81 19.48 41.00
C ARG B 1523 43.84 21.01 41.00
N ILE B 1524 44.22 21.60 39.87
CA ILE B 1524 44.28 23.06 39.79
C ILE B 1524 42.95 23.69 40.14
N GLN B 1525 41.83 23.02 39.80
CA GLN B 1525 40.54 23.45 40.31
C GLN B 1525 40.38 23.01 41.76
N PRO B 1526 39.69 23.80 42.58
CA PRO B 1526 39.59 23.51 44.01
C PRO B 1526 38.76 22.27 44.34
N CYS B 1534 51.41 23.77 44.09
CA CYS B 1534 51.43 24.90 45.01
C CYS B 1534 51.60 26.20 44.25
N PRO B 1535 50.49 26.83 43.85
CA PRO B 1535 50.58 28.13 43.19
C PRO B 1535 50.83 29.26 44.19
N HIS B 1536 52.08 29.76 44.21
CA HIS B 1536 52.47 30.86 45.09
C HIS B 1536 52.17 30.55 46.56
N ARG B 1537 52.18 29.27 46.91
CA ARG B 1537 51.90 28.80 48.27
C ARG B 1537 50.56 29.29 48.79
N VAL B 1538 49.58 29.48 47.90
CA VAL B 1538 48.22 29.73 48.36
C VAL B 1538 47.62 28.45 48.95
N ALA B 1539 48.17 27.29 48.60
CA ALA B 1539 47.78 26.06 49.27
C ALA B 1539 48.13 26.11 50.75
N CYS B 1540 49.33 26.63 51.08
CA CYS B 1540 49.69 26.80 52.48
C CYS B 1540 48.76 27.78 53.18
N LYS B 1541 48.41 28.88 52.51
CA LYS B 1541 47.52 29.85 53.11
C LYS B 1541 46.14 29.25 53.37
N ARG B 1542 45.62 28.48 52.41
CA ARG B 1542 44.34 27.83 52.58
C ARG B 1542 44.38 26.79 53.70
N LEU B 1543 45.45 26.00 53.77
CA LEU B 1543 45.56 24.95 54.77
C LEU B 1543 45.66 25.55 56.17
N VAL B 1544 46.58 26.49 56.36
CA VAL B 1544 46.76 27.11 57.68
C VAL B 1544 45.55 27.95 58.04
N SER B 1545 45.09 28.79 57.10
CA SER B 1545 43.95 29.65 57.34
C SER B 1545 42.73 29.18 56.55
N ASN B 1559 36.06 17.41 59.66
CA ASN B 1559 34.95 18.14 59.06
C ASN B 1559 35.22 19.65 59.06
N ALA B 1560 35.98 20.09 60.05
CA ALA B 1560 36.29 21.52 60.14
C ALA B 1560 37.12 21.97 58.96
N THR B 1561 38.14 21.19 58.59
CA THR B 1561 38.93 21.51 57.41
C THR B 1561 38.07 21.49 56.15
N LEU B 1562 37.06 20.62 56.10
CA LEU B 1562 36.14 20.61 54.97
C LEU B 1562 35.43 21.94 54.82
N PHE B 1563 34.85 22.45 55.91
CA PHE B 1563 34.11 23.70 55.83
C PHE B 1563 35.05 24.88 55.56
N ALA B 1564 36.24 24.84 56.13
CA ALA B 1564 37.23 25.88 55.85
C ALA B 1564 37.59 25.90 54.37
N LEU B 1565 37.82 24.73 53.78
CA LEU B 1565 38.08 24.65 52.35
C LEU B 1565 36.89 25.16 51.55
N VAL B 1566 35.68 24.79 51.96
CA VAL B 1566 34.48 25.26 51.27
C VAL B 1566 34.45 26.78 51.22
N ARG B 1567 34.66 27.41 52.38
CA ARG B 1567 34.59 28.86 52.44
C ARG B 1567 35.74 29.51 51.68
N THR B 1568 36.95 28.96 51.79
CA THR B 1568 38.13 29.63 51.24
C THR B 1568 38.28 29.43 49.75
N ALA B 1569 38.17 28.18 49.28
CA ALA B 1569 38.37 27.89 47.86
C ALA B 1569 37.39 28.65 46.98
N LEU B 1570 36.18 28.90 47.49
CA LEU B 1570 35.24 29.74 46.74
C LEU B 1570 35.81 31.13 46.51
N ARG B 1571 36.63 31.62 47.43
CA ARG B 1571 37.23 32.95 47.33
C ARG B 1571 36.15 34.01 47.10
N ILE B 1572 35.04 33.89 47.82
CA ILE B 1572 33.93 34.81 47.62
C ILE B 1572 34.35 36.24 47.93
N LYS B 1573 34.97 36.45 49.08
CA LYS B 1573 35.33 37.77 49.54
C LYS B 1573 36.71 37.74 50.19
N THR B 1574 37.37 38.89 50.23
CA THR B 1574 38.70 39.03 50.83
C THR B 1574 38.74 40.36 51.58
N GLU B 1575 38.54 40.31 52.90
CA GLU B 1575 38.54 41.51 53.71
C GLU B 1575 39.29 41.38 55.04
N GLY B 1576 39.84 40.22 55.36
CA GLY B 1576 40.51 40.01 56.63
C GLY B 1576 39.58 39.84 57.81
N ASN B 1577 38.27 39.97 57.61
CA ASN B 1577 37.28 39.81 58.66
C ASN B 1577 36.27 38.72 58.32
N LEU B 1578 36.55 37.90 57.31
CA LEU B 1578 35.57 36.95 56.81
C LEU B 1578 35.39 35.76 57.74
N GLU B 1579 36.26 35.58 58.75
CA GLU B 1579 36.03 34.51 59.71
C GLU B 1579 34.85 34.82 60.61
N GLN B 1580 34.78 36.05 61.14
CA GLN B 1580 33.63 36.46 61.93
C GLN B 1580 32.38 36.61 61.06
N ALA B 1581 32.56 37.04 59.81
CA ALA B 1581 31.45 37.09 58.88
C ALA B 1581 30.88 35.70 58.63
N ASN B 1582 31.76 34.71 58.47
CA ASN B 1582 31.32 33.33 58.34
C ASN B 1582 30.61 32.87 59.61
N GLU B 1583 31.13 33.27 60.77
CA GLU B 1583 30.47 32.94 62.03
C GLU B 1583 29.03 33.43 62.05
N GLU B 1584 28.83 34.71 61.76
CA GLU B 1584 27.48 35.28 61.79
C GLU B 1584 26.60 34.67 60.71
N LEU B 1585 27.15 34.43 59.51
CA LEU B 1585 26.36 33.84 58.42
C LEU B 1585 25.90 32.43 58.78
N ARG B 1586 26.80 31.61 59.30
CA ARG B 1586 26.42 30.26 59.70
C ARG B 1586 25.41 30.28 60.83
N ALA B 1587 25.58 31.20 61.80
CA ALA B 1587 24.63 31.30 62.88
C ALA B 1587 23.24 31.66 62.37
N ILE B 1588 23.15 32.67 61.50
CA ILE B 1588 21.84 33.14 61.05
C ILE B 1588 21.18 32.13 60.12
N ILE B 1589 21.95 31.54 59.19
CA ILE B 1589 21.36 30.67 58.19
C ILE B 1589 20.90 29.36 58.81
N LYS B 1590 21.71 28.78 59.69
CA LYS B 1590 21.37 27.53 60.34
C LYS B 1590 20.11 27.66 61.18
N LYS B 1599 22.93 24.59 64.58
CA LYS B 1599 22.23 23.31 64.39
C LYS B 1599 23.16 22.13 64.65
N LEU B 1600 24.44 22.45 64.86
CA LEU B 1600 25.45 21.42 65.09
C LEU B 1600 26.64 22.08 65.78
N LEU B 1601 27.76 21.35 65.82
CA LEU B 1601 28.95 21.78 66.56
C LEU B 1601 29.59 22.97 65.85
N ASP B 1602 29.23 24.17 66.28
CA ASP B 1602 29.84 25.40 65.78
C ASP B 1602 30.99 25.88 66.67
N GLN B 1603 31.38 25.09 67.68
CA GLN B 1603 32.50 25.48 68.53
C GLN B 1603 33.84 25.26 67.84
N VAL B 1604 33.88 24.49 66.78
CA VAL B 1604 35.10 24.29 66.00
C VAL B 1604 34.98 24.85 64.59
N VAL B 1605 33.77 25.11 64.11
CA VAL B 1605 33.59 25.50 62.71
C VAL B 1605 34.33 26.77 62.34
N PRO B 1606 34.20 27.89 63.07
CA PRO B 1606 34.94 29.10 62.69
C PRO B 1606 36.44 28.92 62.80
N PRO B 1607 36.95 28.35 63.91
CA PRO B 1607 38.41 28.14 63.84
C PRO B 1607 38.80 27.00 62.91
N PHE C 27 18.06 -76.15 -35.85
CA PHE C 27 18.77 -75.46 -36.91
C PHE C 27 17.79 -74.77 -37.87
N PRO C 28 18.12 -73.54 -38.27
CA PRO C 28 17.25 -72.81 -39.20
C PRO C 28 17.55 -73.19 -40.64
N SER C 29 16.56 -73.75 -41.32
CA SER C 29 16.64 -74.04 -42.74
C SER C 29 15.46 -73.40 -43.45
N ALA C 30 15.69 -72.93 -44.68
CA ALA C 30 14.66 -72.17 -45.39
C ALA C 30 13.44 -73.04 -45.68
N VAL C 31 13.65 -74.18 -46.32
CA VAL C 31 12.52 -74.98 -46.79
C VAL C 31 11.79 -75.65 -45.62
N THR C 32 12.54 -76.03 -44.58
CA THR C 32 11.89 -76.65 -43.42
C THR C 32 10.90 -75.69 -42.77
N ILE C 33 11.28 -74.42 -42.63
CA ILE C 33 10.38 -73.46 -42.03
C ILE C 33 9.24 -73.12 -42.99
N LYS C 34 9.51 -73.07 -44.30
CA LYS C 34 8.44 -72.89 -45.27
C LYS C 34 7.34 -73.92 -45.09
N SER C 35 7.73 -75.19 -44.87
CA SER C 35 6.74 -76.21 -44.56
C SER C 35 6.07 -75.92 -43.23
N TRP C 36 6.83 -75.45 -42.23
CA TRP C 36 6.23 -75.08 -40.96
C TRP C 36 5.20 -73.96 -41.15
N VAL C 37 5.57 -72.93 -41.91
CA VAL C 37 4.65 -71.82 -42.16
C VAL C 37 3.47 -72.27 -42.99
N ASP C 38 3.73 -72.99 -44.09
CA ASP C 38 2.65 -73.38 -44.99
C ASP C 38 1.63 -74.24 -44.27
N LYS C 39 2.06 -75.00 -43.27
CA LYS C 39 1.11 -75.77 -42.47
C LYS C 39 0.26 -74.84 -41.60
N MET C 40 0.91 -73.85 -40.98
CA MET C 40 0.20 -72.97 -40.05
C MET C 40 -0.88 -72.17 -40.75
N GLN C 41 -0.55 -71.57 -41.89
CA GLN C 41 -1.53 -70.72 -42.57
C GLN C 41 -2.67 -71.57 -43.11
N GLU C 42 -2.38 -72.78 -43.57
CA GLU C 42 -3.44 -73.67 -44.05
C GLU C 42 -4.35 -74.08 -42.91
N ASP C 43 -3.79 -74.24 -41.71
CA ASP C 43 -4.61 -74.51 -40.54
C ASP C 43 -5.58 -73.36 -40.26
N LEU C 44 -5.04 -72.14 -40.17
CA LEU C 44 -5.87 -71.00 -39.77
C LEU C 44 -6.86 -70.63 -40.86
N VAL C 45 -6.39 -70.52 -42.10
CA VAL C 45 -7.26 -70.13 -43.20
C VAL C 45 -8.43 -71.08 -43.31
N THR C 46 -8.17 -72.39 -43.27
CA THR C 46 -9.25 -73.36 -43.41
C THR C 46 -10.17 -73.33 -42.20
N LEU C 47 -9.61 -73.16 -40.99
CA LEU C 47 -10.45 -73.08 -39.81
C LEU C 47 -11.44 -71.92 -39.92
N ALA C 48 -10.93 -70.72 -40.22
CA ALA C 48 -11.82 -69.56 -40.36
C ALA C 48 -12.74 -69.73 -41.55
N LYS C 49 -12.22 -70.23 -42.67
CA LYS C 49 -13.03 -70.43 -43.86
C LYS C 49 -14.23 -71.32 -43.57
N THR C 50 -14.03 -72.36 -42.75
CA THR C 50 -15.11 -73.32 -42.52
C THR C 50 -15.96 -72.94 -41.32
N ALA C 51 -15.33 -72.58 -40.20
CA ALA C 51 -16.08 -72.28 -38.99
C ALA C 51 -16.96 -71.05 -39.18
N SER C 52 -16.37 -69.95 -39.67
CA SER C 52 -17.12 -68.71 -39.82
C SER C 52 -18.26 -68.87 -40.82
N GLY C 53 -17.96 -69.41 -42.00
CA GLY C 53 -18.96 -69.58 -43.01
C GLY C 53 -18.94 -68.46 -44.04
N VAL C 54 -17.75 -68.00 -44.39
CA VAL C 54 -17.63 -66.88 -45.31
C VAL C 54 -18.25 -67.22 -46.65
N ASN C 55 -18.00 -68.42 -47.16
CA ASN C 55 -18.66 -68.85 -48.38
C ASN C 55 -19.98 -69.56 -48.09
N GLN C 56 -20.31 -69.76 -46.82
CA GLN C 56 -21.64 -70.21 -46.44
C GLN C 56 -22.64 -69.07 -46.38
N LEU C 57 -22.19 -67.84 -46.54
CA LEU C 57 -23.09 -66.67 -46.62
C LEU C 57 -23.15 -66.08 -48.02
N VAL C 58 -22.07 -66.15 -48.79
CA VAL C 58 -22.06 -65.55 -50.12
C VAL C 58 -23.19 -66.14 -50.96
N ASP C 59 -23.44 -67.44 -50.81
CA ASP C 59 -24.59 -68.04 -51.49
C ASP C 59 -25.90 -67.43 -51.02
N ILE C 60 -26.05 -67.23 -49.70
CA ILE C 60 -27.30 -66.69 -49.17
C ILE C 60 -27.61 -65.35 -49.82
N TYR C 61 -26.62 -64.46 -49.84
CA TYR C 61 -26.81 -63.17 -50.51
C TYR C 61 -27.06 -63.35 -52.00
N GLU C 62 -26.33 -64.29 -52.62
CA GLU C 62 -26.54 -64.53 -54.05
C GLU C 62 -27.82 -65.31 -54.30
N LYS C 63 -28.22 -66.19 -53.37
CA LYS C 63 -29.43 -66.99 -53.57
C LYS C 63 -30.65 -66.10 -53.71
N TYR C 64 -30.77 -65.08 -52.86
CA TYR C 64 -31.88 -64.15 -52.93
C TYR C 64 -31.52 -63.00 -53.87
N GLN C 65 -31.59 -63.31 -55.17
CA GLN C 65 -31.45 -62.28 -56.19
C GLN C 65 -32.58 -61.27 -56.07
N ASP C 66 -33.79 -61.75 -55.83
CA ASP C 66 -34.87 -60.87 -55.40
C ASP C 66 -34.60 -60.37 -53.99
N LEU C 67 -35.37 -59.36 -53.58
CA LEU C 67 -35.18 -58.61 -52.35
C LEU C 67 -33.94 -57.71 -52.40
N TYR C 68 -33.41 -57.47 -53.60
CA TYR C 68 -32.25 -56.62 -53.79
C TYR C 68 -32.54 -55.57 -54.84
N THR C 69 -31.78 -54.48 -54.78
CA THR C 69 -31.58 -53.62 -55.94
C THR C 69 -30.24 -52.94 -55.72
N VAL C 70 -29.18 -53.47 -56.34
CA VAL C 70 -27.84 -52.95 -56.09
C VAL C 70 -27.71 -51.65 -56.87
N GLU C 71 -27.86 -50.56 -56.20
CA GLU C 71 -27.87 -49.28 -56.86
C GLU C 71 -26.52 -48.58 -56.72
N PRO C 72 -26.16 -47.71 -57.65
CA PRO C 72 -24.85 -47.07 -57.61
C PRO C 72 -24.84 -45.73 -56.90
N ASN C 73 -23.76 -45.49 -56.15
CA ASN C 73 -23.49 -44.16 -55.62
C ASN C 73 -22.81 -43.36 -56.73
N ASN C 74 -23.53 -42.39 -57.29
CA ASN C 74 -23.00 -41.66 -58.43
C ASN C 74 -21.75 -40.87 -58.07
N ALA C 75 -21.58 -40.53 -56.80
CA ALA C 75 -20.36 -39.91 -56.29
C ALA C 75 -20.12 -38.54 -56.90
N ARG C 76 -20.97 -38.13 -57.80
CA ARG C 76 -20.97 -36.77 -58.31
C ARG C 76 -22.37 -36.17 -58.24
N GLN C 77 -23.40 -36.98 -58.47
CA GLN C 77 -24.74 -36.55 -58.10
C GLN C 77 -24.98 -36.74 -56.62
N LEU C 78 -24.02 -37.35 -55.92
CA LEU C 78 -24.16 -37.53 -54.48
C LEU C 78 -23.55 -36.35 -53.72
N VAL C 79 -22.44 -35.83 -54.20
CA VAL C 79 -21.86 -34.63 -53.59
C VAL C 79 -22.72 -33.42 -53.91
N GLU C 80 -23.12 -33.28 -55.16
CA GLU C 80 -23.87 -32.09 -55.56
C GLU C 80 -25.24 -32.04 -54.92
N ILE C 81 -25.85 -33.20 -54.68
CA ILE C 81 -27.17 -33.19 -54.06
C ILE C 81 -27.06 -32.95 -52.56
N ALA C 82 -25.87 -33.16 -51.98
CA ALA C 82 -25.63 -32.82 -50.59
C ALA C 82 -24.95 -31.48 -50.42
N ALA C 83 -24.11 -31.07 -51.36
CA ALA C 83 -23.56 -29.73 -51.32
C ALA C 83 -24.58 -28.68 -51.75
N ARG C 84 -25.73 -29.09 -52.26
CA ARG C 84 -26.82 -28.15 -52.48
C ARG C 84 -27.81 -28.15 -51.32
N ASP C 85 -27.81 -29.20 -50.51
CA ASP C 85 -28.61 -29.18 -49.29
C ASP C 85 -27.94 -28.37 -48.21
N ILE C 86 -26.60 -28.46 -48.11
CA ILE C 86 -25.88 -27.66 -47.13
C ILE C 86 -25.94 -26.19 -47.48
N GLU C 87 -25.87 -25.87 -48.78
CA GLU C 87 -25.99 -24.48 -49.19
C GLU C 87 -27.38 -23.94 -48.90
N LYS C 88 -28.40 -24.80 -48.96
CA LYS C 88 -29.74 -24.36 -48.61
C LYS C 88 -29.86 -24.11 -47.11
N LEU C 89 -29.20 -24.92 -46.30
CA LEU C 89 -29.23 -24.71 -44.86
C LEU C 89 -28.57 -23.39 -44.48
N LEU C 90 -27.34 -23.17 -44.94
CA LEU C 90 -26.64 -21.92 -44.66
C LEU C 90 -27.25 -20.75 -45.40
N SER C 91 -28.34 -20.94 -46.12
CA SER C 91 -29.08 -19.84 -46.72
C SER C 91 -30.34 -19.52 -45.94
N ASN C 92 -30.97 -20.55 -45.36
CA ASN C 92 -32.09 -20.29 -44.46
C ASN C 92 -31.64 -19.51 -43.24
N ARG C 93 -30.46 -19.84 -42.71
CA ARG C 93 -29.89 -19.07 -41.61
C ARG C 93 -29.38 -17.71 -42.06
N SER C 94 -29.36 -17.44 -43.36
CA SER C 94 -29.07 -16.10 -43.84
C SER C 94 -30.31 -15.24 -43.93
N LYS C 95 -31.48 -15.85 -44.12
CA LYS C 95 -32.73 -15.09 -44.06
C LYS C 95 -33.09 -14.74 -42.62
N ALA C 96 -32.90 -15.69 -41.70
CA ALA C 96 -33.14 -15.39 -40.30
C ALA C 96 -32.23 -14.29 -39.81
N LEU C 97 -31.01 -14.23 -40.31
CA LEU C 97 -30.10 -13.16 -39.93
C LEU C 97 -30.54 -11.83 -40.52
N VAL C 98 -30.65 -11.76 -41.85
CA VAL C 98 -30.98 -10.49 -42.49
C VAL C 98 -32.28 -9.94 -41.96
N ARG C 99 -33.28 -10.80 -41.77
CA ARG C 99 -34.55 -10.35 -41.20
C ARG C 99 -34.38 -9.87 -39.77
N LEU C 100 -33.30 -10.26 -39.10
CA LEU C 100 -33.07 -9.81 -37.73
C LEU C 100 -32.29 -8.50 -37.70
N ALA C 101 -31.34 -8.33 -38.60
CA ALA C 101 -30.57 -7.09 -38.62
C ALA C 101 -31.44 -5.89 -38.94
N LEU C 102 -32.33 -6.03 -39.93
CA LEU C 102 -33.16 -4.91 -40.33
C LEU C 102 -34.14 -4.52 -39.23
N GLU C 103 -34.59 -5.48 -38.43
CA GLU C 103 -35.54 -5.14 -37.37
C GLU C 103 -34.82 -4.49 -36.19
N ALA C 104 -33.58 -4.87 -35.94
CA ALA C 104 -32.84 -4.20 -34.87
C ALA C 104 -32.15 -2.94 -35.34
N GLU C 105 -32.17 -2.64 -36.63
CA GLU C 105 -31.70 -1.36 -37.12
C GLU C 105 -32.85 -0.37 -37.27
N LYS C 106 -34.05 -0.87 -37.54
CA LYS C 106 -35.21 -0.01 -37.71
C LYS C 106 -35.86 0.34 -36.38
N VAL C 107 -35.49 -0.35 -35.31
CA VAL C 107 -36.04 -0.03 -33.99
C VAL C 107 -35.09 0.87 -33.22
N GLN C 108 -33.79 0.62 -33.34
CA GLN C 108 -32.80 1.57 -32.84
C GLN C 108 -33.06 2.98 -33.35
N ALA C 109 -33.44 3.11 -34.63
CA ALA C 109 -33.67 4.42 -35.20
C ALA C 109 -34.71 5.21 -34.43
N ALA C 110 -35.71 4.53 -33.87
CA ALA C 110 -36.77 5.19 -33.13
C ALA C 110 -36.80 4.61 -31.72
N HIS C 111 -35.99 5.17 -30.83
CA HIS C 111 -35.93 4.70 -29.46
C HIS C 111 -36.18 5.84 -28.48
N GLN C 112 -35.76 7.04 -28.83
CA GLN C 112 -35.97 8.31 -28.16
C GLN C 112 -35.07 8.49 -26.93
N TRP C 113 -34.31 7.48 -26.52
CA TRP C 113 -33.34 7.61 -25.44
C TRP C 113 -33.98 8.15 -24.16
N ARG C 114 -34.85 7.32 -23.59
CA ARG C 114 -35.34 7.63 -22.27
C ARG C 114 -34.18 7.66 -21.28
N GLU C 115 -34.40 8.33 -20.16
CA GLU C 115 -33.39 8.34 -19.11
C GLU C 115 -34.03 8.22 -17.73
N ASP C 116 -35.19 7.58 -17.65
CA ASP C 116 -35.98 7.55 -16.43
C ASP C 116 -36.77 6.24 -16.41
N PHE C 117 -36.25 5.25 -15.70
CA PHE C 117 -36.89 3.94 -15.65
C PHE C 117 -37.36 3.59 -14.24
N ALA C 118 -37.52 4.58 -13.37
CA ALA C 118 -38.17 4.34 -12.09
C ALA C 118 -39.59 3.86 -12.32
N SER C 119 -40.31 4.50 -13.24
CA SER C 119 -41.55 3.98 -13.79
C SER C 119 -41.28 3.41 -15.18
N ASN C 120 -42.28 2.71 -15.72
CA ASN C 120 -42.14 2.02 -17.00
C ASN C 120 -40.93 1.10 -17.00
N GLU C 121 -40.76 0.38 -15.90
CA GLU C 121 -39.58 -0.48 -15.73
C GLU C 121 -39.46 -1.44 -16.90
N VAL C 122 -38.24 -1.57 -17.41
CA VAL C 122 -37.98 -2.55 -18.46
C VAL C 122 -38.09 -3.94 -17.87
N VAL C 123 -38.80 -4.82 -18.57
CA VAL C 123 -39.08 -6.16 -18.10
C VAL C 123 -38.35 -7.15 -19.01
N TYR C 124 -37.69 -8.13 -18.40
CA TYR C 124 -36.78 -8.99 -19.14
C TYR C 124 -36.39 -10.16 -18.25
N TYR C 125 -35.88 -11.21 -18.87
CA TYR C 125 -35.45 -12.40 -18.15
C TYR C 125 -33.92 -12.40 -18.08
N ASN C 126 -33.38 -11.84 -17.01
CA ASN C 126 -31.93 -11.96 -16.80
C ASN C 126 -31.58 -13.43 -16.66
N ALA C 127 -30.53 -13.85 -17.36
CA ALA C 127 -30.27 -15.27 -17.52
C ALA C 127 -29.80 -15.92 -16.24
N LYS C 128 -29.15 -15.18 -15.36
CA LYS C 128 -28.56 -15.75 -14.14
C LYS C 128 -29.49 -15.44 -12.96
N ASP C 129 -30.47 -16.32 -12.76
CA ASP C 129 -31.43 -16.16 -11.68
C ASP C 129 -31.55 -17.41 -10.83
N GLN C 143 -37.77 -4.86 -13.69
CA GLN C 143 -38.21 -6.04 -12.96
C GLN C 143 -38.13 -7.27 -13.85
N ARG C 144 -37.91 -8.43 -13.24
CA ARG C 144 -37.58 -9.63 -13.99
C ARG C 144 -38.82 -10.43 -14.35
N ILE C 145 -38.63 -11.37 -15.28
CA ILE C 145 -39.64 -12.32 -15.67
C ILE C 145 -39.35 -13.65 -14.98
N LYS C 146 -40.37 -14.25 -14.38
CA LYS C 146 -40.26 -15.61 -13.90
C LYS C 146 -40.76 -16.53 -15.01
N PRO C 147 -39.90 -17.29 -15.67
CA PRO C 147 -40.33 -18.03 -16.85
C PRO C 147 -40.78 -19.45 -16.52
N VAL C 148 -41.46 -20.04 -17.49
CA VAL C 148 -41.82 -21.46 -17.44
C VAL C 148 -40.91 -22.19 -18.42
N PHE C 149 -40.30 -23.26 -17.95
CA PHE C 149 -39.29 -23.97 -18.71
C PHE C 149 -39.77 -25.36 -19.08
N ILE C 150 -39.72 -25.67 -20.38
CA ILE C 150 -40.04 -26.99 -20.89
C ILE C 150 -38.73 -27.66 -21.29
N GLU C 151 -38.53 -28.89 -20.82
CA GLU C 151 -37.30 -29.61 -21.12
C GLU C 151 -37.34 -30.04 -22.57
N ASP C 152 -36.50 -29.42 -23.41
CA ASP C 152 -36.44 -29.74 -24.82
C ASP C 152 -35.17 -30.53 -25.09
N ALA C 153 -35.33 -31.73 -25.64
CA ALA C 153 -34.19 -32.60 -25.90
C ALA C 153 -33.34 -32.10 -27.05
N ASN C 154 -33.88 -31.22 -27.89
CA ASN C 154 -33.09 -30.67 -29.00
C ASN C 154 -31.89 -29.88 -28.50
N PHE C 155 -32.14 -28.93 -27.60
CA PHE C 155 -31.06 -28.12 -27.05
C PHE C 155 -30.32 -28.82 -25.91
N GLY C 156 -30.90 -29.86 -25.34
CA GLY C 156 -30.28 -30.54 -24.23
C GLY C 156 -30.42 -29.84 -22.90
N ARG C 157 -31.22 -28.77 -22.82
CA ARG C 157 -31.41 -28.07 -21.56
C ARG C 157 -32.83 -27.53 -21.55
N GLN C 158 -33.11 -26.62 -20.61
CA GLN C 158 -34.45 -26.08 -20.43
C GLN C 158 -34.66 -24.88 -21.33
N ILE C 159 -35.78 -24.86 -22.03
CA ILE C 159 -36.11 -23.80 -22.99
C ILE C 159 -37.44 -23.19 -22.57
N SER C 160 -37.72 -22.01 -23.10
CA SER C 160 -38.98 -21.35 -22.77
C SER C 160 -39.78 -20.94 -24.01
N TYR C 161 -39.13 -20.53 -25.08
CA TYR C 161 -39.78 -20.25 -26.36
C TYR C 161 -40.75 -19.07 -26.30
N GLN C 162 -40.91 -18.45 -25.14
CA GLN C 162 -41.87 -17.36 -24.99
C GLN C 162 -41.22 -16.01 -24.77
N HIS C 163 -39.91 -15.96 -24.54
CA HIS C 163 -39.20 -14.69 -24.46
C HIS C 163 -37.73 -14.97 -24.75
N ALA C 164 -36.94 -13.91 -24.74
CA ALA C 164 -35.51 -14.01 -24.99
C ALA C 164 -34.76 -13.71 -23.71
N ALA C 165 -33.82 -14.57 -23.37
CA ALA C 165 -33.00 -14.34 -22.21
C ALA C 165 -32.00 -13.22 -22.50
N VAL C 166 -31.45 -12.65 -21.44
CA VAL C 166 -30.46 -11.60 -21.54
C VAL C 166 -29.31 -11.95 -20.62
N HIS C 167 -28.09 -11.71 -21.05
CA HIS C 167 -26.91 -12.02 -20.25
C HIS C 167 -26.06 -10.76 -20.15
N ILE C 168 -26.18 -10.04 -19.04
CA ILE C 168 -25.30 -8.91 -18.75
C ILE C 168 -24.04 -9.46 -18.11
N PRO C 169 -22.85 -9.16 -18.65
CA PRO C 169 -21.62 -9.73 -18.08
C PRO C 169 -21.49 -9.46 -16.60
N THR C 170 -20.60 -10.19 -15.94
CA THR C 170 -20.63 -10.23 -14.49
C THR C 170 -20.21 -8.93 -13.83
N ASP C 171 -19.68 -7.96 -14.57
CA ASP C 171 -19.33 -6.69 -13.96
C ASP C 171 -19.86 -5.48 -14.71
N ILE C 172 -20.72 -5.66 -15.69
CA ILE C 172 -21.50 -4.56 -16.24
C ILE C 172 -22.72 -4.39 -15.35
N TYR C 173 -22.92 -3.19 -14.79
CA TYR C 173 -24.03 -3.02 -13.87
C TYR C 173 -25.34 -3.25 -14.58
N GLU C 174 -26.17 -4.09 -13.99
CA GLU C 174 -27.40 -4.52 -14.64
C GLU C 174 -28.35 -3.36 -14.92
N GLY C 175 -28.29 -2.32 -14.10
CA GLY C 175 -29.26 -1.25 -14.22
C GLY C 175 -28.73 0.14 -14.49
N SER C 176 -27.61 0.26 -15.18
CA SER C 176 -27.14 1.58 -15.56
C SER C 176 -27.99 2.13 -16.69
N THR C 177 -27.79 3.41 -17.00
CA THR C 177 -28.61 4.06 -18.02
C THR C 177 -28.28 3.57 -19.41
N ILE C 178 -26.99 3.41 -19.71
CA ILE C 178 -26.60 2.93 -21.04
C ILE C 178 -27.10 1.52 -21.29
N VAL C 179 -27.36 0.76 -20.23
CA VAL C 179 -27.80 -0.62 -20.37
C VAL C 179 -29.31 -0.72 -20.37
N LEU C 180 -29.99 0.08 -19.54
CA LEU C 180 -31.44 -0.01 -19.46
C LEU C 180 -32.11 0.40 -20.77
N ASN C 181 -31.48 1.30 -21.53
CA ASN C 181 -31.95 1.54 -22.88
C ASN C 181 -31.76 0.31 -23.75
N GLU C 182 -30.59 -0.32 -23.64
CA GLU C 182 -30.30 -1.51 -24.44
C GLU C 182 -31.33 -2.61 -24.19
N LEU C 183 -31.84 -2.70 -22.97
CA LEU C 183 -32.89 -3.66 -22.69
C LEU C 183 -34.24 -3.21 -23.22
N ASN C 184 -34.35 -1.98 -23.70
CA ASN C 184 -35.64 -1.49 -24.20
C ASN C 184 -35.77 -1.68 -25.71
N TRP C 185 -34.91 -1.05 -26.50
CA TRP C 185 -35.05 -1.17 -27.93
C TRP C 185 -34.71 -2.54 -28.45
N THR C 186 -34.12 -3.41 -27.63
CA THR C 186 -33.94 -4.81 -27.99
C THR C 186 -35.06 -5.68 -27.46
N SER C 187 -36.10 -5.09 -26.90
CA SER C 187 -37.30 -5.84 -26.57
C SER C 187 -38.27 -5.92 -27.74
N ALA C 188 -37.94 -5.29 -28.86
CA ALA C 188 -38.69 -5.44 -30.10
C ALA C 188 -38.10 -6.53 -30.99
N LEU C 189 -37.04 -7.19 -30.53
CA LEU C 189 -36.50 -8.33 -31.24
C LEU C 189 -37.26 -9.60 -30.89
N ASP C 190 -37.87 -9.65 -29.71
CA ASP C 190 -38.54 -10.87 -29.25
C ASP C 190 -39.60 -11.31 -30.23
N GLU C 191 -40.18 -10.37 -30.98
CA GLU C 191 -41.25 -10.68 -31.91
C GLU C 191 -40.74 -11.11 -33.27
N VAL C 192 -39.46 -10.96 -33.54
CA VAL C 192 -38.86 -11.52 -34.75
C VAL C 192 -37.95 -12.70 -34.44
N PHE C 193 -37.50 -12.85 -33.20
CA PHE C 193 -36.94 -14.13 -32.77
C PHE C 193 -37.99 -15.23 -32.86
N LYS C 194 -39.21 -14.93 -32.42
CA LYS C 194 -40.27 -15.94 -32.42
C LYS C 194 -40.79 -16.20 -33.83
N LYS C 195 -40.70 -15.20 -34.70
CA LYS C 195 -41.15 -15.39 -36.07
C LYS C 195 -40.20 -16.31 -36.83
N ASN C 196 -38.91 -16.23 -36.53
CA ASN C 196 -37.93 -16.99 -37.29
C ASN C 196 -38.09 -18.49 -37.09
N ARG C 197 -38.14 -18.95 -35.85
CA ARG C 197 -38.27 -20.39 -35.65
C ARG C 197 -39.68 -20.86 -36.02
N GLU C 198 -40.69 -20.06 -35.71
CA GLU C 198 -42.04 -20.45 -36.11
C GLU C 198 -42.15 -20.58 -37.62
N GLU C 199 -41.28 -19.90 -38.36
CA GLU C 199 -41.19 -20.15 -39.79
C GLU C 199 -40.47 -21.45 -40.09
N ASP C 200 -39.39 -21.75 -39.38
CA ASP C 200 -38.70 -23.02 -39.54
C ASP C 200 -38.07 -23.49 -38.24
N PRO C 201 -38.57 -24.56 -37.64
CA PRO C 201 -37.97 -25.04 -36.40
C PRO C 201 -36.56 -25.58 -36.61
N SER C 202 -35.97 -26.13 -35.56
CA SER C 202 -34.56 -26.53 -35.58
C SER C 202 -33.69 -25.34 -35.97
N LEU C 203 -33.93 -24.22 -35.31
CA LEU C 203 -33.15 -23.00 -35.48
C LEU C 203 -32.61 -22.66 -34.10
N LEU C 204 -31.36 -22.99 -33.85
CA LEU C 204 -30.93 -23.21 -32.46
C LEU C 204 -30.80 -21.94 -31.63
N TRP C 205 -29.84 -21.07 -31.93
CA TRP C 205 -29.61 -19.90 -31.10
C TRP C 205 -29.57 -18.68 -31.99
N GLN C 206 -30.65 -17.91 -32.01
CA GLN C 206 -30.51 -16.53 -32.40
C GLN C 206 -29.86 -15.78 -31.25
N VAL C 207 -29.06 -14.77 -31.59
CA VAL C 207 -28.37 -14.02 -30.55
C VAL C 207 -28.00 -12.66 -31.11
N PHE C 208 -28.22 -11.62 -30.30
CA PHE C 208 -27.83 -10.27 -30.65
C PHE C 208 -26.75 -9.86 -29.66
N GLY C 209 -25.52 -9.73 -30.13
CA GLY C 209 -24.40 -9.43 -29.27
C GLY C 209 -24.14 -7.95 -29.10
N SER C 210 -24.97 -7.28 -28.31
CA SER C 210 -24.91 -5.83 -28.26
C SER C 210 -23.56 -5.34 -27.77
N ALA C 211 -23.09 -4.22 -28.33
CA ALA C 211 -21.78 -3.73 -27.95
C ALA C 211 -21.87 -2.87 -26.70
N THR C 212 -22.58 -3.39 -25.69
CA THR C 212 -22.53 -2.88 -24.32
C THR C 212 -22.51 -4.04 -23.35
N GLY C 213 -22.09 -5.22 -23.79
CA GLY C 213 -22.02 -6.40 -22.98
C GLY C 213 -23.18 -7.37 -23.18
N LEU C 214 -24.35 -6.85 -23.53
CA LEU C 214 -25.54 -7.69 -23.54
C LEU C 214 -25.56 -8.65 -24.72
N ALA C 215 -26.06 -9.86 -24.44
CA ALA C 215 -26.45 -10.80 -25.46
C ALA C 215 -27.89 -11.16 -25.20
N ARG C 216 -28.73 -11.08 -26.23
CA ARG C 216 -30.13 -11.46 -26.10
C ARG C 216 -30.38 -12.68 -26.97
N TYR C 217 -30.08 -13.86 -26.44
CA TYR C 217 -30.25 -15.09 -27.19
C TYR C 217 -31.67 -15.60 -27.01
N TYR C 218 -32.30 -16.03 -28.11
CA TYR C 218 -33.75 -16.20 -28.06
C TYR C 218 -34.20 -17.35 -27.18
N PRO C 219 -33.93 -18.61 -27.49
CA PRO C 219 -34.60 -19.66 -26.71
C PRO C 219 -34.07 -19.58 -25.30
N ALA C 220 -34.87 -19.02 -24.40
CA ALA C 220 -34.31 -18.55 -23.15
C ALA C 220 -33.97 -19.74 -22.27
N SER C 221 -32.68 -19.95 -22.05
CA SER C 221 -32.23 -20.97 -21.13
C SER C 221 -31.46 -20.31 -20.00
N PRO C 222 -31.44 -20.93 -18.83
CA PRO C 222 -30.55 -20.44 -17.78
C PRO C 222 -29.10 -20.45 -18.25
N TRP C 223 -28.38 -19.40 -17.91
CA TRP C 223 -26.98 -19.34 -18.32
C TRP C 223 -26.19 -20.44 -17.63
N VAL C 224 -25.19 -20.95 -18.35
CA VAL C 224 -24.42 -22.08 -17.86
C VAL C 224 -23.48 -21.66 -16.75
N LYS C 232 -16.53 -21.02 -9.98
CA LYS C 232 -17.37 -20.77 -11.15
C LYS C 232 -17.76 -19.31 -11.25
N ILE C 233 -17.05 -18.57 -12.10
CA ILE C 233 -17.30 -17.14 -12.31
C ILE C 233 -17.66 -16.93 -13.76
N ASP C 234 -18.64 -16.07 -14.00
CA ASP C 234 -19.13 -15.78 -15.35
C ASP C 234 -18.22 -14.73 -16.00
N LEU C 235 -17.13 -15.21 -16.58
CA LEU C 235 -16.26 -14.32 -17.34
C LEU C 235 -16.69 -14.16 -18.78
N TYR C 236 -17.86 -14.69 -19.15
CA TYR C 236 -18.34 -14.55 -20.51
C TYR C 236 -18.59 -13.08 -20.82
N ASP C 237 -18.12 -12.66 -21.99
CA ASP C 237 -18.33 -11.28 -22.44
C ASP C 237 -18.44 -11.33 -23.95
N VAL C 238 -19.58 -10.90 -24.48
CA VAL C 238 -19.89 -11.13 -25.88
C VAL C 238 -18.85 -10.48 -26.77
N ARG C 239 -18.35 -9.31 -26.37
CA ARG C 239 -17.48 -8.52 -27.22
C ARG C 239 -16.15 -9.22 -27.51
N ARG C 240 -15.93 -10.41 -26.95
CA ARG C 240 -14.73 -11.18 -27.21
C ARG C 240 -14.98 -12.48 -27.94
N ARG C 241 -16.21 -12.97 -27.99
CA ARG C 241 -16.44 -14.28 -28.57
C ARG C 241 -16.08 -14.26 -30.05
N PRO C 242 -15.59 -15.38 -30.59
CA PRO C 242 -15.14 -15.37 -31.98
C PRO C 242 -16.22 -14.94 -32.94
N TRP C 243 -17.45 -15.30 -32.69
CA TRP C 243 -18.52 -14.87 -33.57
C TRP C 243 -18.82 -13.44 -33.45
N TYR C 244 -18.07 -12.64 -32.69
CA TYR C 244 -18.30 -11.21 -32.62
C TYR C 244 -17.16 -10.43 -33.24
N ILE C 245 -15.92 -10.69 -32.83
CA ILE C 245 -14.76 -10.06 -33.42
C ILE C 245 -14.67 -10.34 -34.92
N GLN C 246 -15.46 -11.27 -35.44
CA GLN C 246 -15.46 -11.52 -36.87
C GLN C 246 -16.44 -10.60 -37.58
N GLY C 247 -17.67 -10.50 -37.06
CA GLY C 247 -18.63 -9.59 -37.66
C GLY C 247 -18.25 -8.15 -37.49
N ALA C 248 -17.63 -7.79 -36.36
CA ALA C 248 -17.38 -6.40 -36.01
C ALA C 248 -16.18 -5.80 -36.72
N ALA C 249 -15.37 -6.58 -37.43
CA ALA C 249 -14.17 -6.04 -38.05
C ALA C 249 -13.70 -6.98 -39.15
N SER C 250 -12.85 -6.46 -40.01
CA SER C 250 -12.28 -7.20 -41.13
C SER C 250 -10.90 -7.73 -40.75
N PRO C 251 -10.34 -8.65 -41.52
CA PRO C 251 -9.04 -9.24 -41.16
C PRO C 251 -7.96 -8.18 -40.96
N LYS C 252 -7.14 -8.39 -39.95
CA LYS C 252 -6.16 -7.45 -39.45
C LYS C 252 -4.76 -7.90 -39.84
N ASP C 253 -3.79 -7.01 -39.65
CA ASP C 253 -2.38 -7.36 -39.56
C ASP C 253 -1.85 -6.68 -38.31
N MET C 254 -2.08 -7.28 -37.16
CA MET C 254 -1.63 -6.64 -35.94
C MET C 254 -0.11 -6.72 -35.86
N LEU C 255 0.48 -5.81 -35.09
CA LEU C 255 1.89 -5.93 -34.78
C LEU C 255 2.08 -5.25 -33.43
N ILE C 256 2.16 -6.04 -32.37
CA ILE C 256 2.29 -5.49 -31.02
C ILE C 256 3.73 -5.05 -30.82
N LEU C 257 3.92 -3.80 -30.42
CA LEU C 257 5.23 -3.32 -29.99
C LEU C 257 5.25 -3.20 -28.48
N VAL C 258 5.51 -4.30 -27.82
CA VAL C 258 5.76 -4.25 -26.39
C VAL C 258 6.95 -3.33 -26.15
N ASP C 259 6.92 -2.59 -25.05
CA ASP C 259 8.05 -1.74 -24.66
C ASP C 259 8.71 -2.39 -23.44
N VAL C 260 9.61 -3.32 -23.70
CA VAL C 260 10.42 -3.91 -22.63
C VAL C 260 11.69 -3.06 -22.53
N SER C 261 11.57 -1.95 -21.83
CA SER C 261 12.72 -1.13 -21.50
C SER C 261 12.82 -1.03 -19.98
N GLY C 262 13.73 -0.20 -19.51
CA GLY C 262 13.97 -0.13 -18.07
C GLY C 262 12.76 0.36 -17.29
N SER C 263 12.10 1.40 -17.79
CA SER C 263 11.07 2.06 -16.99
C SER C 263 9.82 1.23 -16.78
N VAL C 264 9.64 0.12 -17.51
CA VAL C 264 8.48 -0.74 -17.29
C VAL C 264 8.75 -1.83 -16.28
N SER C 265 9.94 -1.87 -15.68
CA SER C 265 10.25 -2.87 -14.69
C SER C 265 9.25 -2.80 -13.54
N GLY C 266 8.80 -3.97 -13.09
CA GLY C 266 7.95 -4.02 -11.92
C GLY C 266 6.53 -4.47 -12.21
N LEU C 267 5.55 -3.68 -11.77
CA LEU C 267 4.16 -4.01 -12.03
C LEU C 267 3.77 -3.70 -13.47
N THR C 268 4.33 -2.63 -14.04
CA THR C 268 3.99 -2.26 -15.41
C THR C 268 4.31 -3.38 -16.38
N LEU C 269 5.31 -4.20 -16.07
CA LEU C 269 5.62 -5.32 -16.95
C LEU C 269 4.62 -6.45 -16.79
N LYS C 270 4.13 -6.68 -15.57
CA LYS C 270 3.14 -7.72 -15.38
C LYS C 270 1.85 -7.39 -16.11
N LEU C 271 1.54 -6.12 -16.26
CA LEU C 271 0.35 -5.74 -17.00
C LEU C 271 0.59 -5.79 -18.50
N ILE C 272 1.80 -5.48 -18.95
CA ILE C 272 2.09 -5.58 -20.37
C ILE C 272 2.05 -7.04 -20.82
N ARG C 273 2.66 -7.93 -20.05
CA ARG C 273 2.64 -9.34 -20.43
C ARG C 273 1.23 -9.91 -20.34
N THR C 274 0.45 -9.50 -19.36
CA THR C 274 -0.93 -9.93 -19.29
C THR C 274 -1.75 -9.36 -20.43
N SER C 275 -1.59 -8.08 -20.71
CA SER C 275 -2.47 -7.42 -21.66
C SER C 275 -2.16 -7.82 -23.08
N VAL C 276 -0.89 -8.13 -23.38
CA VAL C 276 -0.56 -8.64 -24.70
C VAL C 276 -1.24 -9.98 -24.92
N SER C 277 -1.14 -10.89 -23.96
CA SER C 277 -1.75 -12.20 -24.12
C SER C 277 -3.27 -12.11 -24.03
N GLU C 278 -3.80 -10.99 -23.59
CA GLU C 278 -5.23 -10.74 -23.60
C GLU C 278 -5.68 -10.04 -24.88
N MET C 279 -4.74 -9.67 -25.74
CA MET C 279 -5.07 -9.13 -27.06
C MET C 279 -4.86 -10.13 -28.17
N LEU C 280 -3.92 -11.06 -28.01
CA LEU C 280 -3.79 -12.14 -28.96
C LEU C 280 -5.00 -13.06 -28.94
N GLU C 281 -5.86 -12.96 -27.94
CA GLU C 281 -7.09 -13.73 -27.90
C GLU C 281 -8.23 -13.09 -28.68
N THR C 282 -8.01 -11.92 -29.27
CA THR C 282 -9.00 -11.27 -30.13
C THR C 282 -8.59 -11.35 -31.60
N LEU C 283 -7.91 -12.43 -31.99
CA LEU C 283 -7.42 -12.59 -33.35
C LEU C 283 -7.97 -13.89 -33.91
N SER C 284 -8.57 -13.82 -35.09
CA SER C 284 -9.16 -14.99 -35.73
C SER C 284 -8.05 -15.81 -36.37
N ASP C 285 -8.42 -16.77 -37.20
CA ASP C 285 -7.41 -17.54 -37.90
C ASP C 285 -7.05 -16.94 -39.25
N ASP C 286 -7.78 -15.93 -39.70
CA ASP C 286 -7.54 -15.29 -40.98
C ASP C 286 -7.05 -13.86 -40.82
N ASP C 287 -6.19 -13.62 -39.83
CA ASP C 287 -5.56 -12.33 -39.63
C ASP C 287 -4.25 -12.53 -38.88
N PHE C 288 -3.22 -11.83 -39.31
CA PHE C 288 -1.86 -12.17 -38.90
C PHE C 288 -1.41 -11.27 -37.76
N VAL C 289 -0.30 -11.65 -37.13
CA VAL C 289 0.17 -10.96 -35.94
C VAL C 289 1.65 -11.23 -35.75
N ASN C 290 2.35 -10.27 -35.16
CA ASN C 290 3.69 -10.49 -34.67
C ASN C 290 3.85 -9.64 -33.43
N VAL C 291 4.85 -9.96 -32.61
CA VAL C 291 5.05 -9.29 -31.34
C VAL C 291 6.51 -8.83 -31.28
N ALA C 292 6.76 -7.58 -31.65
CA ALA C 292 8.11 -7.05 -31.55
C ALA C 292 8.35 -6.56 -30.12
N SER C 293 9.47 -5.86 -29.92
CA SER C 293 9.77 -5.21 -28.65
C SER C 293 11.05 -4.42 -28.83
N PHE C 294 11.24 -3.37 -28.03
CA PHE C 294 12.36 -2.46 -28.21
C PHE C 294 12.87 -1.91 -26.88
N ASN C 295 14.18 -1.97 -26.70
CA ASN C 295 14.87 -1.37 -25.56
C ASN C 295 16.17 -0.71 -26.01
N SER C 296 16.09 0.18 -26.99
CA SER C 296 17.17 0.80 -27.76
C SER C 296 17.65 -0.12 -28.88
N ASN C 297 17.07 -1.30 -29.01
CA ASN C 297 17.24 -2.13 -30.20
C ASN C 297 15.96 -2.93 -30.33
N ALA C 298 15.32 -2.88 -31.49
CA ALA C 298 14.05 -3.56 -31.70
C ALA C 298 14.31 -4.97 -32.19
N GLN C 299 13.70 -5.94 -31.56
CA GLN C 299 13.81 -7.33 -31.92
C GLN C 299 12.42 -7.97 -31.87
N ASP C 300 12.39 -9.28 -32.03
CA ASP C 300 11.17 -10.06 -31.83
C ASP C 300 11.27 -10.79 -30.50
N VAL C 301 10.15 -10.84 -29.78
CA VAL C 301 10.15 -11.65 -28.57
C VAL C 301 10.19 -13.13 -28.92
N SER C 302 9.49 -13.51 -29.97
CA SER C 302 9.42 -14.89 -30.43
C SER C 302 10.51 -15.15 -31.46
N CYS C 303 10.41 -16.29 -32.14
CA CYS C 303 11.37 -16.68 -33.16
C CYS C 303 10.82 -16.57 -34.57
N PHE C 304 9.80 -15.74 -34.79
CA PHE C 304 9.05 -15.79 -36.04
C PHE C 304 9.66 -14.94 -37.14
N GLN C 305 9.83 -13.64 -36.89
CA GLN C 305 10.44 -12.66 -37.80
C GLN C 305 9.54 -12.20 -38.92
N HIS C 306 8.27 -12.54 -38.90
CA HIS C 306 7.28 -11.97 -39.82
C HIS C 306 5.91 -12.33 -39.28
N LEU C 307 4.86 -11.96 -40.01
CA LEU C 307 3.51 -12.19 -39.54
C LEU C 307 3.13 -13.66 -39.67
N VAL C 308 2.42 -14.18 -38.68
CA VAL C 308 2.30 -15.63 -38.51
C VAL C 308 0.88 -16.17 -38.29
N GLN C 309 -0.12 -15.46 -38.76
CA GLN C 309 -1.49 -15.95 -38.91
C GLN C 309 -2.29 -16.12 -37.62
N ALA C 310 -1.64 -16.11 -36.47
CA ALA C 310 -2.35 -16.27 -35.20
C ALA C 310 -3.32 -17.46 -35.25
N ASN C 311 -2.76 -18.66 -35.40
CA ASN C 311 -3.54 -19.88 -35.29
C ASN C 311 -3.69 -20.19 -33.81
N VAL C 312 -4.34 -21.30 -33.49
CA VAL C 312 -4.28 -21.80 -32.14
C VAL C 312 -2.87 -22.07 -31.67
N ARG C 313 -1.97 -22.43 -32.57
CA ARG C 313 -0.58 -22.78 -32.25
C ARG C 313 0.34 -21.55 -32.31
N ASN C 314 0.31 -20.82 -33.42
CA ASN C 314 1.20 -19.67 -33.57
C ASN C 314 1.03 -18.69 -32.42
N LYS C 315 -0.19 -18.55 -31.91
CA LYS C 315 -0.40 -17.69 -30.75
C LYS C 315 0.36 -18.22 -29.53
N LYS C 316 0.35 -19.54 -29.35
CA LYS C 316 0.98 -20.11 -28.16
C LYS C 316 2.49 -19.84 -28.15
N VAL C 317 3.10 -19.79 -29.32
CA VAL C 317 4.51 -19.40 -29.39
C VAL C 317 4.69 -17.97 -28.95
N LEU C 318 3.77 -17.10 -29.37
CA LEU C 318 3.88 -15.68 -29.04
C LEU C 318 3.53 -15.43 -27.59
N LYS C 319 2.48 -16.06 -27.08
CA LYS C 319 2.12 -15.89 -25.68
C LYS C 319 3.20 -16.41 -24.76
N ASP C 320 3.82 -17.54 -25.11
CA ASP C 320 4.84 -18.11 -24.24
C ASP C 320 6.18 -17.40 -24.38
N ALA C 321 6.34 -16.60 -25.42
CA ALA C 321 7.56 -15.80 -25.55
C ALA C 321 7.40 -14.41 -24.96
N VAL C 322 6.16 -13.91 -24.93
CA VAL C 322 5.90 -12.65 -24.25
C VAL C 322 6.03 -12.83 -22.74
N ASN C 323 5.50 -13.93 -22.21
CA ASN C 323 5.56 -14.14 -20.77
C ASN C 323 6.98 -14.25 -20.27
N ASN C 324 7.90 -14.70 -21.11
CA ASN C 324 9.31 -14.76 -20.74
C ASN C 324 10.06 -13.55 -21.31
N ILE C 325 9.69 -12.37 -20.85
CA ILE C 325 10.34 -11.14 -21.27
C ILE C 325 10.69 -10.34 -20.03
N THR C 326 11.75 -9.55 -20.12
CA THR C 326 12.28 -8.84 -18.96
C THR C 326 12.65 -7.41 -19.34
N ALA C 327 12.49 -6.51 -18.39
CA ALA C 327 12.76 -5.10 -18.60
C ALA C 327 14.25 -4.81 -18.46
N LYS C 328 14.78 -3.98 -19.37
CA LYS C 328 16.19 -3.61 -19.33
C LYS C 328 16.50 -2.50 -20.33
N GLY C 329 17.36 -1.58 -19.97
CA GLY C 329 17.91 -0.66 -20.95
C GLY C 329 17.02 0.50 -21.32
N ILE C 330 17.60 1.51 -21.98
CA ILE C 330 16.90 2.76 -22.27
C ILE C 330 15.79 2.51 -23.29
N THR C 331 14.90 3.48 -23.45
CA THR C 331 13.75 3.35 -24.33
C THR C 331 13.96 4.18 -25.58
N ASP C 332 13.77 3.57 -26.74
CA ASP C 332 14.04 4.22 -28.02
C ASP C 332 12.85 4.01 -28.95
N TYR C 333 11.99 5.02 -29.08
CA TYR C 333 10.80 4.90 -29.90
C TYR C 333 11.12 4.95 -31.39
N LYS C 334 12.21 5.61 -31.77
CA LYS C 334 12.53 5.73 -33.20
C LYS C 334 12.94 4.39 -33.78
N LYS C 335 13.86 3.69 -33.12
CA LYS C 335 14.33 2.42 -33.64
C LYS C 335 13.32 1.30 -33.47
N GLY C 336 12.28 1.51 -32.67
CA GLY C 336 11.30 0.48 -32.43
C GLY C 336 10.04 0.65 -33.25
N PHE C 337 9.83 1.85 -33.78
CA PHE C 337 8.79 2.06 -34.76
C PHE C 337 9.31 1.87 -36.18
N SER C 338 10.59 2.11 -36.40
CA SER C 338 11.22 1.83 -37.68
C SER C 338 11.36 0.34 -37.92
N PHE C 339 11.11 -0.48 -36.91
CA PHE C 339 11.08 -1.92 -37.05
C PHE C 339 9.67 -2.45 -37.24
N ALA C 340 8.68 -1.76 -36.65
CA ALA C 340 7.31 -2.17 -36.83
C ALA C 340 6.81 -1.85 -38.23
N PHE C 341 7.11 -0.66 -38.72
CA PHE C 341 6.66 -0.29 -40.05
C PHE C 341 7.37 -1.09 -41.13
N GLU C 342 8.54 -1.65 -40.84
CA GLU C 342 9.23 -2.48 -41.81
C GLU C 342 8.61 -3.86 -41.93
N GLN C 343 8.14 -4.42 -40.82
CA GLN C 343 7.54 -5.75 -40.85
C GLN C 343 6.10 -5.74 -41.32
N LEU C 344 5.51 -4.58 -41.53
CA LEU C 344 4.21 -4.50 -42.18
C LEU C 344 4.31 -4.33 -43.68
N LEU C 345 5.49 -3.99 -44.19
CA LEU C 345 5.74 -3.91 -45.62
C LEU C 345 6.25 -5.23 -46.20
N ASN C 346 6.51 -6.23 -45.36
CA ASN C 346 7.05 -7.49 -45.82
C ASN C 346 5.95 -8.20 -46.60
N TYR C 347 6.02 -8.10 -47.92
CA TYR C 347 4.94 -8.53 -48.79
C TYR C 347 5.17 -9.89 -49.42
N ASN C 348 6.12 -10.67 -48.92
CA ASN C 348 6.29 -12.04 -49.41
C ASN C 348 6.05 -13.03 -48.27
N VAL C 349 4.98 -12.81 -47.51
CA VAL C 349 4.62 -13.67 -46.40
C VAL C 349 3.16 -14.11 -46.49
N SER C 350 2.43 -13.66 -47.51
CA SER C 350 1.02 -14.03 -47.73
C SER C 350 0.12 -13.45 -46.65
N ARG C 351 0.34 -12.18 -46.33
CA ARG C 351 -0.37 -11.50 -45.27
C ARG C 351 -1.84 -11.31 -45.65
N ALA C 352 -2.65 -10.97 -44.66
CA ALA C 352 -4.01 -10.49 -44.88
C ALA C 352 -3.91 -8.99 -45.16
N ASN C 353 -4.18 -8.59 -46.40
CA ASN C 353 -3.58 -7.38 -46.94
C ASN C 353 -4.36 -6.12 -46.62
N CYS C 354 -5.07 -6.06 -45.50
CA CYS C 354 -5.61 -4.79 -45.04
C CYS C 354 -5.81 -4.81 -43.54
N ASN C 355 -6.26 -3.67 -43.00
CA ASN C 355 -6.21 -3.35 -41.58
C ASN C 355 -4.81 -3.63 -41.01
N LYS C 356 -3.85 -2.89 -41.53
CA LYS C 356 -2.55 -2.84 -40.87
C LYS C 356 -2.67 -2.04 -39.58
N ILE C 357 -2.02 -2.51 -38.53
CA ILE C 357 -2.13 -1.93 -37.20
C ILE C 357 -0.79 -2.04 -36.50
N ILE C 358 -0.51 -1.11 -35.61
CA ILE C 358 0.69 -1.20 -34.79
C ILE C 358 0.33 -0.89 -33.34
N MET C 359 0.05 -1.91 -32.55
CA MET C 359 -0.48 -1.69 -31.21
C MET C 359 0.64 -1.56 -30.20
N LEU C 360 1.13 -0.34 -30.02
CA LEU C 360 2.24 -0.07 -29.12
C LEU C 360 1.79 -0.17 -27.67
N PHE C 361 2.53 -0.94 -26.88
CA PHE C 361 2.33 -1.03 -25.44
C PHE C 361 3.51 -0.37 -24.77
N THR C 362 3.22 0.55 -23.85
CA THR C 362 4.28 1.31 -23.21
C THR C 362 3.73 1.93 -21.94
N ASP C 363 4.58 2.70 -21.27
CA ASP C 363 4.18 3.41 -20.06
C ASP C 363 3.99 4.90 -20.33
N GLY C 364 5.01 5.53 -20.90
CA GLY C 364 4.97 6.95 -21.21
C GLY C 364 6.35 7.46 -21.51
N GLY C 365 6.47 8.35 -22.48
CA GLY C 365 7.78 8.88 -22.80
C GLY C 365 7.73 10.34 -23.19
N GLU C 366 8.79 10.81 -23.83
CA GLU C 366 8.85 12.17 -24.33
C GLU C 366 8.88 12.26 -25.84
N GLU C 367 9.43 11.29 -26.54
CA GLU C 367 9.75 11.42 -27.95
C GLU C 367 8.55 11.01 -28.78
N ARG C 368 7.97 11.97 -29.49
CA ARG C 368 6.98 11.70 -30.53
C ARG C 368 7.75 11.63 -31.83
N ALA C 369 8.03 10.41 -32.31
CA ALA C 369 8.97 10.25 -33.40
C ALA C 369 8.36 10.72 -34.71
N GLN C 370 8.23 12.05 -34.88
CA GLN C 370 7.52 12.57 -36.03
C GLN C 370 8.19 12.22 -37.35
N GLU C 371 9.52 12.09 -37.35
CA GLU C 371 10.21 11.80 -38.61
C GLU C 371 10.03 10.35 -39.01
N ILE C 372 9.64 9.50 -38.07
CA ILE C 372 9.31 8.12 -38.43
C ILE C 372 7.92 8.06 -39.07
N PHE C 373 6.95 8.71 -38.46
CA PHE C 373 5.62 8.76 -39.05
C PHE C 373 5.57 9.61 -40.30
N ASN C 374 6.68 10.20 -40.72
CA ASN C 374 6.76 10.89 -41.99
C ASN C 374 7.34 10.00 -43.08
N LYS C 375 8.46 9.34 -42.78
CA LYS C 375 9.03 8.40 -43.74
C LYS C 375 8.05 7.26 -44.03
N TYR C 376 7.73 6.48 -43.01
CA TYR C 376 6.65 5.51 -43.10
C TYR C 376 5.33 6.15 -42.72
N ASN C 377 4.24 5.56 -43.18
CA ASN C 377 2.89 5.97 -42.81
C ASN C 377 2.68 7.46 -43.07
N LYS C 378 3.22 7.95 -44.18
CA LYS C 378 2.94 9.33 -44.54
C LYS C 378 1.50 9.49 -45.03
N ASP C 379 1.07 8.58 -45.90
CA ASP C 379 -0.27 8.64 -46.46
C ASP C 379 -1.33 7.99 -45.58
N LYS C 380 -0.99 7.66 -44.33
CA LYS C 380 -1.95 7.18 -43.34
C LYS C 380 -2.65 5.90 -43.82
N LYS C 381 -1.84 4.85 -43.97
CA LYS C 381 -2.37 3.51 -44.20
C LYS C 381 -2.36 2.66 -42.95
N VAL C 382 -1.39 2.86 -42.09
CA VAL C 382 -1.23 2.10 -40.85
C VAL C 382 -1.82 2.89 -39.70
N ARG C 383 -2.55 2.20 -38.83
CA ARG C 383 -3.21 2.80 -37.69
C ARG C 383 -2.35 2.50 -36.47
N VAL C 384 -1.93 3.53 -35.74
CA VAL C 384 -1.10 3.30 -34.56
C VAL C 384 -1.98 3.39 -33.33
N PHE C 385 -2.42 2.26 -32.81
CA PHE C 385 -3.07 2.25 -31.51
C PHE C 385 -2.02 2.24 -30.43
N THR C 386 -2.22 3.05 -29.40
CA THR C 386 -1.24 3.14 -28.33
C THR C 386 -1.92 2.91 -27.00
N PHE C 387 -1.26 2.14 -26.14
CA PHE C 387 -1.76 1.82 -24.81
C PHE C 387 -0.74 2.34 -23.82
N SER C 388 -1.21 3.02 -22.79
CA SER C 388 -0.32 3.54 -21.75
C SER C 388 -0.67 2.81 -20.48
N VAL C 389 -0.02 1.69 -20.25
CA VAL C 389 -0.43 0.73 -19.25
C VAL C 389 0.38 0.90 -17.98
N GLY C 390 -0.28 0.69 -16.85
CA GLY C 390 0.34 0.80 -15.55
C GLY C 390 -0.07 2.08 -14.84
N GLN C 391 0.25 2.12 -13.55
CA GLN C 391 0.06 3.31 -12.74
C GLN C 391 1.41 3.99 -12.58
N HIS C 392 1.50 5.23 -13.06
CA HIS C 392 2.77 5.95 -13.08
C HIS C 392 2.47 7.42 -13.33
N ASN C 393 3.52 8.19 -13.55
CA ASN C 393 3.34 9.62 -13.80
C ASN C 393 4.21 10.11 -14.94
N TYR C 394 4.48 9.26 -15.91
CA TYR C 394 5.20 9.69 -17.10
C TYR C 394 4.25 10.41 -18.04
N ASP C 395 4.83 11.21 -18.93
CA ASP C 395 4.03 12.03 -19.82
C ASP C 395 3.29 11.13 -20.81
N ARG C 396 1.97 11.06 -20.67
CA ARG C 396 1.13 10.41 -21.65
C ARG C 396 0.77 11.33 -22.81
N GLY C 397 1.53 12.39 -23.01
CA GLY C 397 1.26 13.36 -24.05
C GLY C 397 1.69 12.88 -25.41
N PRO C 398 2.98 12.56 -25.57
CA PRO C 398 3.44 12.06 -26.87
C PRO C 398 2.68 10.84 -27.34
N ILE C 399 2.34 9.94 -26.42
CA ILE C 399 1.57 8.75 -26.77
C ILE C 399 0.21 9.13 -27.33
N GLN C 400 -0.45 10.11 -26.71
CA GLN C 400 -1.75 10.55 -27.20
C GLN C 400 -1.63 11.14 -28.59
N TRP C 401 -0.53 11.84 -28.87
CA TRP C 401 -0.35 12.42 -30.20
C TRP C 401 -0.20 11.34 -31.26
N MET C 402 0.53 10.27 -30.94
CA MET C 402 0.79 9.22 -31.92
C MET C 402 -0.51 8.56 -32.36
N ALA C 403 -1.40 8.28 -31.41
CA ALA C 403 -2.65 7.63 -31.75
C ALA C 403 -3.64 8.59 -32.40
N CYS C 404 -3.45 9.90 -32.20
CA CYS C 404 -4.36 10.87 -32.79
C CYS C 404 -3.91 11.29 -34.18
N GLU C 405 -2.61 11.56 -34.33
CA GLU C 405 -2.07 11.93 -35.64
C GLU C 405 -2.33 10.83 -36.66
N ASN C 406 -1.80 9.64 -36.40
CA ASN C 406 -2.23 8.46 -37.16
C ASN C 406 -3.65 8.08 -36.75
N LYS C 407 -4.29 7.27 -37.58
CA LYS C 407 -5.72 7.09 -37.46
C LYS C 407 -6.07 6.09 -36.37
N GLY C 408 -5.60 6.34 -35.15
CA GLY C 408 -5.74 5.34 -34.12
C GLY C 408 -6.69 5.67 -32.99
N TYR C 409 -6.26 5.37 -31.77
CA TYR C 409 -7.00 5.60 -30.54
C TYR C 409 -6.05 5.35 -29.40
N TYR C 410 -6.38 5.86 -28.23
CA TYR C 410 -5.49 5.81 -27.09
C TYR C 410 -6.20 5.17 -25.93
N TYR C 411 -5.67 4.05 -25.44
CA TYR C 411 -6.27 3.35 -24.32
C TYR C 411 -5.34 3.40 -23.12
N GLU C 412 -5.94 3.45 -21.94
CA GLU C 412 -5.21 3.47 -20.68
C GLU C 412 -5.56 2.20 -19.91
N ILE C 413 -4.56 1.47 -19.46
CA ILE C 413 -4.80 0.24 -18.73
C ILE C 413 -4.13 0.34 -17.37
N PRO C 414 -4.81 0.85 -16.34
CA PRO C 414 -4.12 1.08 -15.07
C PRO C 414 -3.84 -0.19 -14.29
N SER C 415 -4.72 -1.19 -14.34
CA SER C 415 -4.54 -2.39 -13.55
C SER C 415 -5.39 -3.49 -14.14
N ILE C 416 -5.12 -4.72 -13.70
CA ILE C 416 -5.89 -5.89 -14.13
C ILE C 416 -7.36 -5.62 -13.86
N GLY C 417 -8.23 -6.17 -14.70
CA GLY C 417 -9.63 -5.83 -14.61
C GLY C 417 -9.96 -4.76 -15.61
N ALA C 418 -9.05 -3.79 -15.77
CA ALA C 418 -9.13 -2.85 -16.86
C ALA C 418 -8.47 -3.37 -18.12
N ILE C 419 -8.05 -4.64 -18.11
CA ILE C 419 -7.41 -5.25 -19.26
C ILE C 419 -8.42 -5.82 -20.22
N ARG C 420 -9.41 -6.56 -19.70
CA ARG C 420 -10.40 -7.19 -20.56
C ARG C 420 -11.23 -6.16 -21.29
N ILE C 421 -11.65 -5.10 -20.60
CA ILE C 421 -12.60 -4.15 -21.18
C ILE C 421 -11.96 -3.21 -22.18
N ASN C 422 -10.63 -3.11 -22.19
CA ASN C 422 -9.92 -2.19 -23.08
C ASN C 422 -9.44 -2.86 -24.36
N THR C 423 -8.78 -4.01 -24.24
CA THR C 423 -8.15 -4.62 -25.41
C THR C 423 -9.16 -5.03 -26.47
N GLN C 424 -10.43 -5.12 -26.14
CA GLN C 424 -11.48 -5.45 -27.09
C GLN C 424 -12.11 -4.22 -27.73
N GLU C 425 -11.62 -3.02 -27.38
CA GLU C 425 -12.28 -1.80 -27.83
C GLU C 425 -11.83 -1.37 -29.22
N TYR C 426 -10.62 -1.75 -29.63
CA TYR C 426 -10.11 -1.29 -30.91
C TYR C 426 -10.97 -1.76 -32.06
N LEU C 427 -11.80 -2.78 -31.87
CA LEU C 427 -12.71 -3.19 -32.92
C LEU C 427 -13.74 -2.13 -33.22
N ASP C 428 -14.04 -1.25 -32.26
CA ASP C 428 -14.90 -0.12 -32.56
C ASP C 428 -14.23 0.85 -33.51
N VAL C 429 -12.90 0.84 -33.56
CA VAL C 429 -12.18 1.72 -34.47
C VAL C 429 -12.02 1.06 -35.83
N LEU C 430 -11.64 -0.22 -35.84
CA LEU C 430 -11.49 -0.92 -37.11
C LEU C 430 -12.81 -1.04 -37.85
N GLY C 431 -13.92 -0.98 -37.13
CA GLY C 431 -15.21 -1.07 -37.77
C GLY C 431 -15.70 0.21 -38.35
N ARG C 432 -14.95 1.31 -38.23
CA ARG C 432 -15.40 2.57 -38.81
C ARG C 432 -15.54 2.49 -40.33
N PRO C 433 -14.52 2.06 -41.10
CA PRO C 433 -14.71 1.96 -42.55
C PRO C 433 -15.68 0.87 -42.97
N MET C 434 -16.26 0.13 -42.04
CA MET C 434 -17.29 -0.83 -42.36
C MET C 434 -18.68 -0.21 -42.35
N VAL C 435 -18.96 0.65 -41.37
CA VAL C 435 -20.26 1.30 -41.30
C VAL C 435 -20.48 2.18 -42.51
N LEU C 436 -19.46 2.95 -42.89
CA LEU C 436 -19.60 3.88 -44.01
C LEU C 436 -19.82 3.17 -45.33
N ALA C 437 -19.39 1.91 -45.45
CA ALA C 437 -19.70 1.11 -46.63
C ALA C 437 -21.04 0.41 -46.39
N GLY C 438 -22.11 1.16 -46.64
CA GLY C 438 -23.41 0.87 -46.07
C GLY C 438 -23.90 -0.56 -46.14
N ASP C 439 -24.21 -1.06 -47.35
CA ASP C 439 -24.76 -2.39 -47.48
C ASP C 439 -23.94 -3.29 -48.39
N LYS C 440 -22.74 -2.87 -48.77
CA LYS C 440 -21.74 -3.81 -49.24
C LYS C 440 -21.02 -4.49 -48.09
N ALA C 441 -21.31 -4.07 -46.85
CA ALA C 441 -20.67 -4.62 -45.67
C ALA C 441 -21.58 -5.48 -44.81
N LYS C 442 -22.86 -5.58 -45.13
CA LYS C 442 -23.73 -6.51 -44.44
C LYS C 442 -23.74 -7.81 -45.23
N GLN C 443 -22.78 -8.67 -44.88
CA GLN C 443 -22.59 -9.95 -45.54
C GLN C 443 -22.47 -11.02 -44.48
N VAL C 444 -23.28 -12.07 -44.60
CA VAL C 444 -23.20 -13.16 -43.65
C VAL C 444 -21.81 -13.77 -43.70
N GLN C 445 -21.36 -14.29 -42.58
CA GLN C 445 -19.97 -14.70 -42.44
C GLN C 445 -19.90 -15.78 -41.37
N TRP C 446 -19.46 -16.97 -41.74
CA TRP C 446 -19.57 -18.13 -40.87
C TRP C 446 -18.25 -18.37 -40.14
N THR C 447 -18.33 -18.49 -38.82
CA THR C 447 -17.14 -18.69 -38.01
C THR C 447 -16.66 -20.12 -38.13
N ASN C 448 -15.35 -20.31 -37.95
CA ASN C 448 -14.86 -21.67 -37.94
C ASN C 448 -15.38 -22.39 -36.71
N VAL C 449 -15.44 -23.72 -36.81
CA VAL C 449 -16.10 -24.52 -35.79
C VAL C 449 -15.56 -24.18 -34.42
N TYR C 450 -16.45 -24.05 -33.45
CA TYR C 450 -16.05 -23.80 -32.08
C TYR C 450 -17.01 -24.55 -31.17
N LEU C 451 -16.75 -24.47 -29.87
CA LEU C 451 -17.58 -25.12 -28.87
C LEU C 451 -18.56 -24.11 -28.31
N ASP C 452 -19.84 -24.45 -28.35
CA ASP C 452 -20.87 -23.53 -27.91
C ASP C 452 -20.73 -23.25 -26.41
N ALA C 453 -21.14 -22.05 -26.01
CA ALA C 453 -21.03 -21.60 -24.62
C ALA C 453 -22.28 -21.86 -23.82
N LEU C 454 -23.19 -22.70 -24.31
CA LEU C 454 -24.31 -23.20 -23.53
C LEU C 454 -24.44 -24.72 -23.66
N GLU C 455 -23.32 -25.40 -23.78
CA GLU C 455 -23.27 -26.86 -23.76
C GLU C 455 -24.19 -27.45 -24.82
N LEU C 456 -23.98 -27.01 -26.06
CA LEU C 456 -24.72 -27.52 -27.20
C LEU C 456 -23.93 -28.52 -28.02
N GLY C 457 -22.61 -28.38 -28.09
CA GLY C 457 -21.82 -29.27 -28.90
C GLY C 457 -20.88 -28.50 -29.78
N LEU C 458 -20.69 -28.95 -31.01
CA LEU C 458 -19.89 -28.25 -32.00
C LEU C 458 -20.82 -27.46 -32.90
N VAL C 459 -20.62 -26.15 -32.96
CA VAL C 459 -21.49 -25.26 -33.72
C VAL C 459 -20.64 -24.37 -34.60
N ILE C 460 -21.27 -23.81 -35.62
CA ILE C 460 -20.73 -22.69 -36.35
C ILE C 460 -21.80 -21.60 -36.40
N THR C 461 -21.38 -20.35 -36.29
CA THR C 461 -22.28 -19.22 -36.21
C THR C 461 -22.08 -18.32 -37.44
N GLY C 462 -23.18 -17.76 -37.93
CA GLY C 462 -23.13 -16.78 -39.00
C GLY C 462 -23.35 -15.39 -38.44
N THR C 463 -22.46 -14.48 -38.80
CA THR C 463 -22.42 -13.16 -38.20
C THR C 463 -22.83 -12.10 -39.19
N LEU C 464 -23.48 -11.07 -38.71
CA LEU C 464 -23.95 -9.99 -39.55
C LEU C 464 -24.06 -8.74 -38.71
N PRO C 465 -23.24 -7.71 -38.95
CA PRO C 465 -23.29 -6.52 -38.10
C PRO C 465 -24.58 -5.76 -38.29
N VAL C 466 -24.97 -5.02 -37.26
CA VAL C 466 -26.08 -4.09 -37.35
C VAL C 466 -25.52 -2.69 -37.09
N PHE C 467 -25.84 -1.73 -37.92
CA PHE C 467 -25.27 -0.42 -37.76
C PHE C 467 -26.27 0.48 -37.10
N ASN C 468 -25.90 1.72 -36.81
CA ASN C 468 -26.78 2.61 -36.09
C ASN C 468 -27.30 3.67 -36.99
N ILE C 469 -28.54 3.51 -37.42
CA ILE C 469 -29.09 4.46 -38.34
C ILE C 469 -30.01 5.39 -37.60
N THR C 470 -29.47 6.43 -36.96
CA THR C 470 -30.31 7.42 -36.30
C THR C 470 -29.91 8.76 -36.88
N GLY C 471 -30.90 9.51 -37.35
CA GLY C 471 -30.62 10.71 -38.12
C GLY C 471 -30.35 10.45 -39.58
N GLN C 472 -30.40 9.20 -40.02
CA GLN C 472 -30.25 8.91 -41.44
C GLN C 472 -31.43 9.48 -42.22
N PHE C 473 -31.14 9.95 -43.43
CA PHE C 473 -32.09 10.57 -44.36
C PHE C 473 -32.49 11.96 -43.88
N GLU C 474 -32.05 12.34 -42.68
CA GLU C 474 -31.85 13.75 -42.36
C GLU C 474 -30.44 14.20 -42.63
N ASN C 475 -29.56 13.27 -43.03
CA ASN C 475 -28.18 13.56 -43.40
C ASN C 475 -27.45 14.28 -42.28
N LYS C 476 -27.74 13.90 -41.04
CA LYS C 476 -27.03 14.51 -39.91
C LYS C 476 -25.64 13.91 -39.78
N THR C 477 -25.56 12.61 -39.43
CA THR C 477 -24.40 11.74 -39.57
C THR C 477 -23.06 12.35 -39.19
N ASN C 478 -23.05 13.34 -38.31
CA ASN C 478 -21.81 13.83 -37.69
C ASN C 478 -21.97 13.56 -36.20
N LEU C 479 -21.70 12.33 -35.81
CA LEU C 479 -22.15 11.81 -34.52
C LEU C 479 -21.37 10.54 -34.23
N LYS C 480 -21.84 9.77 -33.26
CA LYS C 480 -21.45 8.37 -33.10
C LYS C 480 -22.30 7.47 -33.99
N ASN C 481 -22.40 7.83 -35.26
CA ASN C 481 -23.14 7.04 -36.24
C ASN C 481 -22.22 6.19 -37.09
N GLN C 482 -20.97 6.02 -36.66
CA GLN C 482 -20.02 5.15 -37.32
C GLN C 482 -19.54 4.03 -36.40
N LEU C 483 -20.32 3.71 -35.38
CA LEU C 483 -20.11 2.54 -34.54
C LEU C 483 -21.23 1.55 -34.77
N ILE C 484 -21.00 0.31 -34.44
CA ILE C 484 -22.01 -0.72 -34.61
C ILE C 484 -22.70 -0.94 -33.28
N LEU C 485 -24.01 -1.18 -33.35
CA LEU C 485 -24.77 -1.61 -32.19
C LEU C 485 -24.26 -2.93 -31.66
N GLY C 486 -24.15 -3.91 -32.54
CA GLY C 486 -23.64 -5.21 -32.16
C GLY C 486 -23.57 -6.09 -33.39
N VAL C 487 -23.04 -7.27 -33.19
CA VAL C 487 -23.06 -8.33 -34.19
C VAL C 487 -24.14 -9.30 -33.75
N MET C 488 -24.94 -9.77 -34.68
CA MET C 488 -25.96 -10.74 -34.32
C MET C 488 -25.77 -12.01 -35.11
N GLY C 489 -25.88 -13.15 -34.43
CA GLY C 489 -25.51 -14.41 -34.99
C GLY C 489 -26.62 -15.43 -34.86
N VAL C 490 -26.50 -16.51 -35.64
CA VAL C 490 -27.45 -17.62 -35.66
C VAL C 490 -26.66 -18.90 -35.79
N ASP C 491 -26.74 -19.77 -34.79
CA ASP C 491 -25.87 -20.92 -34.70
C ASP C 491 -26.40 -22.09 -35.53
N VAL C 492 -25.51 -22.72 -36.29
CA VAL C 492 -25.76 -23.98 -36.97
C VAL C 492 -24.89 -25.02 -36.30
N SER C 493 -25.50 -26.09 -35.81
CA SER C 493 -24.74 -27.15 -35.16
C SER C 493 -24.28 -28.16 -36.20
N LEU C 494 -23.11 -28.76 -35.94
CA LEU C 494 -22.58 -29.72 -36.90
C LEU C 494 -23.43 -30.99 -36.92
N GLU C 495 -24.03 -31.35 -35.80
CA GLU C 495 -24.90 -32.52 -35.79
C GLU C 495 -26.16 -32.25 -36.60
N ASP C 496 -26.30 -31.02 -37.10
CA ASP C 496 -27.31 -30.67 -38.08
C ASP C 496 -26.76 -30.64 -39.50
N ILE C 497 -25.44 -30.58 -39.64
CA ILE C 497 -24.82 -30.74 -40.95
C ILE C 497 -24.52 -32.22 -41.23
N LYS C 498 -24.26 -33.00 -40.19
CA LYS C 498 -24.07 -34.42 -40.40
C LYS C 498 -25.34 -35.12 -40.70
N ARG C 499 -26.48 -34.44 -40.74
CA ARG C 499 -27.74 -35.04 -41.12
C ARG C 499 -28.12 -34.74 -42.56
N LEU C 500 -27.44 -33.79 -43.20
CA LEU C 500 -27.63 -33.52 -44.62
C LEU C 500 -26.69 -34.36 -45.48
N THR C 501 -25.81 -35.15 -44.87
CA THR C 501 -24.89 -36.02 -45.59
C THR C 501 -25.12 -37.43 -45.05
N PRO C 502 -26.12 -38.12 -45.57
CA PRO C 502 -26.45 -39.45 -45.04
C PRO C 502 -25.37 -40.47 -45.38
N ARG C 503 -24.81 -41.08 -44.36
CA ARG C 503 -23.63 -41.93 -44.48
C ARG C 503 -23.96 -43.38 -44.81
N PHE C 504 -25.23 -43.77 -44.74
CA PHE C 504 -25.57 -45.19 -44.70
C PHE C 504 -25.75 -45.83 -46.07
N THR C 505 -25.73 -45.05 -47.15
CA THR C 505 -25.63 -45.61 -48.48
C THR C 505 -24.17 -45.73 -48.93
N LEU C 506 -23.24 -45.71 -47.99
CA LEU C 506 -21.82 -45.84 -48.26
C LEU C 506 -21.26 -47.00 -47.45
N CYS C 507 -20.07 -47.44 -47.81
CA CYS C 507 -19.37 -48.41 -46.98
C CYS C 507 -18.92 -47.73 -45.70
N PRO C 508 -18.57 -48.51 -44.68
CA PRO C 508 -18.05 -47.90 -43.44
C PRO C 508 -16.81 -47.05 -43.65
N ASN C 509 -16.03 -47.31 -44.70
CA ASN C 509 -14.84 -46.50 -44.95
C ASN C 509 -15.19 -45.16 -45.56
N GLY C 510 -16.19 -45.11 -46.43
CA GLY C 510 -16.51 -43.86 -47.11
C GLY C 510 -17.09 -42.83 -46.16
N TYR C 511 -16.90 -41.56 -46.49
CA TYR C 511 -17.41 -40.46 -45.70
C TYR C 511 -17.35 -39.17 -46.50
N TYR C 512 -18.14 -38.20 -46.11
CA TYR C 512 -17.99 -36.85 -46.63
C TYR C 512 -16.99 -36.08 -45.78
N PHE C 513 -16.66 -34.89 -46.22
CA PHE C 513 -16.03 -33.89 -45.36
C PHE C 513 -16.07 -32.55 -46.10
N ALA C 514 -15.71 -31.49 -45.38
CA ALA C 514 -15.71 -30.16 -45.94
C ALA C 514 -14.59 -29.38 -45.30
N ILE C 515 -14.13 -28.32 -45.96
CA ILE C 515 -13.06 -27.51 -45.41
C ILE C 515 -13.35 -26.03 -45.63
N ASP C 516 -12.82 -25.20 -44.74
CA ASP C 516 -12.81 -23.75 -44.86
C ASP C 516 -11.95 -23.33 -46.04
N PRO C 517 -11.89 -22.04 -46.38
CA PRO C 517 -10.79 -21.57 -47.21
C PRO C 517 -9.47 -21.47 -46.47
N ASN C 518 -9.45 -21.63 -45.15
CA ASN C 518 -8.22 -21.73 -44.39
C ASN C 518 -7.68 -23.14 -44.32
N GLY C 519 -8.46 -24.12 -44.75
CA GLY C 519 -8.06 -25.51 -44.69
C GLY C 519 -8.67 -26.30 -43.56
N TYR C 520 -9.20 -25.64 -42.54
CA TYR C 520 -9.75 -26.34 -41.40
C TYR C 520 -11.02 -27.09 -41.79
N VAL C 521 -11.18 -28.30 -41.25
CA VAL C 521 -12.29 -29.15 -41.64
C VAL C 521 -13.50 -28.83 -40.77
N LEU C 522 -14.53 -28.29 -41.39
CA LEU C 522 -15.89 -28.49 -40.92
C LEU C 522 -16.35 -29.86 -41.37
N LEU C 523 -17.06 -30.57 -40.50
CA LEU C 523 -17.67 -31.84 -40.90
C LEU C 523 -16.63 -32.86 -41.36
N HIS C 524 -15.86 -33.34 -40.40
CA HIS C 524 -14.99 -34.46 -40.68
C HIS C 524 -15.23 -35.55 -39.64
N PRO C 525 -15.17 -36.83 -40.03
CA PRO C 525 -15.40 -37.90 -39.05
C PRO C 525 -14.32 -38.03 -37.99
N ASN C 526 -13.14 -37.45 -38.21
CA ASN C 526 -12.07 -37.46 -37.22
C ASN C 526 -12.01 -36.16 -36.43
N LEU C 527 -13.14 -35.47 -36.30
CA LEU C 527 -13.20 -34.18 -35.64
C LEU C 527 -13.93 -34.38 -34.31
N GLN C 528 -13.18 -34.70 -33.27
CA GLN C 528 -13.81 -34.97 -31.98
C GLN C 528 -14.28 -33.66 -31.34
N PRO C 529 -15.44 -33.66 -30.72
CA PRO C 529 -16.02 -32.45 -30.11
C PRO C 529 -15.37 -32.10 -28.78
N LYS C 530 -14.08 -31.77 -28.83
CA LYS C 530 -13.35 -31.35 -27.64
C LYS C 530 -12.26 -30.39 -28.09
N PRO C 531 -11.83 -29.48 -27.20
CA PRO C 531 -10.93 -28.41 -27.65
C PRO C 531 -9.64 -28.97 -28.22
N ILE C 532 -9.15 -28.31 -29.27
CA ILE C 532 -7.91 -28.72 -29.89
C ILE C 532 -6.76 -28.49 -28.91
N GLY C 533 -5.72 -29.30 -29.04
CA GLY C 533 -4.61 -29.26 -28.13
C GLY C 533 -3.44 -28.47 -28.69
N VAL C 534 -2.59 -28.01 -27.79
CA VAL C 534 -1.37 -27.31 -28.17
C VAL C 534 -0.32 -27.52 -27.09
N GLY C 535 0.86 -28.02 -27.50
CA GLY C 535 1.97 -28.17 -26.60
C GLY C 535 1.80 -29.22 -25.53
N ILE C 536 2.90 -29.70 -24.96
CA ILE C 536 2.82 -30.57 -23.79
C ILE C 536 2.30 -29.76 -22.61
N PRO C 537 1.41 -30.31 -21.79
CA PRO C 537 0.91 -29.54 -20.65
C PRO C 537 1.97 -29.27 -19.60
N THR C 538 1.59 -28.60 -18.51
CA THR C 538 2.51 -28.19 -17.48
C THR C 538 2.04 -28.71 -16.13
N ILE C 539 2.98 -28.88 -15.21
CA ILE C 539 2.65 -29.24 -13.83
C ILE C 539 2.27 -27.98 -13.07
N ASN C 540 1.14 -28.03 -12.37
CA ASN C 540 0.65 -26.89 -11.60
C ASN C 540 -0.10 -27.35 -10.36
N GLN C 554 -11.12 -19.96 -24.90
CA GLN C 554 -12.23 -19.74 -25.81
C GLN C 554 -11.86 -20.07 -27.24
N GLU C 555 -10.72 -20.73 -27.42
CA GLU C 555 -10.22 -21.02 -28.74
C GLU C 555 -11.15 -21.98 -29.48
N PRO C 556 -11.18 -21.90 -30.80
CA PRO C 556 -12.06 -22.78 -31.58
C PRO C 556 -11.37 -24.08 -31.95
N VAL C 557 -12.19 -25.05 -32.34
CA VAL C 557 -11.74 -26.37 -32.76
C VAL C 557 -11.33 -26.25 -34.22
N THR C 558 -10.04 -26.05 -34.48
CA THR C 558 -9.56 -25.79 -35.83
C THR C 558 -8.56 -26.88 -36.23
N LEU C 559 -9.06 -27.99 -36.76
CA LEU C 559 -8.22 -29.05 -37.28
C LEU C 559 -8.00 -28.83 -38.77
N ASP C 560 -6.75 -28.68 -39.16
CA ASP C 560 -6.45 -28.57 -40.59
C ASP C 560 -6.75 -29.89 -41.27
N PHE C 561 -7.06 -29.83 -42.56
CA PHE C 561 -7.43 -31.05 -43.26
C PHE C 561 -6.27 -32.01 -43.36
N LEU C 562 -5.05 -31.51 -43.41
CA LEU C 562 -3.90 -32.39 -43.50
C LEU C 562 -3.49 -32.96 -42.15
N ASP C 563 -4.10 -32.52 -41.06
CA ASP C 563 -3.79 -33.07 -39.75
C ASP C 563 -4.90 -33.96 -39.21
N ALA C 564 -6.03 -34.05 -39.90
CA ALA C 564 -7.04 -35.04 -39.59
C ALA C 564 -6.87 -36.32 -40.37
N GLU C 565 -6.04 -36.30 -41.42
CA GLU C 565 -5.75 -37.48 -42.22
C GLU C 565 -4.26 -37.54 -42.50
N LEU C 566 -3.78 -38.74 -42.78
CA LEU C 566 -2.37 -38.93 -43.07
C LEU C 566 -1.95 -38.07 -44.24
N GLU C 567 -0.86 -37.31 -44.06
CA GLU C 567 -0.36 -36.46 -45.13
C GLU C 567 0.34 -37.30 -46.19
N ASN C 568 0.11 -36.94 -47.45
CA ASN C 568 0.95 -37.41 -48.55
C ASN C 568 0.87 -36.40 -49.67
N ASP C 569 1.85 -36.44 -50.56
CA ASP C 569 1.99 -35.41 -51.59
C ASP C 569 0.83 -35.40 -52.58
N ILE C 570 -0.17 -36.25 -52.42
CA ILE C 570 -1.35 -36.24 -53.26
C ILE C 570 -2.52 -35.56 -52.55
N LYS C 571 -2.66 -35.77 -51.24
CA LYS C 571 -3.69 -35.08 -50.48
C LYS C 571 -3.37 -33.61 -50.30
N VAL C 572 -2.14 -33.19 -50.58
CA VAL C 572 -1.86 -31.76 -50.67
C VAL C 572 -2.51 -31.17 -51.91
N GLU C 573 -2.42 -31.88 -53.04
CA GLU C 573 -3.08 -31.43 -54.25
C GLU C 573 -4.59 -31.38 -54.08
N ILE C 574 -5.16 -32.36 -53.39
CA ILE C 574 -6.61 -32.35 -53.15
C ILE C 574 -7.00 -31.14 -52.33
N ARG C 575 -6.25 -30.88 -51.24
CA ARG C 575 -6.58 -29.76 -50.40
C ARG C 575 -6.43 -28.44 -51.14
N ASN C 576 -5.32 -28.27 -51.87
CA ASN C 576 -5.09 -27.01 -52.57
C ASN C 576 -6.10 -26.79 -53.70
N LYS C 577 -6.75 -27.84 -54.17
CA LYS C 577 -7.75 -27.69 -55.20
C LYS C 577 -9.15 -27.59 -54.65
N MET C 578 -9.34 -27.83 -53.35
CA MET C 578 -10.61 -27.59 -52.69
C MET C 578 -10.70 -26.20 -52.10
N ILE C 579 -9.54 -25.63 -51.74
CA ILE C 579 -9.50 -24.26 -51.23
C ILE C 579 -9.79 -23.27 -52.35
N ASP C 580 -9.27 -23.53 -53.55
CA ASP C 580 -9.52 -22.65 -54.68
C ASP C 580 -10.94 -22.74 -55.19
N GLY C 581 -11.73 -23.70 -54.72
CA GLY C 581 -13.11 -23.82 -55.12
C GLY C 581 -13.35 -24.66 -56.36
N GLU C 582 -12.32 -25.28 -56.92
CA GLU C 582 -12.50 -26.09 -58.11
C GLU C 582 -13.22 -27.38 -57.78
N SER C 583 -13.90 -27.95 -58.78
CA SER C 583 -14.60 -29.21 -58.65
C SER C 583 -13.96 -30.25 -59.56
N GLY C 584 -13.68 -31.42 -59.02
CA GLY C 584 -13.03 -32.46 -59.79
C GLY C 584 -13.23 -33.85 -59.25
N GLU C 585 -12.17 -34.65 -59.30
CA GLU C 585 -12.15 -36.03 -58.85
C GLU C 585 -10.71 -36.52 -58.94
N LYS C 586 -10.37 -37.50 -58.11
CA LYS C 586 -9.00 -38.01 -58.08
C LYS C 586 -9.00 -39.37 -57.40
N THR C 587 -8.65 -40.41 -58.14
CA THR C 587 -8.55 -41.76 -57.60
C THR C 587 -7.09 -42.14 -57.46
N PHE C 588 -6.71 -42.63 -56.28
CA PHE C 588 -5.33 -42.97 -56.00
C PHE C 588 -5.28 -43.95 -54.86
N ARG C 589 -4.13 -44.57 -54.67
CA ARG C 589 -3.92 -45.50 -53.57
C ARG C 589 -3.27 -44.78 -52.41
N THR C 590 -3.86 -44.92 -51.23
CA THR C 590 -3.44 -44.12 -50.09
C THR C 590 -3.51 -44.94 -48.83
N LEU C 591 -2.72 -44.54 -47.84
CA LEU C 591 -2.75 -45.15 -46.52
C LEU C 591 -3.93 -44.61 -45.74
N VAL C 592 -4.63 -45.48 -45.02
CA VAL C 592 -5.74 -45.06 -44.18
C VAL C 592 -5.54 -45.64 -42.79
N LYS C 593 -5.50 -44.78 -41.79
CA LYS C 593 -5.29 -45.22 -40.43
C LYS C 593 -6.51 -45.98 -39.92
N SER C 594 -6.26 -47.04 -39.17
CA SER C 594 -7.36 -47.80 -38.60
C SER C 594 -8.08 -46.97 -37.53
N GLN C 595 -9.37 -47.27 -37.34
CA GLN C 595 -10.18 -46.47 -36.42
C GLN C 595 -9.66 -46.52 -35.00
N ASP C 596 -8.88 -47.54 -34.63
CA ASP C 596 -8.34 -47.66 -33.29
C ASP C 596 -6.85 -47.36 -33.25
N GLU C 597 -6.37 -46.55 -34.18
CA GLU C 597 -5.01 -46.00 -34.16
C GLU C 597 -3.96 -47.07 -33.90
N ARG C 598 -4.16 -48.26 -34.47
CA ARG C 598 -3.17 -49.32 -34.37
C ARG C 598 -2.70 -49.88 -35.70
N TYR C 599 -3.50 -49.84 -36.75
CA TYR C 599 -3.09 -50.39 -38.02
C TYR C 599 -3.22 -49.34 -39.11
N ILE C 600 -2.45 -49.52 -40.18
CA ILE C 600 -2.54 -48.70 -41.37
C ILE C 600 -2.83 -49.61 -42.55
N ASP C 601 -3.76 -49.19 -43.40
CA ASP C 601 -4.23 -50.00 -44.52
C ASP C 601 -3.93 -49.26 -45.81
N LYS C 602 -3.28 -49.93 -46.74
CA LYS C 602 -3.23 -49.42 -48.10
C LYS C 602 -4.55 -49.69 -48.78
N GLY C 603 -5.07 -48.69 -49.49
CA GLY C 603 -6.35 -48.86 -50.14
C GLY C 603 -6.48 -47.91 -51.32
N ASN C 604 -7.53 -48.12 -52.09
CA ASN C 604 -7.86 -47.25 -53.20
C ASN C 604 -9.03 -46.36 -52.80
N ARG C 605 -8.90 -45.07 -53.06
CA ARG C 605 -9.88 -44.09 -52.64
C ARG C 605 -10.15 -43.14 -53.79
N THR C 606 -11.40 -42.71 -53.93
CA THR C 606 -11.79 -41.78 -54.97
C THR C 606 -12.38 -40.52 -54.33
N TYR C 607 -11.58 -39.46 -54.28
CA TYR C 607 -11.97 -38.21 -53.65
C TYR C 607 -12.72 -37.35 -54.66
N THR C 608 -14.04 -37.31 -54.53
CA THR C 608 -14.83 -36.35 -55.28
C THR C 608 -15.11 -35.14 -54.40
N TRP C 609 -15.13 -33.97 -55.01
CA TRP C 609 -15.38 -32.76 -54.26
C TRP C 609 -15.99 -31.71 -55.18
N THR C 610 -16.64 -30.75 -54.58
CA THR C 610 -17.33 -29.78 -55.34
C THR C 610 -17.63 -28.69 -54.43
N PRO C 611 -17.61 -27.45 -54.91
CA PRO C 611 -17.77 -26.35 -53.99
C PRO C 611 -19.16 -26.27 -53.46
N VAL C 612 -19.44 -25.56 -52.37
CA VAL C 612 -20.79 -25.42 -51.95
C VAL C 612 -21.02 -24.06 -52.39
N ASN C 613 -21.69 -23.89 -53.52
CA ASN C 613 -21.85 -22.59 -54.10
C ASN C 613 -22.34 -21.68 -53.02
N GLY C 614 -22.14 -20.40 -53.16
CA GLY C 614 -22.69 -19.49 -52.18
C GLY C 614 -22.19 -19.49 -50.78
N THR C 615 -20.96 -19.91 -50.58
CA THR C 615 -20.35 -19.92 -49.29
C THR C 615 -18.94 -20.19 -49.61
N ASP C 616 -18.16 -20.49 -48.62
CA ASP C 616 -16.80 -20.73 -48.86
C ASP C 616 -16.53 -22.04 -48.25
N TYR C 617 -17.03 -23.10 -48.82
CA TYR C 617 -16.68 -24.41 -48.31
C TYR C 617 -16.48 -25.33 -49.49
N SER C 618 -15.97 -26.52 -49.22
CA SER C 618 -15.71 -27.50 -50.29
C SER C 618 -16.12 -28.87 -49.78
N LEU C 619 -17.35 -29.26 -50.05
CA LEU C 619 -17.82 -30.57 -49.61
C LEU C 619 -17.19 -31.64 -50.49
N ALA C 620 -16.43 -32.53 -49.88
CA ALA C 620 -15.82 -33.65 -50.58
C ALA C 620 -16.46 -34.95 -50.13
N LEU C 621 -16.22 -36.00 -50.92
CA LEU C 621 -16.77 -37.30 -50.62
C LEU C 621 -15.77 -38.35 -51.05
N VAL C 622 -15.33 -39.18 -50.12
CA VAL C 622 -14.32 -40.21 -50.39
C VAL C 622 -14.98 -41.57 -50.31
N LEU C 623 -14.82 -42.36 -51.37
CA LEU C 623 -15.43 -43.66 -51.45
C LEU C 623 -14.39 -44.73 -51.76
N PRO C 624 -14.41 -45.85 -51.07
CA PRO C 624 -13.65 -47.01 -51.55
C PRO C 624 -14.17 -47.43 -52.92
N THR C 625 -13.25 -47.92 -53.75
CA THR C 625 -13.61 -48.24 -55.13
C THR C 625 -14.67 -49.32 -55.20
N TYR C 626 -14.85 -50.11 -54.15
CA TYR C 626 -15.89 -51.12 -54.11
C TYR C 626 -17.18 -50.62 -53.49
N SER C 627 -17.22 -49.38 -53.03
CA SER C 627 -18.40 -48.80 -52.44
C SER C 627 -19.27 -48.09 -53.46
N PHE C 628 -19.09 -48.39 -54.74
CA PHE C 628 -19.87 -47.77 -55.78
C PHE C 628 -21.24 -48.41 -55.95
N TYR C 629 -21.58 -49.42 -55.15
CA TYR C 629 -22.92 -49.96 -55.14
C TYR C 629 -23.33 -50.29 -53.71
N TYR C 630 -24.62 -50.21 -53.45
CA TYR C 630 -25.19 -50.48 -52.14
C TYR C 630 -26.49 -51.25 -52.32
N ILE C 631 -26.86 -52.02 -51.30
CA ILE C 631 -28.04 -52.87 -51.36
C ILE C 631 -29.20 -52.10 -50.75
N LYS C 632 -30.05 -51.53 -51.59
CA LYS C 632 -31.30 -50.95 -51.11
C LYS C 632 -32.39 -52.02 -51.22
N ALA C 633 -32.98 -52.35 -50.08
CA ALA C 633 -33.92 -53.46 -50.03
C ALA C 633 -35.32 -53.02 -50.43
N LYS C 634 -35.95 -53.81 -51.27
CA LYS C 634 -37.36 -53.64 -51.58
C LYS C 634 -38.15 -54.70 -50.82
N LEU C 635 -39.13 -54.26 -50.05
CA LEU C 635 -39.90 -55.18 -49.21
C LEU C 635 -41.22 -54.52 -48.85
N GLU C 636 -42.32 -55.12 -49.28
CA GLU C 636 -43.65 -54.59 -48.99
C GLU C 636 -44.62 -55.68 -48.58
N GLU C 637 -44.17 -56.93 -48.45
CA GLU C 637 -45.08 -58.05 -48.22
C GLU C 637 -45.67 -58.05 -46.82
N THR C 638 -44.94 -57.49 -45.84
CA THR C 638 -45.33 -57.38 -44.44
C THR C 638 -45.36 -58.76 -43.77
N ILE C 639 -45.17 -59.82 -44.52
CA ILE C 639 -45.06 -61.17 -43.97
C ILE C 639 -43.61 -61.60 -43.84
N THR C 640 -42.81 -61.39 -44.88
CA THR C 640 -41.40 -61.73 -44.81
C THR C 640 -40.70 -60.91 -43.73
N GLN C 641 -41.00 -59.62 -43.64
CA GLN C 641 -40.46 -58.83 -42.53
C GLN C 641 -41.11 -59.17 -41.21
N ALA C 642 -42.32 -59.74 -41.24
CA ALA C 642 -42.97 -60.15 -40.00
C ALA C 642 -42.13 -61.20 -39.27
N ARG C 643 -41.77 -62.28 -39.98
CA ARG C 643 -40.92 -63.30 -39.36
C ARG C 643 -39.52 -62.75 -39.08
N TYR C 644 -39.08 -61.75 -39.85
CA TYR C 644 -37.83 -61.07 -39.52
C TYR C 644 -37.97 -60.31 -38.20
N SER C 645 -39.17 -59.82 -37.90
CA SER C 645 -39.35 -58.97 -36.73
C SER C 645 -39.04 -59.73 -35.45
N GLU C 646 -39.66 -60.90 -35.25
CA GLU C 646 -39.36 -61.65 -34.03
C GLU C 646 -38.03 -62.35 -34.10
N THR C 647 -37.35 -62.32 -35.24
CA THR C 647 -36.08 -63.02 -35.39
C THR C 647 -35.09 -62.57 -34.33
N LEU C 648 -35.04 -61.26 -34.06
CA LEU C 648 -34.07 -60.68 -33.14
C LEU C 648 -34.69 -60.31 -31.80
N LYS C 649 -35.80 -60.94 -31.43
CA LYS C 649 -36.33 -60.77 -30.10
C LYS C 649 -35.33 -61.30 -29.07
N PRO C 650 -35.20 -60.66 -27.92
CA PRO C 650 -34.16 -61.07 -26.96
C PRO C 650 -34.31 -62.50 -26.46
N ASP C 651 -35.51 -63.07 -26.48
CA ASP C 651 -35.72 -64.41 -25.96
C ASP C 651 -35.26 -65.50 -26.93
N ASN C 652 -35.24 -65.22 -28.22
CA ASN C 652 -34.81 -66.19 -29.23
C ASN C 652 -33.30 -66.21 -29.41
N PHE C 653 -32.55 -65.71 -28.43
CA PHE C 653 -31.12 -65.48 -28.60
C PHE C 653 -30.30 -66.76 -28.49
N GLU C 654 -30.77 -67.75 -27.73
CA GLU C 654 -30.01 -68.99 -27.61
C GLU C 654 -29.90 -69.71 -28.95
N GLU C 655 -30.99 -69.76 -29.70
CA GLU C 655 -31.02 -70.46 -30.98
C GLU C 655 -30.80 -69.54 -32.17
N SER C 656 -30.62 -68.25 -31.95
CA SER C 656 -30.38 -67.34 -33.07
C SER C 656 -29.31 -66.29 -32.77
N GLY C 657 -28.36 -66.59 -31.88
CA GLY C 657 -27.27 -65.67 -31.64
C GLY C 657 -27.66 -64.44 -30.84
N TYR C 658 -26.69 -63.83 -30.17
CA TYR C 658 -26.94 -62.64 -29.36
C TYR C 658 -26.83 -61.43 -30.26
N THR C 659 -27.98 -60.84 -30.62
CA THR C 659 -28.09 -59.89 -31.71
C THR C 659 -27.99 -58.46 -31.20
N PHE C 660 -27.25 -57.64 -31.94
CA PHE C 660 -27.18 -56.20 -31.71
C PHE C 660 -27.75 -55.46 -32.90
N ILE C 661 -28.17 -54.21 -32.65
CA ILE C 661 -28.53 -53.28 -33.71
C ILE C 661 -27.78 -51.98 -33.48
N ALA C 662 -27.21 -51.45 -34.55
CA ALA C 662 -26.59 -50.14 -34.48
C ALA C 662 -27.65 -49.09 -34.28
N PRO C 663 -27.54 -48.23 -33.26
CA PRO C 663 -28.52 -47.16 -33.08
C PRO C 663 -28.42 -46.18 -34.22
N ARG C 664 -29.54 -45.96 -34.91
CA ARG C 664 -29.56 -45.09 -36.08
C ARG C 664 -30.80 -44.23 -36.04
N ASP C 665 -30.86 -43.30 -36.98
CA ASP C 665 -31.83 -42.20 -36.94
C ASP C 665 -33.18 -42.70 -37.44
N TYR C 666 -34.13 -42.81 -36.53
CA TYR C 666 -35.53 -42.99 -36.86
C TYR C 666 -36.34 -41.85 -36.27
N CYS C 667 -37.59 -41.72 -36.73
CA CYS C 667 -38.41 -40.55 -36.42
C CYS C 667 -38.53 -40.33 -34.92
N ASN C 668 -38.93 -41.36 -34.18
CA ASN C 668 -39.18 -41.23 -32.76
C ASN C 668 -38.51 -42.29 -31.90
N ASP C 669 -37.91 -43.31 -32.49
CA ASP C 669 -37.22 -44.33 -31.70
C ASP C 669 -36.07 -43.71 -30.92
N LEU C 670 -35.96 -44.09 -29.65
CA LEU C 670 -35.01 -43.46 -28.74
C LEU C 670 -33.66 -44.16 -28.81
N LYS C 671 -32.59 -43.37 -28.93
CA LYS C 671 -31.23 -43.90 -28.96
C LYS C 671 -30.85 -44.41 -27.57
N ILE C 672 -29.81 -45.27 -27.55
CA ILE C 672 -29.42 -45.93 -26.31
C ILE C 672 -29.02 -44.91 -25.25
N SER C 673 -29.01 -45.38 -24.00
CA SER C 673 -28.47 -44.63 -22.87
C SER C 673 -27.06 -45.10 -22.53
N ASP C 674 -26.30 -45.45 -23.57
CA ASP C 674 -25.04 -46.22 -23.64
C ASP C 674 -25.33 -47.71 -23.59
N ASN C 675 -26.59 -48.11 -23.45
CA ASN C 675 -26.97 -49.50 -23.20
C ASN C 675 -27.71 -50.02 -24.43
N ASN C 676 -27.08 -50.94 -25.16
CA ASN C 676 -27.71 -51.45 -26.37
C ASN C 676 -28.98 -52.24 -26.08
N THR C 677 -28.93 -53.12 -25.07
CA THR C 677 -30.04 -54.03 -24.85
C THR C 677 -31.33 -53.30 -24.56
N GLU C 678 -31.25 -52.10 -23.99
CA GLU C 678 -32.45 -51.28 -23.87
C GLU C 678 -32.98 -50.88 -25.24
N PHE C 679 -32.08 -50.50 -26.15
CA PHE C 679 -32.51 -50.08 -27.47
C PHE C 679 -33.11 -51.23 -28.27
N LEU C 680 -32.50 -52.41 -28.18
CA LEU C 680 -33.04 -53.55 -28.91
C LEU C 680 -34.46 -53.85 -28.46
N LEU C 681 -34.72 -53.75 -27.16
CA LEU C 681 -36.09 -53.85 -26.66
C LEU C 681 -36.96 -52.75 -27.25
N ASN C 682 -36.43 -51.52 -27.28
CA ASN C 682 -37.20 -50.39 -27.81
C ASN C 682 -37.56 -50.60 -29.27
N PHE C 683 -36.61 -51.13 -30.06
CA PHE C 683 -36.81 -51.21 -31.50
C PHE C 683 -38.02 -52.05 -31.87
N ASN C 684 -38.29 -53.11 -31.10
CA ASN C 684 -39.33 -54.06 -31.49
C ASN C 684 -40.71 -53.43 -31.50
N GLU C 685 -41.03 -52.59 -30.51
CA GLU C 685 -42.37 -51.98 -30.47
C GLU C 685 -42.60 -51.09 -31.69
N PHE C 686 -41.62 -50.28 -32.05
CA PHE C 686 -41.83 -49.32 -33.13
C PHE C 686 -42.04 -50.01 -34.47
N ILE C 687 -41.42 -51.17 -34.69
CA ILE C 687 -41.75 -51.92 -35.88
C ILE C 687 -43.02 -52.74 -35.65
N ASP C 688 -43.33 -53.08 -34.40
CA ASP C 688 -44.58 -53.77 -34.10
C ASP C 688 -45.78 -52.86 -34.35
N ARG C 689 -45.64 -51.57 -34.05
CA ARG C 689 -46.75 -50.64 -34.23
C ARG C 689 -47.18 -50.55 -35.68
N LYS C 690 -46.21 -50.47 -36.60
CA LYS C 690 -46.52 -50.43 -38.02
C LYS C 690 -45.45 -51.15 -38.83
N ASN C 698 -38.26 -42.90 -40.83
CA ASN C 698 -37.48 -43.37 -41.98
C ASN C 698 -38.09 -44.65 -42.53
N ALA C 699 -37.74 -44.97 -43.78
CA ALA C 699 -38.25 -46.15 -44.45
C ALA C 699 -37.14 -47.12 -44.84
N ASP C 700 -36.08 -46.62 -45.48
CA ASP C 700 -35.04 -47.52 -45.97
C ASP C 700 -34.22 -48.12 -44.84
N LEU C 701 -33.82 -47.30 -43.87
CA LEU C 701 -32.96 -47.80 -42.80
C LEU C 701 -33.64 -48.90 -42.01
N ILE C 702 -34.93 -48.74 -41.72
CA ILE C 702 -35.65 -49.79 -41.03
C ILE C 702 -35.98 -50.95 -41.96
N ASN C 703 -36.08 -50.70 -43.26
CA ASN C 703 -36.28 -51.79 -44.20
C ASN C 703 -35.03 -52.62 -44.40
N ARG C 704 -33.86 -51.98 -44.34
CA ARG C 704 -32.61 -52.70 -44.58
C ARG C 704 -32.20 -53.54 -43.38
N VAL C 705 -32.43 -53.04 -42.16
CA VAL C 705 -32.01 -53.77 -40.97
C VAL C 705 -32.74 -55.10 -40.87
N LEU C 706 -34.02 -55.14 -41.27
CA LEU C 706 -34.76 -56.39 -41.23
C LEU C 706 -34.19 -57.39 -42.23
N LEU C 707 -33.82 -56.93 -43.43
CA LEU C 707 -33.26 -57.83 -44.42
C LEU C 707 -31.96 -58.45 -43.93
N ASP C 708 -31.11 -57.66 -43.28
CA ASP C 708 -29.89 -58.23 -42.70
C ASP C 708 -30.23 -59.23 -41.60
N ALA C 709 -31.22 -58.90 -40.76
CA ALA C 709 -31.56 -59.79 -39.66
C ALA C 709 -31.99 -61.16 -40.17
N GLY C 710 -32.84 -61.19 -41.20
CA GLY C 710 -33.21 -62.46 -41.80
C GLY C 710 -32.05 -63.13 -42.51
N PHE C 711 -31.28 -62.36 -43.27
CA PHE C 711 -30.17 -62.93 -44.01
C PHE C 711 -29.11 -63.48 -43.06
N THR C 712 -28.82 -62.73 -41.99
CA THR C 712 -27.95 -63.25 -40.95
C THR C 712 -28.56 -64.47 -40.26
N ASN C 713 -29.84 -64.38 -39.90
CA ASN C 713 -30.45 -65.48 -39.16
C ASN C 713 -30.42 -66.77 -39.96
N GLU C 714 -30.70 -66.68 -41.26
CA GLU C 714 -30.67 -67.87 -42.10
C GLU C 714 -29.31 -68.55 -42.02
N LEU C 715 -28.24 -67.76 -41.89
CA LEU C 715 -26.92 -68.35 -41.65
C LEU C 715 -26.85 -68.97 -40.27
N VAL C 716 -27.27 -68.23 -39.23
CA VAL C 716 -27.03 -68.71 -37.87
C VAL C 716 -27.97 -69.86 -37.54
N GLN C 717 -28.99 -70.08 -38.36
CA GLN C 717 -29.84 -71.26 -38.18
C GLN C 717 -29.40 -72.42 -39.07
N ASN C 718 -29.01 -72.14 -40.31
CA ASN C 718 -28.63 -73.21 -41.21
C ASN C 718 -27.28 -73.80 -40.84
N TYR C 719 -26.21 -73.02 -40.91
CA TYR C 719 -24.87 -73.56 -40.80
C TYR C 719 -24.26 -73.44 -39.40
N TRP C 720 -24.40 -72.27 -38.77
CA TRP C 720 -23.75 -72.07 -37.48
C TRP C 720 -24.34 -72.96 -36.40
N SER C 721 -25.61 -73.32 -36.53
CA SER C 721 -26.22 -74.16 -35.51
C SER C 721 -25.81 -75.62 -35.67
N LYS C 722 -25.65 -76.09 -36.91
CA LYS C 722 -25.35 -77.50 -37.14
C LYS C 722 -24.02 -77.89 -36.54
N GLN C 723 -22.93 -77.30 -37.02
CA GLN C 723 -21.59 -77.63 -36.54
C GLN C 723 -21.28 -76.84 -35.26
N LYS C 724 -22.13 -77.04 -34.27
CA LYS C 724 -21.99 -76.31 -33.01
C LYS C 724 -20.74 -76.74 -32.27
N ASN C 725 -20.08 -75.76 -31.64
CA ASN C 725 -18.90 -76.00 -30.80
C ASN C 725 -17.77 -76.67 -31.59
N ILE C 726 -17.25 -75.93 -32.57
CA ILE C 726 -16.03 -76.35 -33.22
C ILE C 726 -14.86 -76.13 -32.26
N LYS C 727 -13.84 -76.97 -32.38
CA LYS C 727 -12.81 -77.08 -31.34
C LYS C 727 -12.14 -75.73 -31.06
N GLY C 728 -11.46 -75.18 -32.05
CA GLY C 728 -10.67 -73.98 -31.81
C GLY C 728 -11.48 -72.71 -31.62
N VAL C 729 -12.75 -72.75 -31.92
CA VAL C 729 -13.61 -71.57 -31.89
C VAL C 729 -13.99 -71.24 -30.46
N LYS C 730 -13.91 -69.96 -30.12
CA LYS C 730 -14.49 -69.44 -28.88
C LYS C 730 -15.78 -68.69 -29.11
N ALA C 731 -16.00 -68.14 -30.30
CA ALA C 731 -17.22 -67.45 -30.68
C ALA C 731 -17.21 -67.24 -32.18
N ARG C 732 -18.40 -67.17 -32.77
CA ARG C 732 -18.56 -66.91 -34.19
C ARG C 732 -19.48 -65.70 -34.34
N PHE C 733 -19.04 -64.71 -35.12
CA PHE C 733 -19.74 -63.46 -35.23
C PHE C 733 -19.88 -63.03 -36.68
N VAL C 734 -20.89 -62.20 -36.93
CA VAL C 734 -21.14 -61.61 -38.24
C VAL C 734 -21.57 -60.17 -38.02
N VAL C 735 -21.19 -59.28 -38.93
CA VAL C 735 -21.62 -57.90 -38.91
C VAL C 735 -22.03 -57.50 -40.32
N THR C 736 -23.06 -56.69 -40.44
CA THR C 736 -23.55 -56.24 -41.73
C THR C 736 -23.71 -54.73 -41.72
N ASP C 737 -23.68 -54.12 -42.92
CA ASP C 737 -24.11 -52.74 -43.02
C ASP C 737 -25.63 -52.70 -42.91
N GLY C 738 -26.11 -52.13 -41.82
CA GLY C 738 -27.50 -52.28 -41.43
C GLY C 738 -27.67 -52.62 -39.97
N GLY C 739 -26.59 -52.95 -39.27
CA GLY C 739 -26.63 -53.02 -37.83
C GLY C 739 -26.49 -54.40 -37.24
N ILE C 740 -27.14 -55.39 -37.87
CA ILE C 740 -27.22 -56.72 -37.26
C ILE C 740 -25.83 -57.26 -36.99
N THR C 741 -25.56 -57.56 -35.72
CA THR C 741 -24.32 -58.20 -35.29
C THR C 741 -24.69 -59.36 -34.40
N ARG C 742 -24.30 -60.57 -34.79
CA ARG C 742 -24.74 -61.78 -34.12
C ARG C 742 -23.53 -62.58 -33.64
N VAL C 743 -23.64 -63.14 -32.44
CA VAL C 743 -22.64 -64.07 -31.91
C VAL C 743 -23.36 -65.31 -31.40
N TYR C 744 -22.87 -66.49 -31.80
CA TYR C 744 -23.60 -67.73 -31.49
C TYR C 744 -23.65 -68.08 -30.01
N PRO C 745 -22.52 -68.20 -29.30
CA PRO C 745 -22.58 -68.82 -27.96
C PRO C 745 -23.52 -68.12 -27.00
N LYS C 746 -23.78 -66.82 -27.18
CA LYS C 746 -24.69 -66.04 -26.36
C LYS C 746 -24.11 -65.89 -24.96
N GLU C 747 -22.99 -66.55 -24.71
CA GLU C 747 -22.16 -66.31 -23.54
C GLU C 747 -20.95 -65.45 -23.89
N ALA C 748 -20.35 -65.68 -25.06
CA ALA C 748 -19.31 -64.79 -25.55
C ALA C 748 -19.86 -63.41 -25.87
N GLY C 749 -21.18 -63.30 -26.09
CA GLY C 749 -21.78 -61.99 -26.30
C GLY C 749 -21.47 -61.03 -25.17
N GLU C 750 -21.42 -61.55 -23.94
CA GLU C 750 -20.98 -60.75 -22.81
C GLU C 750 -19.54 -60.28 -22.97
N ASN C 751 -18.78 -60.94 -23.83
CA ASN C 751 -17.38 -60.57 -24.03
C ASN C 751 -17.20 -60.05 -25.45
N TRP C 752 -18.13 -59.23 -25.90
CA TRP C 752 -18.12 -58.63 -27.23
C TRP C 752 -17.85 -57.14 -27.05
N GLN C 753 -16.57 -56.77 -27.10
CA GLN C 753 -16.18 -55.40 -26.79
C GLN C 753 -16.51 -54.42 -27.91
N GLU C 754 -16.53 -54.89 -29.16
CA GLU C 754 -16.76 -54.00 -30.29
C GLU C 754 -18.13 -53.36 -30.19
N ASN C 755 -18.18 -52.05 -30.40
CA ASN C 755 -19.40 -51.30 -30.15
C ASN C 755 -20.51 -51.68 -31.14
N PRO C 756 -21.78 -51.51 -30.75
CA PRO C 756 -22.88 -51.98 -31.60
C PRO C 756 -23.00 -51.26 -32.92
N GLU C 757 -22.44 -50.05 -33.05
CA GLU C 757 -22.49 -49.34 -34.32
C GLU C 757 -21.52 -50.00 -35.28
N THR C 758 -22.04 -50.61 -36.34
CA THR C 758 -21.17 -51.31 -37.29
C THR C 758 -20.24 -50.34 -38.00
N TYR C 759 -20.75 -49.17 -38.36
CA TYR C 759 -19.97 -48.21 -39.13
C TYR C 759 -18.83 -47.59 -38.32
N GLU C 760 -18.62 -48.01 -37.08
CA GLU C 760 -17.49 -47.54 -36.30
C GLU C 760 -16.57 -48.66 -35.84
N ASP C 761 -16.90 -49.91 -36.14
CA ASP C 761 -16.06 -51.03 -35.73
C ASP C 761 -14.73 -50.96 -36.46
N SER C 762 -13.64 -50.97 -35.71
CA SER C 762 -12.32 -50.89 -36.34
C SER C 762 -12.07 -52.08 -37.25
N PHE C 763 -12.38 -53.29 -36.77
CA PHE C 763 -12.14 -54.48 -37.58
C PHE C 763 -13.00 -54.50 -38.83
N TYR C 764 -14.26 -54.06 -38.71
CA TYR C 764 -15.16 -54.09 -39.84
C TYR C 764 -14.66 -53.18 -40.96
N LYS C 765 -14.11 -52.02 -40.60
CA LYS C 765 -13.43 -51.19 -41.60
C LYS C 765 -12.13 -51.83 -42.05
N ARG C 766 -11.37 -52.37 -41.10
CA ARG C 766 -10.08 -52.97 -41.41
C ARG C 766 -10.23 -54.14 -42.37
N SER C 767 -11.12 -55.08 -42.05
CA SER C 767 -11.27 -56.28 -42.85
C SER C 767 -11.98 -56.00 -44.16
N LEU C 768 -12.79 -54.94 -44.20
CA LEU C 768 -13.46 -54.57 -45.44
C LEU C 768 -12.47 -54.12 -46.51
N ASP C 769 -11.27 -53.73 -46.08
CA ASP C 769 -10.32 -53.11 -46.99
C ASP C 769 -9.32 -54.13 -47.55
N ASN C 770 -9.04 -55.19 -46.82
CA ASN C 770 -8.15 -56.24 -47.27
C ASN C 770 -8.92 -57.32 -48.02
N ASP C 771 -8.18 -58.17 -48.73
CA ASP C 771 -8.77 -59.27 -49.48
C ASP C 771 -8.32 -60.61 -48.91
N ASN C 772 -8.23 -60.70 -47.60
CA ASN C 772 -7.82 -61.91 -46.91
C ASN C 772 -8.35 -61.83 -45.48
N TYR C 773 -7.84 -62.69 -44.62
CA TYR C 773 -8.21 -62.65 -43.21
C TYR C 773 -7.34 -61.65 -42.48
N VAL C 774 -7.88 -61.10 -41.40
CA VAL C 774 -7.17 -60.15 -40.57
C VAL C 774 -7.24 -60.61 -39.12
N PHE C 775 -6.16 -60.39 -38.39
CA PHE C 775 -6.08 -60.77 -36.98
C PHE C 775 -5.92 -59.49 -36.17
N THR C 776 -6.89 -59.21 -35.31
CA THR C 776 -6.86 -58.01 -34.48
C THR C 776 -6.46 -58.44 -33.08
N ALA C 777 -5.23 -58.17 -32.71
CA ALA C 777 -4.73 -58.56 -31.41
C ALA C 777 -5.45 -57.75 -30.33
N PRO C 778 -6.09 -58.39 -29.35
CA PRO C 778 -6.68 -57.63 -28.25
C PRO C 778 -5.60 -56.89 -27.49
N TYR C 779 -5.97 -55.74 -26.93
CA TYR C 779 -4.99 -54.93 -26.26
C TYR C 779 -4.42 -55.66 -25.05
N PHE C 780 -3.25 -55.22 -24.63
CA PHE C 780 -2.53 -55.84 -23.54
C PHE C 780 -2.67 -54.99 -22.29
N ASN C 781 -3.05 -55.64 -21.18
CA ASN C 781 -3.19 -54.98 -19.88
C ASN C 781 -4.23 -53.86 -19.93
N LYS C 782 -5.41 -54.20 -20.44
CA LYS C 782 -6.53 -53.26 -20.38
C LYS C 782 -7.16 -53.26 -19.00
N SER C 783 -8.02 -52.26 -18.78
CA SER C 783 -8.82 -52.24 -17.56
C SER C 783 -9.76 -53.44 -17.50
N GLY C 784 -10.39 -53.77 -18.62
CA GLY C 784 -11.25 -54.93 -18.69
C GLY C 784 -10.47 -56.19 -18.95
N PRO C 785 -11.08 -57.34 -18.69
CA PRO C 785 -10.41 -58.61 -18.93
C PRO C 785 -10.56 -59.07 -20.38
N GLY C 786 -9.83 -60.12 -20.70
CA GLY C 786 -9.90 -60.70 -22.03
C GLY C 786 -8.58 -61.34 -22.40
N ALA C 787 -8.50 -61.73 -23.67
CA ALA C 787 -7.31 -62.29 -24.32
C ALA C 787 -7.03 -63.73 -23.90
N TYR C 788 -7.76 -64.22 -22.90
CA TYR C 788 -7.79 -65.64 -22.57
C TYR C 788 -9.20 -66.22 -22.66
N GLU C 789 -10.18 -65.59 -22.02
CA GLU C 789 -11.55 -66.04 -22.10
C GLU C 789 -12.27 -65.53 -23.33
N SER C 790 -11.69 -64.57 -24.04
CA SER C 790 -12.27 -64.04 -25.27
C SER C 790 -11.60 -64.57 -26.52
N GLY C 791 -10.34 -64.93 -26.43
CA GLY C 791 -9.59 -65.36 -27.59
C GLY C 791 -9.06 -64.18 -28.38
N ILE C 792 -8.75 -64.46 -29.64
CA ILE C 792 -8.29 -63.43 -30.56
C ILE C 792 -9.20 -63.45 -31.78
N MET C 793 -9.60 -62.26 -32.20
CA MET C 793 -10.54 -62.12 -33.30
C MET C 793 -9.92 -62.56 -34.61
N VAL C 794 -10.76 -63.09 -35.50
CA VAL C 794 -10.39 -63.36 -36.88
C VAL C 794 -11.56 -62.98 -37.75
N SER C 795 -11.29 -62.30 -38.86
CA SER C 795 -12.34 -61.69 -39.65
C SER C 795 -12.04 -61.86 -41.14
N LYS C 796 -13.11 -61.89 -41.94
CA LYS C 796 -12.96 -61.89 -43.38
C LYS C 796 -14.18 -61.25 -44.01
N ALA C 797 -13.95 -60.44 -45.04
CA ALA C 797 -15.03 -59.79 -45.76
C ALA C 797 -15.85 -60.82 -46.52
N VAL C 798 -17.01 -60.39 -46.99
CA VAL C 798 -17.92 -61.26 -47.72
C VAL C 798 -18.15 -60.59 -49.07
N GLU C 799 -17.38 -60.99 -50.06
CA GLU C 799 -17.44 -60.37 -51.38
C GLU C 799 -18.47 -61.08 -52.25
N ILE C 800 -19.16 -60.31 -53.06
CA ILE C 800 -20.28 -60.80 -53.87
C ILE C 800 -20.23 -60.13 -55.24
N TYR C 801 -20.45 -60.93 -56.28
CA TYR C 801 -20.60 -60.42 -57.63
C TYR C 801 -22.04 -60.72 -58.05
N ILE C 802 -22.96 -59.85 -57.65
CA ILE C 802 -24.38 -60.17 -57.78
C ILE C 802 -24.82 -60.11 -59.23
N GLN C 803 -24.36 -59.10 -59.98
CA GLN C 803 -24.67 -58.96 -61.39
C GLN C 803 -23.43 -58.51 -62.16
N GLY C 804 -22.29 -59.12 -61.84
CA GLY C 804 -21.03 -58.61 -62.33
C GLY C 804 -20.52 -57.40 -61.58
N LYS C 805 -21.15 -57.04 -60.47
CA LYS C 805 -20.79 -55.88 -59.68
C LYS C 805 -20.28 -56.34 -58.33
N LEU C 806 -19.13 -55.80 -57.92
CA LEU C 806 -18.49 -56.23 -56.68
C LEU C 806 -19.10 -55.51 -55.49
N LEU C 807 -19.43 -56.27 -54.45
CA LEU C 807 -19.94 -55.72 -53.20
C LEU C 807 -19.26 -56.42 -52.03
N LYS C 808 -19.17 -55.72 -50.91
CA LYS C 808 -18.67 -56.29 -49.67
C LYS C 808 -19.62 -55.90 -48.54
N PRO C 809 -20.83 -56.46 -48.54
CA PRO C 809 -21.88 -55.98 -47.64
C PRO C 809 -21.98 -56.66 -46.29
N ALA C 810 -21.03 -57.51 -45.92
CA ALA C 810 -21.04 -58.11 -44.60
C ALA C 810 -19.64 -58.60 -44.27
N VAL C 811 -19.41 -58.89 -43.00
CA VAL C 811 -18.13 -59.37 -42.53
C VAL C 811 -18.37 -60.43 -41.46
N VAL C 812 -18.08 -61.68 -41.79
CA VAL C 812 -18.20 -62.79 -40.86
C VAL C 812 -16.83 -63.05 -40.26
N GLY C 813 -16.80 -63.63 -39.07
CA GLY C 813 -15.53 -63.89 -38.43
C GLY C 813 -15.73 -64.62 -37.12
N ILE C 814 -14.63 -65.15 -36.60
CA ILE C 814 -14.63 -65.96 -35.40
C ILE C 814 -13.60 -65.42 -34.43
N LYS C 815 -13.79 -65.73 -33.16
CA LYS C 815 -12.82 -65.38 -32.11
C LYS C 815 -12.10 -66.65 -31.73
N ILE C 816 -10.88 -66.81 -32.24
CA ILE C 816 -10.11 -68.02 -32.00
C ILE C 816 -9.55 -68.01 -30.59
N ASP C 817 -9.80 -69.09 -29.84
CA ASP C 817 -9.19 -69.22 -28.53
C ASP C 817 -7.70 -69.47 -28.67
N VAL C 818 -6.92 -68.81 -27.81
CA VAL C 818 -5.47 -68.91 -27.91
C VAL C 818 -5.00 -70.30 -27.49
N ASN C 819 -5.62 -70.86 -26.44
CA ASN C 819 -5.12 -72.11 -25.87
C ASN C 819 -5.18 -73.25 -26.89
N SER C 820 -6.30 -73.35 -27.61
CA SER C 820 -6.39 -74.37 -28.66
C SER C 820 -5.35 -74.14 -29.73
N TRP C 821 -5.12 -72.87 -30.08
CA TRP C 821 -4.14 -72.54 -31.11
C TRP C 821 -2.71 -72.57 -30.56
N ILE C 822 -2.54 -72.54 -29.24
CA ILE C 822 -1.20 -72.65 -28.66
C ILE C 822 -0.60 -74.01 -28.98
N GLU C 823 -1.37 -75.08 -28.80
CA GLU C 823 -0.84 -76.42 -28.99
C GLU C 823 -0.51 -76.67 -30.46
N ASN C 824 -1.43 -76.33 -31.35
CA ASN C 824 -1.18 -76.52 -32.78
C ASN C 824 0.03 -75.72 -33.24
N PHE C 825 0.32 -74.61 -32.56
CA PHE C 825 1.57 -73.91 -32.77
C PHE C 825 2.74 -74.70 -32.21
N THR C 826 2.61 -75.18 -30.97
CA THR C 826 3.70 -75.88 -30.32
C THR C 826 3.94 -77.25 -30.96
N LYS C 827 2.89 -77.86 -31.51
CA LYS C 827 3.02 -79.16 -32.15
C LYS C 827 4.01 -79.15 -33.31
N THR C 828 4.24 -77.98 -33.90
CA THR C 828 5.19 -77.84 -35.01
C THR C 828 6.59 -78.31 -34.61
N CYS C 850 10.52 -68.57 -31.17
CA CYS C 850 9.49 -68.53 -32.21
C CYS C 850 8.32 -67.68 -31.78
N VAL C 851 7.95 -66.72 -32.63
CA VAL C 851 6.84 -65.81 -32.37
C VAL C 851 6.01 -65.70 -33.64
N ILE C 852 4.69 -65.74 -33.51
CA ILE C 852 3.78 -65.43 -34.59
C ILE C 852 3.31 -63.99 -34.40
N LEU C 853 3.12 -63.26 -35.49
CA LEU C 853 3.05 -61.82 -35.39
C LEU C 853 2.25 -61.27 -36.55
N ASP C 854 1.66 -60.10 -36.33
CA ASP C 854 0.86 -59.42 -37.33
C ASP C 854 1.42 -58.02 -37.57
N ASP C 855 0.97 -57.39 -38.64
CA ASP C 855 1.40 -56.03 -38.91
C ASP C 855 0.94 -55.10 -37.79
N GLY C 856 1.76 -54.12 -37.48
CA GLY C 856 1.61 -53.39 -36.24
C GLY C 856 2.40 -53.97 -35.09
N GLY C 857 3.07 -55.09 -35.29
CA GLY C 857 3.97 -55.64 -34.28
C GLY C 857 3.29 -56.07 -33.00
N PHE C 858 2.14 -56.72 -33.12
CA PHE C 858 1.38 -57.15 -31.95
C PHE C 858 1.54 -58.66 -31.80
N LEU C 859 2.05 -59.08 -30.65
CA LEU C 859 2.27 -60.50 -30.39
C LEU C 859 0.97 -61.24 -30.32
N LEU C 860 0.87 -62.34 -31.06
CA LEU C 860 -0.27 -63.24 -30.92
C LEU C 860 0.11 -64.50 -30.14
N MET C 861 1.18 -65.17 -30.54
CA MET C 861 1.71 -66.27 -29.74
C MET C 861 3.22 -66.27 -29.83
N ALA C 862 3.83 -66.87 -28.80
CA ALA C 862 5.25 -67.17 -28.81
C ALA C 862 5.43 -68.56 -28.21
N ASN C 863 6.38 -69.32 -28.75
CA ASN C 863 6.68 -70.63 -28.17
C ASN C 863 7.05 -70.49 -26.70
N HIS C 864 7.95 -69.57 -26.39
CA HIS C 864 8.20 -69.22 -25.00
C HIS C 864 6.92 -68.67 -24.40
N ASP C 865 6.59 -69.11 -23.19
CA ASP C 865 5.29 -68.81 -22.59
C ASP C 865 5.36 -67.71 -21.53
N ASP C 866 6.46 -66.96 -21.47
CA ASP C 866 6.40 -65.67 -20.79
C ASP C 866 6.02 -64.57 -21.77
N TYR C 867 6.50 -64.67 -23.02
CA TYR C 867 6.04 -63.75 -24.05
C TYR C 867 4.55 -63.90 -24.29
N THR C 868 4.07 -65.15 -24.39
CA THR C 868 2.67 -65.41 -24.67
C THR C 868 1.77 -65.09 -23.48
N ASN C 869 2.34 -64.91 -22.29
CA ASN C 869 1.54 -64.42 -21.16
C ASN C 869 1.09 -63.00 -21.45
N GLN C 870 2.01 -62.14 -21.84
CA GLN C 870 1.69 -60.76 -22.24
C GLN C 870 1.33 -60.74 -23.72
N ILE C 871 0.18 -61.36 -24.02
CA ILE C 871 -0.31 -61.40 -25.38
C ILE C 871 -0.77 -60.00 -25.80
N GLY C 872 -0.64 -59.70 -27.09
CA GLY C 872 -1.13 -58.45 -27.64
C GLY C 872 -0.23 -57.26 -27.41
N ARG C 873 0.80 -57.38 -26.58
CA ARG C 873 1.74 -56.30 -26.39
C ARG C 873 2.49 -56.03 -27.68
N PHE C 874 3.07 -54.83 -27.78
CA PHE C 874 3.78 -54.47 -29.00
C PHE C 874 5.11 -55.19 -29.04
N PHE C 875 5.32 -55.96 -30.11
CA PHE C 875 6.58 -56.67 -30.28
C PHE C 875 7.67 -55.65 -30.60
N GLY C 876 8.48 -55.33 -29.62
CA GLY C 876 9.34 -54.18 -29.65
C GLY C 876 9.37 -53.45 -28.34
N GLU C 877 8.35 -53.67 -27.52
CA GLU C 877 8.46 -53.50 -26.09
C GLU C 877 8.86 -54.83 -25.43
N ILE C 878 8.99 -55.89 -26.23
CA ILE C 878 9.44 -57.20 -25.77
C ILE C 878 10.92 -57.41 -26.04
N ASP C 879 11.32 -57.42 -27.31
CA ASP C 879 12.71 -57.60 -27.71
C ASP C 879 13.10 -56.47 -28.66
N PRO C 880 13.25 -55.26 -28.15
CA PRO C 880 13.43 -54.09 -29.02
C PRO C 880 14.61 -54.22 -29.96
N SER C 881 15.67 -54.91 -29.54
CA SER C 881 16.85 -55.02 -30.39
C SER C 881 16.52 -55.70 -31.71
N LEU C 882 15.64 -56.68 -31.68
CA LEU C 882 15.23 -57.33 -32.93
C LEU C 882 14.45 -56.36 -33.82
N MET C 883 13.42 -55.71 -33.26
CA MET C 883 12.50 -54.95 -34.08
C MET C 883 13.18 -53.77 -34.77
N ARG C 884 13.96 -52.98 -34.04
CA ARG C 884 14.64 -51.86 -34.69
C ARG C 884 15.46 -52.35 -35.86
N HIS C 885 16.12 -53.50 -35.71
CA HIS C 885 16.79 -54.11 -36.85
C HIS C 885 15.76 -54.68 -37.81
N LEU C 886 14.68 -55.26 -37.30
CA LEU C 886 13.68 -55.85 -38.18
C LEU C 886 12.95 -54.78 -38.99
N VAL C 887 12.74 -53.61 -38.41
CA VAL C 887 12.16 -52.50 -39.17
C VAL C 887 13.09 -52.08 -40.30
N ASN C 888 14.40 -52.15 -40.06
CA ASN C 888 15.34 -51.51 -40.97
C ASN C 888 15.68 -52.39 -42.17
N ILE C 889 15.06 -53.56 -42.27
CA ILE C 889 15.22 -54.43 -43.44
C ILE C 889 14.09 -54.20 -44.45
N SER C 890 13.46 -53.03 -44.41
CA SER C 890 12.37 -52.67 -45.32
C SER C 890 11.18 -53.59 -45.15
N VAL C 891 10.96 -54.07 -43.92
CA VAL C 891 9.68 -54.62 -43.50
C VAL C 891 9.30 -53.88 -42.24
N TYR C 892 8.00 -53.81 -41.95
CA TYR C 892 7.48 -53.00 -40.85
C TYR C 892 7.85 -51.53 -41.01
N ALA C 893 7.27 -50.91 -42.04
CA ALA C 893 7.34 -49.46 -42.14
C ALA C 893 6.69 -48.82 -40.92
N PHE C 894 6.81 -47.50 -40.81
CA PHE C 894 6.15 -46.78 -39.73
C PHE C 894 5.82 -45.38 -40.19
N ASN C 895 4.60 -44.94 -39.86
CA ASN C 895 4.18 -43.58 -40.07
C ASN C 895 3.89 -42.93 -38.72
N LYS C 896 4.16 -41.64 -38.65
CA LYS C 896 4.16 -40.92 -37.37
C LYS C 896 3.33 -39.66 -37.53
N SER C 897 2.06 -39.75 -37.19
CA SER C 897 1.15 -38.62 -37.29
C SER C 897 0.86 -38.04 -35.91
N TYR C 898 0.17 -36.91 -35.90
CA TYR C 898 -0.18 -36.22 -34.67
C TYR C 898 -1.69 -36.23 -34.50
N ASP C 899 -2.13 -36.38 -33.25
CA ASP C 899 -3.55 -36.41 -32.91
C ASP C 899 -3.74 -35.22 -32.00
N TYR C 900 -4.14 -34.08 -32.59
CA TYR C 900 -4.19 -32.83 -31.83
C TYR C 900 -5.27 -32.81 -30.78
N GLN C 901 -6.22 -33.74 -30.81
CA GLN C 901 -7.32 -33.75 -29.86
C GLN C 901 -7.18 -34.99 -28.98
N SER C 902 -6.43 -34.85 -27.90
CA SER C 902 -6.26 -35.94 -26.95
C SER C 902 -5.81 -35.33 -25.62
N VAL C 903 -5.93 -36.12 -24.57
CA VAL C 903 -5.76 -35.63 -23.21
C VAL C 903 -4.53 -36.26 -22.57
N CYS C 904 -3.90 -35.50 -21.68
CA CYS C 904 -2.71 -35.94 -20.96
C CYS C 904 -2.86 -35.58 -19.48
N GLU C 905 -2.16 -36.34 -18.64
CA GLU C 905 -2.33 -36.18 -17.19
C GLU C 905 -1.65 -34.92 -16.67
N PRO C 906 -0.35 -34.70 -16.94
CA PRO C 906 0.22 -33.46 -16.37
C PRO C 906 -0.38 -32.20 -16.99
N GLN C 972 -7.35 -31.59 -19.98
CA GLN C 972 -5.97 -31.17 -20.27
C GLN C 972 -5.54 -31.67 -21.64
N SER C 973 -5.83 -30.88 -22.67
CA SER C 973 -5.55 -31.30 -24.03
C SER C 973 -4.05 -31.31 -24.30
N CYS C 974 -3.63 -32.26 -25.13
CA CYS C 974 -2.23 -32.43 -25.47
C CYS C 974 -2.14 -33.06 -26.84
N ILE C 975 -0.98 -32.94 -27.46
CA ILE C 975 -0.75 -33.45 -28.81
C ILE C 975 -0.05 -34.78 -28.66
N THR C 976 -0.83 -35.86 -28.54
CA THR C 976 -0.22 -37.18 -28.59
C THR C 976 0.25 -37.48 -30.01
N GLU C 977 1.33 -38.26 -30.10
CA GLU C 977 1.96 -38.55 -31.38
C GLU C 977 1.86 -40.04 -31.65
N GLN C 978 0.87 -40.43 -32.44
CA GLN C 978 0.66 -41.85 -32.71
C GLN C 978 1.67 -42.36 -33.72
N THR C 979 1.94 -43.66 -33.64
CA THR C 979 2.74 -44.37 -34.63
C THR C 979 2.03 -45.66 -34.98
N GLN C 980 2.15 -46.07 -36.24
CA GLN C 980 1.59 -47.35 -36.68
C GLN C 980 2.58 -48.03 -37.61
N TYR C 981 2.50 -49.35 -37.68
CA TYR C 981 3.44 -50.13 -38.47
C TYR C 981 2.68 -50.99 -39.47
N PHE C 982 3.35 -51.30 -40.58
CA PHE C 982 2.77 -52.12 -41.64
C PHE C 982 3.91 -52.60 -42.53
N PHE C 983 3.63 -53.60 -43.35
CA PHE C 983 4.64 -54.19 -44.22
C PHE C 983 4.97 -53.26 -45.37
N ASP C 984 6.26 -52.99 -45.57
CA ASP C 984 6.69 -52.28 -46.77
C ASP C 984 6.66 -53.19 -48.00
N ASN C 985 7.49 -54.22 -47.99
CA ASN C 985 7.62 -55.11 -49.13
C ASN C 985 6.61 -56.23 -49.05
N ASP C 986 6.18 -56.70 -50.22
CA ASP C 986 5.40 -57.92 -50.34
C ASP C 986 6.28 -59.16 -50.36
N SER C 987 7.57 -59.01 -50.07
CA SER C 987 8.47 -60.16 -49.98
C SER C 987 8.07 -61.03 -48.80
N LYS C 988 8.17 -62.35 -48.99
CA LYS C 988 7.74 -63.31 -47.98
C LYS C 988 8.87 -63.82 -47.11
N SER C 989 10.07 -64.01 -47.67
CA SER C 989 11.15 -64.67 -46.97
C SER C 989 12.12 -63.63 -46.42
N PHE C 990 12.38 -63.70 -45.11
CA PHE C 990 13.31 -62.80 -44.44
C PHE C 990 14.33 -63.61 -43.67
N SER C 991 15.55 -63.08 -43.60
CA SER C 991 16.65 -63.70 -42.88
C SER C 991 17.76 -62.67 -42.73
N GLY C 992 18.51 -62.79 -41.65
CA GLY C 992 19.58 -61.84 -41.40
C GLY C 992 20.35 -62.19 -40.15
N VAL C 993 21.11 -61.20 -39.68
CA VAL C 993 21.99 -61.38 -38.54
C VAL C 993 21.88 -60.16 -37.63
N LEU C 994 21.85 -60.39 -36.32
CA LEU C 994 21.86 -59.33 -35.32
C LEU C 994 23.27 -59.13 -34.79
N ASP C 995 23.56 -57.91 -34.37
CA ASP C 995 24.84 -57.55 -33.75
C ASP C 995 24.60 -56.68 -32.53
N CYS C 996 23.70 -57.12 -31.66
CA CYS C 996 23.28 -56.32 -30.51
C CYS C 996 24.48 -55.89 -29.67
N GLY C 997 25.15 -56.86 -29.06
CA GLY C 997 26.38 -56.55 -28.35
C GLY C 997 27.16 -57.77 -27.92
N ASN C 998 28.44 -57.80 -28.27
CA ASN C 998 29.36 -58.90 -27.93
C ASN C 998 28.75 -60.26 -28.26
N CYS C 999 27.89 -60.32 -29.27
CA CYS C 999 27.16 -61.54 -29.59
C CYS C 999 26.50 -61.33 -30.96
N SER C 1000 25.74 -62.34 -31.37
CA SER C 1000 25.02 -62.29 -32.64
C SER C 1000 23.79 -63.19 -32.56
N ARG C 1001 22.87 -62.97 -33.49
CA ARG C 1001 21.64 -63.76 -33.55
C ARG C 1001 21.23 -63.92 -35.00
N ILE C 1002 20.55 -65.01 -35.30
CA ILE C 1002 20.06 -65.33 -36.63
C ILE C 1002 18.55 -65.44 -36.56
N PHE C 1003 17.86 -64.74 -37.46
CA PHE C 1003 16.41 -64.82 -37.54
C PHE C 1003 15.99 -65.29 -38.94
N HIS C 1004 14.82 -65.88 -39.01
CA HIS C 1004 14.16 -66.16 -40.28
C HIS C 1004 12.71 -65.74 -40.15
N GLY C 1005 12.15 -65.19 -41.22
CA GLY C 1005 10.79 -64.71 -41.18
C GLY C 1005 10.01 -64.97 -42.46
N GLU C 1006 8.81 -65.54 -42.31
CA GLU C 1006 7.97 -65.87 -43.46
C GLU C 1006 6.55 -65.39 -43.21
N LYS C 1007 6.01 -64.65 -44.17
CA LYS C 1007 4.63 -64.20 -44.08
C LYS C 1007 3.68 -65.36 -44.34
N LEU C 1008 2.70 -65.55 -43.46
CA LEU C 1008 1.66 -66.53 -43.71
C LEU C 1008 0.82 -66.04 -44.88
N MET C 1009 0.99 -66.66 -46.04
CA MET C 1009 0.40 -66.16 -47.27
C MET C 1009 -1.12 -66.17 -47.17
N ASN C 1010 -1.74 -65.22 -47.87
CA ASN C 1010 -3.20 -65.04 -47.87
C ASN C 1010 -3.72 -64.80 -46.45
N THR C 1011 -2.95 -64.07 -45.65
CA THR C 1011 -3.29 -63.78 -44.28
C THR C 1011 -2.41 -62.66 -43.75
N ASN C 1012 -3.00 -61.76 -42.96
CA ASN C 1012 -2.27 -60.72 -42.26
C ASN C 1012 -1.54 -61.33 -41.08
N LEU C 1013 -0.35 -61.87 -41.34
CA LEU C 1013 0.45 -62.46 -40.28
C LEU C 1013 1.90 -62.54 -40.76
N ILE C 1014 2.82 -62.53 -39.79
CA ILE C 1014 4.24 -62.75 -40.05
C ILE C 1014 4.77 -63.72 -39.01
N PHE C 1015 5.47 -64.74 -39.47
CA PHE C 1015 6.07 -65.75 -38.59
C PHE C 1015 7.59 -65.61 -38.66
N ILE C 1016 8.19 -65.29 -37.50
CA ILE C 1016 9.63 -65.12 -37.40
C ILE C 1016 10.11 -65.87 -36.17
N MET C 1017 11.31 -66.42 -36.26
CA MET C 1017 12.04 -66.94 -35.11
C MET C 1017 13.46 -66.39 -35.16
N VAL C 1018 14.03 -66.15 -33.99
CA VAL C 1018 15.40 -65.68 -33.88
C VAL C 1018 16.11 -66.57 -32.88
N GLU C 1019 17.43 -66.55 -32.92
CA GLU C 1019 18.21 -67.31 -31.96
C GLU C 1019 17.80 -66.93 -30.54
N SER C 1020 17.64 -67.95 -29.69
CA SER C 1020 17.15 -67.73 -28.34
C SER C 1020 17.95 -66.64 -27.63
N LYS C 1021 17.30 -65.96 -26.70
CA LYS C 1021 17.87 -64.77 -26.09
C LYS C 1021 19.22 -65.09 -25.46
N GLY C 1022 20.20 -64.23 -25.73
CA GLY C 1022 21.54 -64.41 -25.21
C GLY C 1022 22.58 -63.61 -25.97
N THR C 1028 18.12 -53.66 -25.45
CA THR C 1028 18.53 -52.30 -25.12
C THR C 1028 17.31 -51.39 -24.90
N ARG C 1029 17.36 -50.21 -25.53
CA ARG C 1029 16.30 -49.23 -25.37
C ARG C 1029 14.98 -49.76 -25.92
N LEU C 1030 13.89 -49.40 -25.26
CA LEU C 1030 12.57 -49.87 -25.64
C LEU C 1030 12.02 -49.08 -26.82
N LEU C 1031 11.39 -49.79 -27.76
CA LEU C 1031 10.52 -49.14 -28.71
C LEU C 1031 9.11 -49.08 -28.14
N ILE C 1032 8.37 -48.05 -28.54
CA ILE C 1032 7.01 -47.85 -28.08
C ILE C 1032 6.12 -47.63 -29.28
N GLN C 1033 4.89 -48.15 -29.21
CA GLN C 1033 3.89 -47.89 -30.23
C GLN C 1033 2.70 -47.11 -29.71
N ALA C 1034 2.41 -47.18 -28.42
CA ALA C 1034 1.31 -46.40 -27.87
C ALA C 1034 1.59 -44.92 -28.04
N GLU C 1035 0.53 -44.14 -28.17
CA GLU C 1035 0.68 -42.71 -28.38
C GLU C 1035 1.23 -42.05 -27.12
N GLN C 1036 2.33 -41.33 -27.25
CA GLN C 1036 2.97 -40.68 -26.13
C GLN C 1036 2.96 -39.17 -26.33
N THR C 1037 2.81 -38.44 -25.24
CA THR C 1037 2.71 -36.99 -25.31
C THR C 1037 3.94 -36.39 -25.96
N SER C 1038 3.73 -35.37 -26.78
CA SER C 1038 4.83 -34.63 -27.38
C SER C 1038 4.31 -33.27 -27.79
N ASP C 1039 5.18 -32.28 -27.78
CA ASP C 1039 4.82 -31.02 -28.39
C ASP C 1039 4.56 -31.24 -29.87
N GLY C 1040 3.81 -30.34 -30.48
CA GLY C 1040 3.44 -30.48 -31.86
C GLY C 1040 4.64 -30.38 -32.78
N PRO C 1041 4.39 -30.33 -34.09
CA PRO C 1041 5.47 -30.07 -35.02
C PRO C 1041 6.03 -28.69 -34.75
N ASN C 1042 7.32 -28.51 -35.04
CA ASN C 1042 7.99 -27.26 -34.69
C ASN C 1042 7.25 -26.10 -35.30
N PRO C 1043 6.52 -25.31 -34.51
CA PRO C 1043 5.70 -24.23 -35.08
C PRO C 1043 6.53 -23.11 -35.63
N CYS C 1044 7.77 -22.98 -35.16
CA CYS C 1044 8.68 -21.96 -35.64
C CYS C 1044 9.33 -22.35 -36.94
N ASP C 1045 8.96 -23.51 -37.47
CA ASP C 1045 9.48 -24.03 -38.74
C ASP C 1045 8.40 -24.22 -39.79
N MET C 1046 7.19 -24.63 -39.41
CA MET C 1046 6.12 -24.72 -40.39
C MET C 1046 5.71 -23.37 -40.93
N VAL C 1047 6.02 -22.29 -40.20
CA VAL C 1047 5.68 -20.96 -40.69
C VAL C 1047 6.64 -20.50 -41.77
N LYS C 1048 7.84 -21.09 -41.84
CA LYS C 1048 8.77 -20.76 -42.91
C LYS C 1048 8.18 -21.12 -44.27
N GLN C 1049 7.54 -22.29 -44.37
CA GLN C 1049 6.96 -22.79 -45.61
C GLN C 1049 5.54 -23.21 -45.29
N PRO C 1050 4.63 -22.25 -45.15
CA PRO C 1050 3.30 -22.57 -44.61
C PRO C 1050 2.44 -23.31 -45.62
N ARG C 1051 1.32 -23.82 -45.12
CA ARG C 1051 0.35 -24.48 -45.97
C ARG C 1051 -0.35 -23.46 -46.85
N TYR C 1052 -0.98 -23.94 -47.91
CA TYR C 1052 -1.77 -23.06 -48.75
C TYR C 1052 -2.98 -22.56 -47.99
N ARG C 1053 -3.48 -21.41 -48.42
CA ARG C 1053 -4.53 -20.71 -47.69
C ARG C 1053 -5.06 -19.60 -48.58
N LYS C 1054 -6.37 -19.40 -48.54
CA LYS C 1054 -7.00 -18.31 -49.28
C LYS C 1054 -7.86 -17.51 -48.32
N GLY C 1055 -7.47 -16.27 -48.08
CA GLY C 1055 -8.20 -15.43 -47.18
C GLY C 1055 -9.41 -14.82 -47.85
N PRO C 1056 -10.24 -14.17 -47.05
CA PRO C 1056 -11.43 -13.52 -47.61
C PRO C 1056 -11.06 -12.32 -48.45
N ASP C 1057 -12.06 -11.65 -49.01
CA ASP C 1057 -11.80 -10.58 -49.96
C ASP C 1057 -12.69 -9.35 -49.79
N VAL C 1058 -13.48 -9.28 -48.72
CA VAL C 1058 -14.27 -8.08 -48.46
C VAL C 1058 -13.35 -6.90 -48.15
N CYS C 1059 -12.57 -7.00 -47.07
CA CYS C 1059 -11.43 -6.12 -46.82
C CYS C 1059 -11.86 -4.65 -46.78
N PHE C 1060 -12.65 -4.33 -45.76
CA PHE C 1060 -13.19 -2.98 -45.59
C PHE C 1060 -12.27 -2.18 -44.68
N ASP C 1061 -11.50 -1.28 -45.26
CA ASP C 1061 -10.69 -0.35 -44.49
C ASP C 1061 -10.39 0.87 -45.36
N ASN C 1062 -9.80 1.89 -44.72
CA ASN C 1062 -9.30 3.08 -45.41
C ASN C 1062 -10.40 3.77 -46.20
N ASN C 1063 -11.37 4.30 -45.45
CA ASN C 1063 -12.40 5.16 -46.00
C ASN C 1063 -12.13 6.61 -45.62
N VAL C 1064 -12.31 7.51 -46.59
CA VAL C 1064 -11.98 8.92 -46.36
C VAL C 1064 -12.98 9.58 -45.42
N LEU C 1065 -14.27 9.25 -45.56
CA LEU C 1065 -15.31 9.97 -44.84
C LEU C 1065 -15.44 9.47 -43.41
N GLU C 1066 -14.33 9.43 -42.68
CA GLU C 1066 -14.28 8.85 -41.34
C GLU C 1066 -13.84 9.94 -40.37
N ASP C 1067 -14.47 10.00 -39.20
CA ASP C 1067 -14.10 10.99 -38.20
C ASP C 1067 -12.89 10.49 -37.41
N TYR C 1068 -11.73 11.10 -37.64
CA TYR C 1068 -10.53 10.78 -36.88
C TYR C 1068 -10.34 11.70 -35.69
N THR C 1069 -11.43 12.23 -35.13
CA THR C 1069 -11.34 13.14 -34.00
C THR C 1069 -11.53 12.41 -32.67
N ASP C 1070 -11.06 11.17 -32.58
CA ASP C 1070 -11.20 10.35 -31.38
C ASP C 1070 -9.84 9.80 -30.97
N CYS C 1071 -9.57 9.83 -29.67
CA CYS C 1071 -8.25 9.50 -29.14
C CYS C 1071 -8.21 9.59 -27.61
#